data_4PCG
#
_entry.id   4PCG
#
_cell.length_a   183.900
_cell.length_b   89.440
_cell.length_c   125.270
_cell.angle_alpha   90.00
_cell.angle_beta   131.26
_cell.angle_gamma   90.00
#
_symmetry.space_group_name_H-M   'C 1 2 1'
#
loop_
_entity.id
_entity.type
_entity.pdbx_description
1 polymer VP1
2 non-polymer 'THIOCYANATE ION'
3 non-polymer 'SODIUM ION'
4 water water
#
_entity_poly.entity_id   1
_entity_poly.type   'polypeptide(L)'
_entity_poly.pdbx_seq_one_letter_code
;GSHMGGVEVMETVPLSEDTIYKVEAILLPNFASGSNTAVYQSRGAPYTFTDTLDAGSSLCYTLAVVNLPEIPEALCDDTL
LVWEAFRVETELIFTPQLGSAGYIRAQGTPAGVEGSQMYFWACGGSPLDVIGINPDPERMNVAAGLEGPSKENQPSVAGI
KATRKQVTAANFPIEIWSADPTRNENCRYFGRIVGGSVTPPVVSFGNQSTTPLVDENGVGILCLFGAIYLTSADMLGMVG
YAGNPTLSDAYSQQRSVQAAFGRFFRVHFRQRRVKH
;
_entity_poly.pdbx_strand_id   A,B,C,D,E
#
loop_
_chem_comp.id
_chem_comp.type
_chem_comp.name
_chem_comp.formula
NA non-polymer 'SODIUM ION' 'Na 1'
SCN non-polymer 'THIOCYANATE ION' 'C N S -1'
#
# COMPACT_ATOMS: atom_id res chain seq x y z
N VAL A 7 29.30 -23.62 -18.14
CA VAL A 7 29.37 -24.96 -17.48
C VAL A 7 28.03 -25.70 -17.54
N GLU A 8 28.09 -27.04 -17.61
CA GLU A 8 26.90 -27.89 -17.60
C GLU A 8 26.59 -28.31 -16.16
N VAL A 9 25.37 -28.01 -15.70
CA VAL A 9 24.97 -28.26 -14.32
C VAL A 9 24.41 -29.65 -14.14
N MET A 10 24.93 -30.38 -13.15
CA MET A 10 24.47 -31.74 -12.89
CA MET A 10 24.49 -31.75 -12.89
C MET A 10 23.69 -31.82 -11.56
N GLU A 11 23.81 -32.91 -10.82
CA GLU A 11 23.01 -33.09 -9.60
C GLU A 11 23.61 -32.42 -8.37
N THR A 12 22.75 -32.13 -7.40
CA THR A 12 23.21 -31.70 -6.09
C THR A 12 23.85 -32.88 -5.38
N VAL A 13 24.83 -32.59 -4.53
CA VAL A 13 25.46 -33.57 -3.66
C VAL A 13 24.50 -33.80 -2.49
N PRO A 14 24.24 -35.07 -2.13
CA PRO A 14 23.35 -35.30 -0.99
C PRO A 14 23.76 -34.48 0.26
N LEU A 15 22.77 -33.93 0.94
CA LEU A 15 22.98 -33.06 2.08
C LEU A 15 23.57 -33.78 3.30
N SER A 16 24.55 -33.16 3.93
CA SER A 16 25.07 -33.62 5.23
C SER A 16 25.87 -32.48 5.87
N GLU A 17 26.35 -32.70 7.08
CA GLU A 17 27.16 -31.70 7.79
C GLU A 17 28.29 -31.19 6.89
N ASP A 18 28.91 -32.12 6.17
CA ASP A 18 30.07 -31.80 5.34
C ASP A 18 29.75 -31.10 4.02
N THR A 19 28.50 -31.14 3.57
CA THR A 19 28.20 -30.65 2.24
C THR A 19 27.24 -29.46 2.24
N ILE A 20 27.03 -28.85 3.40
CA ILE A 20 26.31 -27.58 3.51
C ILE A 20 27.22 -26.54 4.14
N TYR A 21 26.88 -25.28 3.98
CA TYR A 21 27.64 -24.19 4.57
C TYR A 21 26.71 -22.97 4.69
N LYS A 22 27.08 -22.03 5.54
CA LYS A 22 26.40 -20.74 5.55
C LYS A 22 27.40 -19.62 5.76
N VAL A 23 27.08 -18.48 5.17
CA VAL A 23 27.84 -17.24 5.32
C VAL A 23 26.92 -16.22 5.98
N GLU A 24 27.38 -15.61 7.07
CA GLU A 24 26.72 -14.42 7.60
C GLU A 24 27.60 -13.20 7.44
N ALA A 25 26.99 -12.07 7.10
CA ALA A 25 27.73 -10.81 6.96
C ALA A 25 26.79 -9.66 7.22
N ILE A 26 27.33 -8.54 7.70
CA ILE A 26 26.60 -7.29 7.68
C ILE A 26 27.38 -6.31 6.80
N LEU A 27 26.75 -5.88 5.72
CA LEU A 27 27.35 -4.93 4.82
C LEU A 27 27.05 -3.55 5.37
N LEU A 28 28.07 -2.72 5.47
CA LEU A 28 27.95 -1.43 6.14
C LEU A 28 27.85 -0.31 5.10
N PRO A 29 27.07 0.76 5.41
CA PRO A 29 26.93 1.86 4.45
C PRO A 29 28.26 2.55 4.17
N ASN A 30 28.40 3.00 2.95
CA ASN A 30 29.67 3.42 2.42
C ASN A 30 29.51 4.69 1.57
N PHE A 31 30.04 5.78 2.09
CA PHE A 31 30.12 7.07 1.42
C PHE A 31 31.60 7.30 1.10
N ALA A 32 32.13 6.45 0.23
CA ALA A 32 33.56 6.45 -0.07
C ALA A 32 34.11 7.77 -0.60
N SER A 33 35.40 8.02 -0.33
CA SER A 33 36.08 9.15 -0.98
CA SER A 33 36.14 9.14 -0.92
C SER A 33 37.00 8.70 -2.11
N GLY A 34 37.16 7.39 -2.28
CA GLY A 34 38.03 6.83 -3.33
C GLY A 34 37.75 5.32 -3.44
N SER A 35 38.50 4.65 -4.29
CA SER A 35 38.19 3.27 -4.68
C SER A 35 38.46 2.22 -3.62
N ASN A 36 39.56 2.42 -2.90
CA ASN A 36 40.12 1.39 -2.01
C ASN A 36 39.95 1.77 -0.52
N THR A 37 39.11 2.78 -0.27
CA THR A 37 38.85 3.27 1.07
C THR A 37 37.37 3.57 1.20
N ALA A 38 36.64 2.49 1.49
CA ALA A 38 35.25 2.62 1.92
C ALA A 38 35.22 3.41 3.24
N VAL A 39 34.16 4.18 3.42
CA VAL A 39 34.06 5.02 4.59
C VAL A 39 32.79 4.60 5.25
N TYR A 40 32.89 3.86 6.36
CA TYR A 40 31.65 3.32 6.89
C TYR A 40 31.02 4.34 7.84
N GLN A 41 29.93 4.90 7.38
CA GLN A 41 29.12 5.77 8.19
C GLN A 41 27.72 5.76 7.64
N SER A 42 26.75 5.98 8.51
CA SER A 42 25.36 5.86 8.12
C SER A 42 24.74 7.19 7.64
N ARG A 43 25.43 8.31 7.86
CA ARG A 43 25.05 9.59 7.29
C ARG A 43 26.22 10.16 6.51
N GLY A 44 25.91 10.64 5.32
CA GLY A 44 26.92 11.24 4.49
C GLY A 44 27.34 12.61 4.99
N ALA A 45 28.43 13.13 4.42
CA ALA A 45 28.72 14.55 4.57
C ALA A 45 27.53 15.33 4.01
N PRO A 46 27.38 16.61 4.42
CA PRO A 46 26.27 17.36 3.85
C PRO A 46 26.25 17.34 2.35
N TYR A 47 25.05 17.16 1.82
CA TYR A 47 24.82 17.02 0.40
C TYR A 47 24.61 18.40 -0.19
N THR A 48 25.56 18.89 -0.95
CA THR A 48 25.49 20.25 -1.49
C THR A 48 24.68 20.29 -2.78
N PHE A 49 24.15 21.45 -3.08
CA PHE A 49 23.21 21.57 -4.21
C PHE A 49 23.90 21.97 -5.49
N THR A 50 25.21 21.76 -5.57
CA THR A 50 25.99 22.04 -6.77
C THR A 50 25.62 21.10 -7.92
N ASP A 51 26.22 21.35 -9.07
CA ASP A 51 26.03 20.47 -10.22
C ASP A 51 26.98 19.26 -10.27
N THR A 52 27.52 18.86 -9.13
CA THR A 52 28.52 17.76 -9.08
C THR A 52 28.16 16.82 -7.99
N LEU A 53 28.17 15.52 -8.30
CA LEU A 53 28.01 14.50 -7.29
C LEU A 53 29.34 14.34 -6.60
N ASP A 54 29.36 14.52 -5.28
CA ASP A 54 30.59 14.67 -4.54
C ASP A 54 30.89 13.40 -3.76
N ALA A 55 32.17 13.06 -3.70
CA ALA A 55 32.57 11.93 -2.84
C ALA A 55 32.34 12.38 -1.38
N GLY A 56 31.89 11.45 -0.56
CA GLY A 56 31.61 11.75 0.85
C GLY A 56 30.13 11.99 1.12
N SER A 57 29.41 12.58 0.18
CA SER A 57 27.96 12.91 0.39
C SER A 57 27.03 11.99 -0.41
N SER A 58 27.57 11.24 -1.36
CA SER A 58 26.77 10.38 -2.25
C SER A 58 26.97 8.92 -1.84
N LEU A 59 25.88 8.23 -1.58
CA LEU A 59 25.97 6.85 -1.15
C LEU A 59 26.41 5.95 -2.32
N CYS A 60 27.34 5.04 -2.00
CA CYS A 60 27.87 4.13 -2.98
C CYS A 60 27.43 2.71 -2.63
N TYR A 61 27.47 1.81 -3.59
CA TYR A 61 27.25 0.41 -3.25
C TYR A 61 28.29 -0.05 -2.22
N THR A 62 27.88 -1.00 -1.38
CA THR A 62 28.81 -1.74 -0.52
C THR A 62 28.96 -3.14 -1.11
N LEU A 63 30.18 -3.63 -1.12
CA LEU A 63 30.45 -4.97 -1.63
C LEU A 63 31.20 -5.78 -0.58
N ALA A 64 30.91 -7.08 -0.51
CA ALA A 64 31.71 -7.99 0.29
C ALA A 64 31.91 -9.22 -0.59
N VAL A 65 33.13 -9.68 -0.65
CA VAL A 65 33.46 -10.92 -1.33
C VAL A 65 33.91 -11.87 -0.22
N VAL A 66 33.15 -12.95 -0.03
CA VAL A 66 33.43 -13.85 1.09
C VAL A 66 33.88 -15.19 0.54
N ASN A 67 35.09 -15.59 0.92
CA ASN A 67 35.67 -16.85 0.50
C ASN A 67 34.95 -18.02 1.14
N LEU A 68 34.73 -19.06 0.35
CA LEU A 68 34.07 -20.27 0.81
C LEU A 68 35.11 -21.37 1.01
N PRO A 69 34.79 -22.38 1.82
CA PRO A 69 35.74 -23.44 2.09
C PRO A 69 36.14 -24.23 0.84
N GLU A 70 37.40 -24.64 0.75
CA GLU A 70 37.82 -25.55 -0.30
C GLU A 70 37.05 -26.87 -0.12
N ILE A 71 36.57 -27.45 -1.21
CA ILE A 71 35.88 -28.73 -1.14
C ILE A 71 36.88 -29.83 -1.49
N PRO A 72 37.18 -30.74 -0.55
CA PRO A 72 38.17 -31.76 -0.85
C PRO A 72 37.73 -32.61 -2.05
N GLU A 73 38.70 -33.04 -2.85
CA GLU A 73 38.47 -33.79 -4.10
C GLU A 73 37.40 -33.14 -4.96
N ALA A 74 37.45 -31.80 -5.05
CA ALA A 74 36.49 -31.06 -5.87
C ALA A 74 36.55 -31.44 -7.35
N LEU A 75 37.76 -31.59 -7.91
CA LEU A 75 37.94 -31.90 -9.33
C LEU A 75 37.97 -33.40 -9.59
N CYS A 76 37.19 -33.86 -10.57
CA CYS A 76 37.14 -35.28 -10.99
C CYS A 76 36.79 -35.36 -12.49
N THR A 79 34.19 -33.94 -13.86
CA THR A 79 33.25 -33.16 -13.03
C THR A 79 33.89 -32.47 -11.82
N LEU A 80 33.35 -31.30 -11.46
CA LEU A 80 33.82 -30.49 -10.34
C LEU A 80 32.69 -30.21 -9.35
N LEU A 81 32.99 -30.21 -8.05
CA LEU A 81 32.04 -29.74 -7.03
C LEU A 81 32.26 -28.26 -6.76
N VAL A 82 31.15 -27.51 -6.71
CA VAL A 82 31.16 -26.11 -6.30
C VAL A 82 30.05 -25.87 -5.30
N TRP A 83 30.23 -24.84 -4.49
CA TRP A 83 29.20 -24.39 -3.59
C TRP A 83 28.09 -23.69 -4.38
N GLU A 84 26.85 -23.97 -3.98
CA GLU A 84 25.67 -23.42 -4.60
C GLU A 84 24.83 -22.73 -3.55
N ALA A 85 24.65 -21.43 -3.69
CA ALA A 85 23.78 -20.70 -2.76
C ALA A 85 22.33 -20.84 -3.24
N PHE A 86 21.47 -21.37 -2.38
CA PHE A 86 20.10 -21.70 -2.80
C PHE A 86 19.03 -20.87 -2.08
N ARG A 87 19.40 -20.19 -1.01
CA ARG A 87 18.49 -19.23 -0.39
C ARG A 87 19.26 -18.24 0.48
N VAL A 88 18.62 -17.10 0.75
CA VAL A 88 19.23 -16.04 1.53
C VAL A 88 18.23 -15.37 2.46
N GLU A 89 18.68 -15.06 3.68
CA GLU A 89 17.92 -14.18 4.56
C GLU A 89 18.60 -12.85 4.50
N THR A 90 17.87 -11.76 4.27
CA THR A 90 18.53 -10.47 4.28
C THR A 90 17.61 -9.46 4.93
N GLU A 91 18.17 -8.62 5.79
CA GLU A 91 17.35 -7.73 6.63
C GLU A 91 18.11 -6.46 6.89
N LEU A 92 17.37 -5.35 6.99
CA LEU A 92 18.01 -4.04 7.29
C LEU A 92 18.01 -3.78 8.78
N ILE A 93 19.07 -3.13 9.25
CA ILE A 93 19.24 -2.78 10.65
C ILE A 93 19.09 -1.25 10.74
N PHE A 94 18.09 -0.80 11.49
CA PHE A 94 17.79 0.64 11.62
C PHE A 94 16.98 0.89 12.89
N THR A 95 16.87 2.16 13.27
CA THR A 95 16.09 2.57 14.41
C THR A 95 15.31 3.83 13.97
N PRO A 96 14.20 4.12 14.64
CA PRO A 96 13.46 5.33 14.28
C PRO A 96 14.26 6.58 14.60
N GLN A 97 14.20 7.57 13.70
CA GLN A 97 14.96 8.81 13.85
C GLN A 97 13.96 9.91 14.10
N LEU A 98 14.08 10.55 15.26
CA LEU A 98 13.20 11.63 15.62
C LEU A 98 14.10 12.87 15.69
N GLY A 99 14.50 13.27 16.90
CA GLY A 99 15.31 14.47 17.12
C GLY A 99 16.74 14.34 16.65
N SER A 100 17.19 13.11 16.42
CA SER A 100 18.54 12.88 15.89
C SER A 100 18.74 13.51 14.51
N ALA A 101 17.64 13.76 13.80
CA ALA A 101 17.64 14.31 12.46
C ALA A 101 17.36 15.80 12.40
N GLY A 102 17.29 16.45 13.56
CA GLY A 102 16.93 17.87 13.63
C GLY A 102 15.43 18.07 13.83
N TYR A 103 14.97 19.29 13.68
CA TYR A 103 13.55 19.57 13.87
C TYR A 103 13.05 20.54 12.80
N ILE A 104 11.76 20.52 12.52
CA ILE A 104 11.18 21.46 11.55
C ILE A 104 10.58 22.61 12.32
N ARG A 105 11.23 23.78 12.23
CA ARG A 105 10.82 24.90 13.03
C ARG A 105 9.37 25.27 12.77
N ALA A 106 8.99 25.32 11.49
CA ALA A 106 7.65 25.79 11.11
C ALA A 106 6.53 24.88 11.65
N GLN A 107 6.78 23.58 11.64
CA GLN A 107 5.81 22.60 12.16
C GLN A 107 6.04 22.19 13.61
N GLY A 108 7.03 22.77 14.29
CA GLY A 108 7.29 22.47 15.71
C GLY A 108 7.33 20.99 16.06
N THR A 109 8.06 20.23 15.29
CA THR A 109 8.12 18.76 15.49
C THR A 109 9.46 18.21 15.01
N PRO A 110 9.90 17.03 15.52
CA PRO A 110 11.13 16.42 14.99
C PRO A 110 11.04 16.14 13.51
N ALA A 111 12.17 16.28 12.82
CA ALA A 111 12.19 16.17 11.37
C ALA A 111 12.10 14.73 10.89
N GLY A 112 12.76 13.83 11.59
CA GLY A 112 12.88 12.46 11.12
C GLY A 112 13.64 12.30 9.82
N VAL A 113 13.59 11.10 9.26
CA VAL A 113 14.18 10.82 7.96
C VAL A 113 13.08 10.80 6.89
N GLU A 114 13.33 11.52 5.81
CA GLU A 114 12.41 11.51 4.66
C GLU A 114 13.12 11.97 3.38
N GLY A 115 12.57 11.56 2.23
CA GLY A 115 13.16 11.86 0.94
C GLY A 115 13.24 10.66 0.04
N SER A 116 14.05 10.77 -1.00
CA SER A 116 14.14 9.67 -1.99
C SER A 116 14.92 8.51 -1.41
N GLN A 117 14.61 7.29 -1.87
CA GLN A 117 15.08 6.10 -1.26
C GLN A 117 15.52 5.09 -2.31
N MET A 118 16.41 4.20 -1.89
CA MET A 118 16.75 3.01 -2.62
C MET A 118 17.07 1.90 -1.62
N TYR A 119 16.49 0.74 -1.88
CA TYR A 119 16.70 -0.48 -1.14
C TYR A 119 17.17 -1.53 -2.17
N PHE A 120 18.34 -2.11 -1.97
CA PHE A 120 18.94 -2.97 -2.97
C PHE A 120 19.82 -4.03 -2.33
N TRP A 121 19.68 -5.26 -2.80
CA TRP A 121 20.62 -6.33 -2.47
C TRP A 121 20.86 -7.22 -3.68
N ALA A 122 22.04 -7.81 -3.71
CA ALA A 122 22.44 -8.78 -4.73
C ALA A 122 23.31 -9.85 -4.11
N CYS A 123 23.12 -11.06 -4.63
CA CYS A 123 23.95 -12.24 -4.28
CA CYS A 123 23.91 -12.23 -4.26
C CYS A 123 24.36 -12.87 -5.59
N GLY A 124 25.66 -13.07 -5.78
CA GLY A 124 26.15 -13.64 -7.05
C GLY A 124 27.46 -14.37 -6.96
N GLY A 125 27.81 -15.06 -8.05
CA GLY A 125 29.05 -15.79 -8.15
C GLY A 125 30.18 -14.96 -8.72
N SER A 126 29.91 -13.69 -9.01
CA SER A 126 30.92 -12.78 -9.57
C SER A 126 30.36 -11.38 -9.30
N PRO A 127 31.17 -10.34 -9.48
CA PRO A 127 30.69 -8.98 -9.14
C PRO A 127 29.45 -8.56 -9.91
N LEU A 128 28.69 -7.65 -9.32
CA LEU A 128 27.47 -7.13 -9.93
C LEU A 128 27.74 -6.35 -11.20
N ASP A 129 27.03 -6.68 -12.27
CA ASP A 129 27.12 -5.94 -13.51
C ASP A 129 26.22 -4.73 -13.42
N VAL A 130 26.77 -3.57 -13.78
CA VAL A 130 26.02 -2.29 -13.73
C VAL A 130 26.15 -1.46 -15.00
N ILE A 131 25.18 -0.55 -15.18
CA ILE A 131 25.13 0.39 -16.28
C ILE A 131 25.26 1.77 -15.63
N GLY A 132 26.15 2.62 -16.13
CA GLY A 132 26.31 3.95 -15.55
C GLY A 132 25.81 5.04 -16.46
N ILE A 133 24.92 5.87 -15.95
CA ILE A 133 24.25 6.87 -16.75
C ILE A 133 24.24 8.17 -15.96
N ASN A 134 24.70 9.23 -16.60
CA ASN A 134 24.54 10.58 -16.10
C ASN A 134 23.17 11.10 -16.51
N PRO A 135 22.32 11.43 -15.52
CA PRO A 135 20.94 11.81 -15.82
C PRO A 135 20.76 13.18 -16.46
N ASP A 136 21.78 14.04 -16.39
CA ASP A 136 21.66 15.43 -16.89
C ASP A 136 23.05 15.86 -17.33
N PRO A 137 23.58 15.23 -18.39
CA PRO A 137 24.99 15.39 -18.68
C PRO A 137 25.38 16.80 -19.15
N GLU A 138 24.42 17.60 -19.59
CA GLU A 138 24.75 19.00 -19.94
C GLU A 138 25.13 19.79 -18.70
N ARG A 139 24.66 19.36 -17.53
CA ARG A 139 24.83 20.13 -16.31
C ARG A 139 25.52 19.41 -15.16
N MET A 140 25.42 18.08 -15.09
CA MET A 140 25.86 17.39 -13.90
C MET A 140 27.19 16.75 -14.15
N ASN A 141 28.07 16.80 -13.15
CA ASN A 141 29.38 16.15 -13.18
C ASN A 141 29.46 15.12 -12.06
N VAL A 142 30.37 14.15 -12.23
CA VAL A 142 30.67 13.19 -11.17
C VAL A 142 32.09 13.50 -10.67
N ALA A 143 32.25 13.67 -9.37
CA ALA A 143 33.57 14.02 -8.79
C ALA A 143 34.61 12.95 -9.13
N ALA A 144 35.87 13.37 -9.20
CA ALA A 144 36.96 12.51 -9.68
C ALA A 144 37.22 11.28 -8.80
N GLY A 145 36.85 11.35 -7.52
CA GLY A 145 36.99 10.20 -6.64
C GLY A 145 36.01 9.06 -6.84
N LEU A 146 34.96 9.30 -7.62
CA LEU A 146 33.90 8.33 -7.88
C LEU A 146 33.95 7.81 -9.31
N GLU A 147 33.51 6.56 -9.49
CA GLU A 147 33.30 6.00 -10.82
C GLU A 147 32.12 6.70 -11.49
N GLY A 148 32.37 7.22 -12.67
CA GLY A 148 31.31 7.89 -13.45
C GLY A 148 31.26 7.28 -14.83
N PRO A 149 30.24 7.65 -15.61
CA PRO A 149 30.21 7.11 -16.97
C PRO A 149 31.36 7.63 -17.82
N SER A 150 31.70 6.90 -18.87
CA SER A 150 32.68 7.40 -19.80
C SER A 150 32.09 8.60 -20.56
N LYS A 151 32.96 9.49 -21.00
CA LYS A 151 32.55 10.73 -21.66
C LYS A 151 32.60 10.52 -23.18
N GLU A 152 31.60 9.83 -23.73
CA GLU A 152 31.62 9.51 -25.16
C GLU A 152 30.42 10.08 -25.89
N ASN A 153 29.88 11.17 -25.35
CA ASN A 153 28.70 11.85 -25.91
C ASN A 153 27.49 10.93 -26.10
N GLN A 154 27.41 9.86 -25.34
CA GLN A 154 26.25 8.97 -25.40
C GLN A 154 25.03 9.64 -24.78
N PRO A 155 23.84 9.37 -25.33
CA PRO A 155 22.62 9.88 -24.66
C PRO A 155 22.41 9.22 -23.32
N SER A 156 21.59 9.86 -22.48
CA SER A 156 21.38 9.42 -21.09
CA SER A 156 21.32 9.48 -21.09
C SER A 156 20.32 8.32 -20.99
N VAL A 157 20.55 7.26 -21.73
CA VAL A 157 19.65 6.13 -21.73
C VAL A 157 20.48 4.85 -21.63
N ALA A 158 19.79 3.74 -21.37
CA ALA A 158 20.46 2.44 -21.19
C ALA A 158 20.65 1.70 -22.51
N GLY A 159 21.25 2.35 -23.49
CA GLY A 159 21.46 1.76 -24.82
C GLY A 159 22.83 1.11 -24.91
N ILE A 160 23.17 0.65 -26.11
CA ILE A 160 24.43 -0.10 -26.28
C ILE A 160 25.68 0.75 -26.07
N LYS A 161 25.55 2.07 -26.12
CA LYS A 161 26.68 2.98 -25.83
C LYS A 161 26.83 3.33 -24.35
N ALA A 162 25.88 2.90 -23.50
CA ALA A 162 25.97 3.22 -22.09
C ALA A 162 27.15 2.51 -21.44
N THR A 163 27.77 3.16 -20.46
CA THR A 163 28.95 2.59 -19.81
C THR A 163 28.59 1.36 -18.98
N ARG A 164 29.28 0.25 -19.24
CA ARG A 164 29.03 -0.97 -18.50
C ARG A 164 30.29 -1.40 -17.79
N LYS A 165 30.14 -1.75 -16.51
CA LYS A 165 31.21 -2.41 -15.80
C LYS A 165 30.68 -3.13 -14.59
N GLN A 166 31.58 -3.63 -13.75
CA GLN A 166 31.20 -4.40 -12.60
C GLN A 166 31.55 -3.68 -11.33
N VAL A 167 30.75 -3.86 -10.28
CA VAL A 167 31.00 -3.22 -8.99
C VAL A 167 32.07 -3.99 -8.23
N THR A 168 33.31 -3.51 -8.34
CA THR A 168 34.46 -4.19 -7.79
C THR A 168 35.23 -3.32 -6.79
N ALA A 169 34.70 -2.16 -6.46
CA ALA A 169 35.35 -1.27 -5.50
C ALA A 169 34.29 -0.47 -4.76
N ALA A 170 34.76 0.38 -3.87
CA ALA A 170 33.93 1.13 -2.92
C ALA A 170 33.31 2.43 -3.47
N ASN A 171 33.66 2.82 -4.69
CA ASN A 171 33.29 4.17 -5.17
C ASN A 171 32.31 4.20 -6.36
N PHE A 172 31.34 3.30 -6.37
CA PHE A 172 30.25 3.32 -7.35
C PHE A 172 28.99 3.95 -6.76
N PRO A 173 28.73 5.24 -7.08
CA PRO A 173 27.56 5.91 -6.52
C PRO A 173 26.24 5.39 -7.07
N ILE A 174 25.27 5.19 -6.19
CA ILE A 174 23.96 4.74 -6.60
C ILE A 174 23.19 5.76 -7.44
N GLU A 175 23.62 7.03 -7.42
CA GLU A 175 22.98 8.03 -8.24
C GLU A 175 23.40 7.98 -9.71
N ILE A 176 24.34 7.07 -10.00
CA ILE A 176 24.85 6.82 -11.34
C ILE A 176 24.67 5.39 -11.83
N TRP A 177 24.94 4.39 -10.99
CA TRP A 177 25.05 2.99 -11.43
C TRP A 177 23.84 2.11 -11.08
N SER A 178 23.20 1.54 -12.10
CA SER A 178 22.05 0.65 -11.96
CA SER A 178 22.08 0.63 -11.88
C SER A 178 22.42 -0.77 -12.36
N ALA A 179 21.83 -1.75 -11.69
CA ALA A 179 22.03 -3.15 -12.04
C ALA A 179 21.68 -3.38 -13.51
N ASP A 180 22.47 -4.21 -14.19
CA ASP A 180 22.33 -4.46 -15.60
C ASP A 180 21.52 -5.74 -15.84
N PRO A 181 20.26 -5.62 -16.29
CA PRO A 181 19.46 -6.82 -16.54
C PRO A 181 19.87 -7.62 -17.76
N THR A 182 20.77 -7.09 -18.59
CA THR A 182 21.27 -7.85 -19.74
C THR A 182 22.43 -8.78 -19.34
N ARG A 183 22.92 -8.63 -18.11
CA ARG A 183 24.03 -9.43 -17.63
C ARG A 183 23.59 -10.09 -16.31
N ASN A 184 24.46 -10.16 -15.31
CA ASN A 184 24.11 -10.74 -14.00
C ASN A 184 23.55 -12.15 -14.08
N GLU A 185 24.10 -12.94 -14.97
CA GLU A 185 23.54 -14.26 -15.20
C GLU A 185 23.58 -15.21 -14.01
N ASN A 186 24.58 -15.09 -13.16
CA ASN A 186 24.74 -16.05 -12.05
C ASN A 186 24.64 -15.25 -10.75
N CYS A 187 23.56 -14.47 -10.66
CA CYS A 187 23.34 -13.50 -9.61
C CYS A 187 21.85 -13.27 -9.50
N ARG A 188 21.38 -13.07 -8.29
CA ARG A 188 20.02 -12.63 -8.07
C ARG A 188 20.08 -11.28 -7.39
N TYR A 189 19.23 -10.35 -7.83
CA TYR A 189 19.19 -9.04 -7.20
C TYR A 189 17.76 -8.52 -7.15
N PHE A 190 17.54 -7.60 -6.22
CA PHE A 190 16.25 -6.98 -6.04
C PHE A 190 16.48 -5.54 -5.59
N GLY A 191 15.83 -4.63 -6.27
CA GLY A 191 15.89 -3.20 -5.95
C GLY A 191 14.52 -2.53 -5.88
N ARG A 192 14.44 -1.46 -5.09
CA ARG A 192 13.26 -0.64 -5.06
C ARG A 192 13.73 0.80 -4.89
N ILE A 193 13.30 1.67 -5.79
CA ILE A 193 13.61 3.10 -5.73
C ILE A 193 12.33 3.86 -5.47
N VAL A 194 12.40 4.83 -4.57
CA VAL A 194 11.28 5.67 -4.22
C VAL A 194 11.72 7.12 -4.45
N GLY A 195 10.93 7.86 -5.21
CA GLY A 195 11.23 9.25 -5.52
C GLY A 195 10.65 10.19 -4.47
N GLY A 196 10.53 11.48 -4.83
CA GLY A 196 9.92 12.47 -4.00
C GLY A 196 10.89 13.16 -3.05
N SER A 197 10.62 14.43 -2.75
CA SER A 197 11.55 15.21 -1.95
C SER A 197 11.48 14.91 -0.46
N VAL A 198 10.31 14.50 0.03
CA VAL A 198 10.09 14.28 1.47
C VAL A 198 9.36 12.98 1.79
N THR A 199 9.55 11.98 0.96
CA THR A 199 8.79 10.74 1.10
C THR A 199 9.23 9.95 2.34
N PRO A 200 8.25 9.53 3.18
CA PRO A 200 8.62 8.70 4.34
C PRO A 200 9.19 7.34 3.93
N PRO A 201 10.33 6.94 4.52
CA PRO A 201 10.72 5.55 4.30
C PRO A 201 9.93 4.54 5.17
N VAL A 202 9.91 3.31 4.73
CA VAL A 202 9.31 2.22 5.50
C VAL A 202 10.32 1.08 5.48
N VAL A 203 10.73 0.63 6.66
CA VAL A 203 11.71 -0.45 6.80
C VAL A 203 11.07 -1.57 7.66
N SER A 204 10.83 -2.73 7.05
CA SER A 204 10.26 -3.86 7.73
C SER A 204 11.40 -4.83 7.91
N PHE A 205 11.45 -5.49 9.06
CA PHE A 205 12.55 -6.39 9.35
C PHE A 205 12.08 -7.46 10.31
N GLY A 206 12.80 -8.57 10.33
CA GLY A 206 12.47 -9.65 11.23
C GLY A 206 13.48 -10.73 11.07
N ASN A 207 13.24 -11.87 11.70
CA ASN A 207 14.19 -12.97 11.51
C ASN A 207 13.52 -14.26 11.10
N GLN A 208 12.38 -14.13 10.41
CA GLN A 208 11.63 -15.31 9.99
C GLN A 208 11.56 -15.48 8.47
N SER A 209 11.98 -14.48 7.70
CA SER A 209 11.78 -14.53 6.25
CA SER A 209 11.78 -14.50 6.25
C SER A 209 13.03 -15.02 5.53
N THR A 210 12.82 -15.74 4.44
CA THR A 210 13.90 -16.25 3.63
C THR A 210 13.50 -16.12 2.15
N THR A 211 14.46 -15.87 1.29
CA THR A 211 14.23 -15.68 -0.12
C THR A 211 14.96 -16.76 -0.93
N PRO A 212 14.24 -17.47 -1.79
CA PRO A 212 14.96 -18.48 -2.60
C PRO A 212 15.81 -17.85 -3.67
N LEU A 213 16.89 -18.52 -4.03
CA LEU A 213 17.82 -18.04 -5.07
C LEU A 213 17.84 -18.98 -6.28
N VAL A 214 17.00 -20.01 -6.26
CA VAL A 214 17.00 -20.99 -7.35
C VAL A 214 16.18 -20.51 -8.54
N ASP A 215 16.64 -20.79 -9.74
CA ASP A 215 15.90 -20.49 -10.98
C ASP A 215 14.83 -21.55 -11.26
N GLU A 216 14.22 -21.46 -12.44
CA GLU A 216 13.15 -22.38 -12.84
CA GLU A 216 13.16 -22.36 -12.86
C GLU A 216 13.62 -23.82 -12.91
N ASN A 217 14.92 -24.05 -13.12
CA ASN A 217 15.51 -25.38 -13.13
C ASN A 217 16.01 -25.88 -11.77
N GLY A 218 15.80 -25.11 -10.72
CA GLY A 218 16.24 -25.50 -9.38
C GLY A 218 17.69 -25.12 -9.09
N VAL A 219 18.31 -24.30 -9.96
CA VAL A 219 19.73 -23.99 -9.83
C VAL A 219 19.92 -22.63 -9.19
N GLY A 220 20.69 -22.60 -8.12
CA GLY A 220 20.97 -21.38 -7.40
C GLY A 220 22.24 -20.72 -7.95
N ILE A 221 22.93 -19.98 -7.08
CA ILE A 221 24.12 -19.24 -7.46
C ILE A 221 25.32 -20.17 -7.35
N LEU A 222 25.99 -20.40 -8.46
CA LEU A 222 27.10 -21.34 -8.50
C LEU A 222 28.40 -20.58 -8.26
N CYS A 223 29.11 -20.89 -7.17
CA CYS A 223 30.24 -20.05 -6.75
C CYS A 223 31.53 -20.54 -7.38
N LEU A 224 31.58 -20.35 -8.69
CA LEU A 224 32.64 -20.91 -9.53
C LEU A 224 34.03 -20.31 -9.23
N PHE A 225 34.03 -19.08 -8.72
CA PHE A 225 35.28 -18.38 -8.37
C PHE A 225 35.68 -18.61 -6.92
N GLY A 226 34.91 -19.44 -6.20
CA GLY A 226 35.30 -19.85 -4.84
C GLY A 226 34.85 -18.89 -3.75
N ALA A 227 34.00 -17.93 -4.11
CA ALA A 227 33.49 -16.93 -3.18
C ALA A 227 32.03 -16.57 -3.47
N ILE A 228 31.36 -15.99 -2.47
CA ILE A 228 30.05 -15.38 -2.69
C ILE A 228 30.25 -13.88 -2.71
N TYR A 229 29.59 -13.23 -3.66
CA TYR A 229 29.64 -11.80 -3.82
C TYR A 229 28.35 -11.19 -3.37
N LEU A 230 28.45 -10.31 -2.36
CA LEU A 230 27.31 -9.65 -1.79
C LEU A 230 27.42 -8.17 -2.09
N THR A 231 26.33 -7.56 -2.56
CA THR A 231 26.33 -6.13 -2.91
C THR A 231 25.06 -5.52 -2.37
N SER A 232 25.15 -4.32 -1.80
CA SER A 232 23.97 -3.69 -1.27
C SER A 232 24.00 -2.17 -1.35
N ALA A 233 22.83 -1.57 -1.30
CA ALA A 233 22.73 -0.11 -1.11
C ALA A 233 21.39 0.21 -0.53
N ASP A 234 21.37 0.94 0.58
CA ASP A 234 20.11 1.23 1.31
C ASP A 234 20.06 2.67 1.80
N MET A 235 19.47 3.50 0.96
CA MET A 235 19.30 4.93 1.26
C MET A 235 17.87 5.15 1.71
N LEU A 236 17.72 5.75 2.90
CA LEU A 236 16.39 5.90 3.54
C LEU A 236 15.79 7.29 3.42
N GLY A 237 16.59 8.26 3.01
CA GLY A 237 16.14 9.62 2.85
C GLY A 237 17.23 10.59 3.29
N MET A 238 16.81 11.79 3.67
CA MET A 238 17.66 12.89 4.13
CA MET A 238 17.72 12.77 4.20
C MET A 238 17.35 13.24 5.59
N VAL A 239 18.35 13.81 6.26
CA VAL A 239 18.22 14.22 7.64
C VAL A 239 19.02 15.50 7.89
N GLY A 240 18.70 16.19 8.97
CA GLY A 240 19.47 17.34 9.44
C GLY A 240 20.41 16.94 10.57
N TYR A 241 20.86 17.96 11.29
CA TYR A 241 21.79 17.79 12.43
C TYR A 241 20.94 17.77 13.70
N ALA A 242 21.19 16.81 14.59
CA ALA A 242 20.53 16.81 15.90
C ALA A 242 20.64 18.16 16.62
N GLY A 243 19.52 18.64 17.15
CA GLY A 243 19.43 19.90 17.88
C GLY A 243 19.27 21.15 17.03
N ASN A 244 19.24 20.99 15.70
CA ASN A 244 19.19 22.11 14.76
C ASN A 244 17.93 22.05 13.90
N PRO A 245 17.46 23.20 13.40
CA PRO A 245 16.38 23.18 12.41
C PRO A 245 16.87 22.55 11.12
N THR A 246 15.93 22.02 10.35
CA THR A 246 16.22 21.49 9.03
C THR A 246 14.97 21.67 8.14
N LEU A 247 15.08 21.27 6.88
CA LEU A 247 13.99 21.45 5.90
C LEU A 247 13.66 22.91 5.67
N SER A 248 14.73 23.70 5.58
CA SER A 248 14.63 25.12 5.29
C SER A 248 15.88 25.56 4.50
N ASP A 249 15.73 26.66 3.77
CA ASP A 249 16.85 27.25 3.01
C ASP A 249 18.02 27.55 3.94
N ALA A 250 17.71 28.19 5.06
CA ALA A 250 18.73 28.60 6.02
C ALA A 250 19.60 27.44 6.53
N TYR A 251 19.08 26.19 6.52
CA TYR A 251 19.88 25.06 7.01
C TYR A 251 20.15 23.99 5.95
N SER A 252 20.07 24.38 4.68
CA SER A 252 20.32 23.44 3.59
C SER A 252 21.77 22.93 3.62
N GLN A 253 22.69 23.79 4.03
CA GLN A 253 24.11 23.38 4.15
C GLN A 253 24.35 22.17 5.08
N GLN A 254 23.36 21.76 5.87
CA GLN A 254 23.55 20.67 6.81
C GLN A 254 22.76 19.40 6.44
N ARG A 255 22.04 19.44 5.34
CA ARG A 255 21.18 18.32 4.98
C ARG A 255 22.00 17.15 4.40
N SER A 256 21.87 15.95 4.97
CA SER A 256 22.70 14.79 4.62
CA SER A 256 22.70 14.81 4.55
C SER A 256 21.87 13.56 4.29
N VAL A 257 22.42 12.67 3.49
CA VAL A 257 21.78 11.41 3.17
C VAL A 257 21.88 10.48 4.36
N GLN A 258 20.76 9.84 4.71
CA GLN A 258 20.67 8.79 5.74
C GLN A 258 20.59 7.42 5.08
N ALA A 259 21.49 6.55 5.48
CA ALA A 259 21.46 5.14 5.09
C ALA A 259 21.06 4.26 6.27
N ALA A 260 20.74 3.01 6.00
CA ALA A 260 20.57 2.05 7.08
C ALA A 260 21.92 1.80 7.78
N PHE A 261 21.85 1.28 8.99
CA PHE A 261 23.06 1.00 9.77
C PHE A 261 23.82 -0.21 9.25
N GLY A 262 23.12 -1.06 8.51
CA GLY A 262 23.73 -2.24 7.93
C GLY A 262 22.67 -3.06 7.24
N ARG A 263 23.11 -3.91 6.31
CA ARG A 263 22.28 -4.94 5.76
C ARG A 263 22.88 -6.31 6.11
N PHE A 264 22.10 -7.09 6.85
CA PHE A 264 22.46 -8.45 7.20
C PHE A 264 22.16 -9.37 6.05
N PHE A 265 23.09 -10.29 5.80
CA PHE A 265 22.89 -11.44 4.91
C PHE A 265 23.23 -12.75 5.66
N ARG A 266 22.38 -13.76 5.50
CA ARG A 266 22.72 -15.14 5.82
C ARG A 266 22.45 -15.95 4.56
N VAL A 267 23.50 -16.44 3.94
CA VAL A 267 23.41 -17.20 2.69
C VAL A 267 23.63 -18.66 2.97
N HIS A 268 22.73 -19.51 2.45
CA HIS A 268 22.83 -20.94 2.68
C HIS A 268 23.30 -21.66 1.42
N PHE A 269 24.22 -22.60 1.60
CA PHE A 269 24.83 -23.32 0.50
C PHE A 269 24.68 -24.81 0.61
N ARG A 270 24.62 -25.45 -0.56
CA ARG A 270 24.82 -26.85 -0.71
C ARG A 270 25.90 -27.06 -1.78
N GLN A 271 26.20 -28.32 -2.11
CA GLN A 271 27.18 -28.58 -3.15
C GLN A 271 26.51 -29.07 -4.43
N ARG A 272 27.04 -28.61 -5.56
CA ARG A 272 26.52 -28.94 -6.87
C ARG A 272 27.67 -29.46 -7.75
N ARG A 273 27.40 -30.53 -8.49
CA ARG A 273 28.35 -31.06 -9.45
C ARG A 273 28.14 -30.38 -10.81
N VAL A 274 29.23 -29.90 -11.41
CA VAL A 274 29.19 -29.29 -12.76
C VAL A 274 30.32 -29.88 -13.61
N LYS A 275 30.52 -29.34 -14.82
CA LYS A 275 31.62 -29.76 -15.71
C LYS A 275 31.94 -28.75 -16.81
N VAL B 7 21.34 -27.54 22.18
CA VAL B 7 20.75 -28.87 22.51
C VAL B 7 20.26 -29.60 21.26
N GLU B 8 20.12 -30.92 21.38
CA GLU B 8 19.56 -31.73 20.31
C GLU B 8 18.06 -31.86 20.50
N VAL B 9 17.28 -31.42 19.51
CA VAL B 9 15.82 -31.42 19.59
C VAL B 9 15.22 -32.73 19.09
N MET B 10 14.35 -33.33 19.90
CA MET B 10 13.71 -34.59 19.57
CA MET B 10 13.70 -34.58 19.55
C MET B 10 12.21 -34.35 19.30
N GLU B 11 11.35 -35.28 19.65
CA GLU B 11 9.93 -35.18 19.30
C GLU B 11 9.11 -34.36 20.29
N THR B 12 8.00 -33.80 19.79
CA THR B 12 7.02 -33.17 20.66
C THR B 12 6.32 -34.24 21.49
N VAL B 13 5.82 -33.84 22.66
CA VAL B 13 5.08 -34.71 23.54
C VAL B 13 3.65 -34.66 23.06
N PRO B 14 2.99 -35.83 22.98
CA PRO B 14 1.60 -35.82 22.55
C PRO B 14 0.75 -34.79 23.30
N LEU B 15 -0.06 -34.05 22.55
CA LEU B 15 -0.90 -33.00 23.09
C LEU B 15 -1.94 -33.59 24.03
N SER B 16 -2.13 -32.92 25.16
CA SER B 16 -3.21 -33.25 26.09
C SER B 16 -3.35 -32.05 27.01
N GLU B 17 -4.34 -32.09 27.90
CA GLU B 17 -4.55 -30.97 28.83
C GLU B 17 -3.29 -30.64 29.63
N ASP B 18 -2.56 -31.67 30.06
CA ASP B 18 -1.39 -31.48 30.91
C ASP B 18 -0.10 -31.09 30.18
N THR B 19 -0.08 -31.17 28.86
CA THR B 19 1.14 -30.91 28.09
C THR B 19 1.04 -29.70 27.17
N ILE B 20 0.00 -28.89 27.37
CA ILE B 20 -0.11 -27.61 26.70
C ILE B 20 -0.25 -26.51 27.75
N TYR B 21 0.01 -25.27 27.33
CA TYR B 21 -0.07 -24.12 28.20
C TYR B 21 -0.25 -22.89 27.34
N LYS B 22 -0.74 -21.81 27.93
CA LYS B 22 -0.71 -20.53 27.30
C LYS B 22 -0.38 -19.43 28.30
N VAL B 23 0.27 -18.40 27.79
CA VAL B 23 0.59 -17.19 28.55
C VAL B 23 -0.15 -16.04 27.85
N GLU B 24 -0.85 -15.25 28.65
CA GLU B 24 -1.40 -13.99 28.20
C GLU B 24 -0.76 -12.83 28.94
N ALA B 25 -0.47 -11.76 28.22
CA ALA B 25 0.10 -10.56 28.84
C ALA B 25 -0.23 -9.35 28.01
N ILE B 26 -0.29 -8.19 28.65
CA ILE B 26 -0.32 -6.92 27.92
C ILE B 26 0.90 -6.14 28.35
N LEU B 27 1.81 -5.91 27.41
CA LEU B 27 3.02 -5.17 27.65
C LEU B 27 2.63 -3.70 27.52
N LEU B 28 2.99 -2.89 28.50
CA LEU B 28 2.54 -1.50 28.59
C LEU B 28 3.67 -0.56 28.16
N PRO B 29 3.32 0.57 27.51
CA PRO B 29 4.35 1.48 27.04
C PRO B 29 5.18 2.05 28.20
N ASN B 30 6.47 2.27 27.93
CA ASN B 30 7.42 2.57 28.97
C ASN B 30 8.38 3.68 28.52
N PHE B 31 8.30 4.81 29.20
CA PHE B 31 9.20 5.97 29.05
C PHE B 31 10.02 6.09 30.34
N ALA B 32 10.81 5.05 30.62
CA ALA B 32 11.57 4.97 31.87
C ALA B 32 12.48 6.14 32.12
N SER B 33 12.76 6.44 33.39
CA SER B 33 13.79 7.40 33.75
C SER B 33 15.03 6.71 34.30
N GLY B 34 15.01 5.37 34.36
CA GLY B 34 16.13 4.60 34.91
C GLY B 34 15.90 3.10 34.63
N SER B 35 16.80 2.27 35.12
CA SER B 35 16.83 0.84 34.70
C SER B 35 15.76 -0.04 35.34
N ASN B 36 15.49 0.22 36.62
CA ASN B 36 14.68 -0.67 37.44
C ASN B 36 13.30 -0.08 37.70
N THR B 37 12.99 1.03 37.01
CA THR B 37 11.77 1.79 37.21
C THR B 37 11.13 2.15 35.86
N ALA B 38 10.43 1.16 35.31
CA ALA B 38 9.61 1.39 34.13
C ALA B 38 8.52 2.41 34.49
N VAL B 39 8.17 3.25 33.53
CA VAL B 39 7.16 4.28 33.80
C VAL B 39 6.06 4.06 32.80
N TYR B 40 4.92 3.52 33.27
CA TYR B 40 3.93 3.14 32.26
C TYR B 40 3.02 4.29 31.96
N GLN B 41 3.16 4.80 30.75
CA GLN B 41 2.33 5.89 30.27
C GLN B 41 2.36 5.85 28.76
N SER B 42 1.25 6.24 28.14
CA SER B 42 1.15 6.12 26.68
C SER B 42 1.62 7.36 25.93
N ARG B 43 1.82 8.48 26.64
CA ARG B 43 2.46 9.68 26.05
C ARG B 43 3.67 10.03 26.89
N GLY B 44 4.78 10.32 26.22
CA GLY B 44 5.97 10.72 26.93
C GLY B 44 5.85 12.14 27.46
N ALA B 45 6.84 12.53 28.27
CA ALA B 45 7.05 13.93 28.57
C ALA B 45 7.36 14.65 27.25
N PRO B 46 7.13 15.97 27.20
CA PRO B 46 7.44 16.71 25.98
C PRO B 46 8.84 16.44 25.42
N TYR B 47 8.89 16.25 24.12
CA TYR B 47 10.12 15.83 23.44
C TYR B 47 10.88 17.08 23.05
N THR B 48 11.95 17.37 23.76
CA THR B 48 12.71 18.63 23.45
C THR B 48 13.61 18.46 22.24
N PHE B 49 13.97 19.58 21.63
CA PHE B 49 14.69 19.54 20.37
C PHE B 49 16.19 19.73 20.56
N THR B 50 16.69 19.33 21.73
CA THR B 50 18.10 19.44 22.06
C THR B 50 18.91 18.35 21.39
N ASP B 51 20.22 18.38 21.63
CA ASP B 51 21.10 17.36 21.10
C ASP B 51 21.19 16.09 21.98
N THR B 52 20.23 15.90 22.90
CA THR B 52 20.31 14.82 23.89
C THR B 52 19.00 14.10 23.92
N LEU B 53 19.06 12.77 23.84
CA LEU B 53 17.90 11.93 24.03
C LEU B 53 17.65 11.80 25.52
N ASP B 54 16.46 12.20 25.95
CA ASP B 54 16.18 12.44 27.36
C ASP B 54 15.36 11.30 27.91
N ALA B 55 15.65 10.94 29.15
CA ALA B 55 14.81 9.96 29.84
C ALA B 55 13.45 10.62 30.08
N GLY B 56 12.37 9.86 29.89
CA GLY B 56 11.03 10.36 30.16
C GLY B 56 10.30 10.74 28.89
N SER B 57 11.04 11.14 27.85
CA SER B 57 10.44 11.55 26.58
C SER B 57 10.73 10.58 25.44
N SER B 58 11.71 9.70 25.63
CA SER B 58 12.08 8.72 24.59
C SER B 58 11.48 7.36 24.98
N LEU B 59 10.77 6.76 24.04
CA LEU B 59 10.15 5.48 24.25
C LEU B 59 11.24 4.39 24.37
N CYS B 60 11.10 3.52 25.37
CA CYS B 60 12.02 2.40 25.55
C CYS B 60 11.29 1.10 25.27
N TYR B 61 12.03 0.05 25.01
CA TYR B 61 11.40 -1.26 24.91
C TYR B 61 10.71 -1.60 26.22
N THR B 62 9.60 -2.31 26.12
CA THR B 62 8.97 -2.94 27.26
C THR B 62 9.32 -4.41 27.27
N LEU B 63 9.65 -4.94 28.45
CA LEU B 63 9.98 -6.36 28.58
C LEU B 63 9.10 -7.04 29.63
N ALA B 64 8.75 -8.30 29.38
CA ALA B 64 8.08 -9.11 30.37
C ALA B 64 8.76 -10.46 30.33
N VAL B 65 9.09 -10.99 31.49
CA VAL B 65 9.63 -12.33 31.56
C VAL B 65 8.62 -13.10 32.38
N VAL B 66 8.00 -14.09 31.76
CA VAL B 66 6.93 -14.82 32.41
C VAL B 66 7.33 -16.25 32.67
N ASN B 67 7.34 -16.65 33.93
CA ASN B 67 7.73 -17.99 34.33
C ASN B 67 6.69 -19.00 33.90
N LEU B 68 7.14 -20.14 33.46
CA LEU B 68 6.29 -21.22 33.03
C LEU B 68 6.24 -22.30 34.10
N PRO B 69 5.18 -23.12 34.11
CA PRO B 69 5.07 -24.14 35.14
C PRO B 69 6.17 -25.22 35.07
N GLU B 70 6.61 -25.69 36.22
CA GLU B 70 7.47 -26.86 36.28
C GLU B 70 6.81 -28.03 35.60
N ILE B 71 7.58 -28.77 34.82
CA ILE B 71 7.08 -29.99 34.20
C ILE B 71 7.48 -31.18 35.08
N PRO B 72 6.48 -31.92 35.62
CA PRO B 72 6.75 -33.14 36.38
C PRO B 72 7.67 -34.13 35.65
N GLU B 73 8.63 -34.71 36.37
CA GLU B 73 9.64 -35.63 35.81
C GLU B 73 10.31 -35.09 34.54
N ALA B 74 10.52 -33.78 34.47
CA ALA B 74 11.07 -33.13 33.28
C ALA B 74 12.41 -33.75 32.83
N LEU B 75 13.30 -34.04 33.79
CA LEU B 75 14.57 -34.71 33.52
C LEU B 75 14.44 -36.22 33.72
N CYS B 76 14.75 -36.99 32.69
CA CYS B 76 14.63 -38.44 32.73
C CYS B 76 15.61 -39.08 31.76
N ASP B 77 16.42 -40.01 32.25
CA ASP B 77 17.49 -40.60 31.46
C ASP B 77 18.37 -39.45 30.92
N ASP B 78 18.65 -39.46 29.62
CA ASP B 78 19.46 -38.40 29.01
C ASP B 78 18.58 -37.37 28.29
N THR B 79 17.29 -37.30 28.62
CA THR B 79 16.41 -36.33 27.99
C THR B 79 15.67 -35.44 29.01
N LEU B 80 15.14 -34.34 28.49
CA LEU B 80 14.55 -33.30 29.30
C LEU B 80 13.34 -32.78 28.52
N LEU B 81 12.23 -32.56 29.22
CA LEU B 81 11.08 -31.90 28.61
C LEU B 81 11.15 -30.42 28.87
N VAL B 82 10.87 -29.63 27.84
CA VAL B 82 10.78 -28.19 27.98
C VAL B 82 9.56 -27.67 27.27
N TRP B 83 9.11 -26.49 27.68
CA TRP B 83 8.01 -25.85 27.01
C TRP B 83 8.50 -25.27 25.69
N GLU B 84 7.69 -25.44 24.63
CA GLU B 84 8.00 -24.92 23.32
C GLU B 84 6.87 -24.01 22.91
N ALA B 85 7.16 -22.75 22.68
CA ALA B 85 6.17 -21.82 22.14
C ALA B 85 6.10 -22.00 20.63
N PHE B 86 4.93 -22.32 20.10
CA PHE B 86 4.84 -22.62 18.66
C PHE B 86 4.00 -21.66 17.85
N ARG B 87 3.19 -20.82 18.52
CA ARG B 87 2.47 -19.73 17.86
C ARG B 87 2.09 -18.66 18.86
N VAL B 88 1.82 -17.47 18.33
CA VAL B 88 1.50 -16.31 19.15
C VAL B 88 0.44 -15.46 18.45
N GLU B 89 -0.49 -14.96 19.25
CA GLU B 89 -1.40 -13.92 18.79
C GLU B 89 -0.91 -12.65 19.45
N THR B 90 -0.70 -11.59 18.68
CA THR B 90 -0.29 -10.34 19.29
C THR B 90 -1.03 -9.20 18.58
N GLU B 91 -1.48 -8.23 19.35
CA GLU B 91 -2.36 -7.18 18.84
C GLU B 91 -2.14 -5.91 19.64
N LEU B 92 -2.23 -4.77 18.96
CA LEU B 92 -2.10 -3.48 19.58
C LEU B 92 -3.44 -2.96 20.05
N ILE B 93 -3.42 -2.29 21.20
CA ILE B 93 -4.59 -1.69 21.81
C ILE B 93 -4.48 -0.17 21.67
N PHE B 94 -5.41 0.43 20.95
CA PHE B 94 -5.37 1.87 20.68
C PHE B 94 -6.75 2.36 20.33
N THR B 95 -6.95 3.69 20.36
CA THR B 95 -8.16 4.36 19.93
C THR B 95 -7.77 5.55 19.03
N PRO B 96 -8.66 5.98 18.13
CA PRO B 96 -8.35 7.16 17.32
C PRO B 96 -8.19 8.40 18.18
N GLN B 97 -7.17 9.20 17.86
CA GLN B 97 -6.91 10.44 18.54
C GLN B 97 -7.31 11.61 17.64
N LEU B 98 -8.24 12.42 18.11
CA LEU B 98 -8.63 13.64 17.39
CA LEU B 98 -8.65 13.63 17.40
C LEU B 98 -8.19 14.82 18.26
N GLY B 99 -9.11 15.44 18.97
CA GLY B 99 -8.84 16.64 19.79
C GLY B 99 -8.00 16.34 21.02
N SER B 100 -7.90 15.08 21.41
CA SER B 100 -7.02 14.67 22.51
C SER B 100 -5.56 15.04 22.25
N ALA B 101 -5.23 15.25 20.98
CA ALA B 101 -3.84 15.52 20.55
C ALA B 101 -3.61 17.00 20.23
N GLY B 102 -4.61 17.82 20.50
CA GLY B 102 -4.56 19.27 20.22
C GLY B 102 -5.17 19.57 18.87
N TYR B 103 -4.97 20.78 18.39
CA TYR B 103 -5.50 21.16 17.08
C TYR B 103 -4.47 21.94 16.25
N ILE B 104 -4.65 21.93 14.93
CA ILE B 104 -3.77 22.67 14.05
C ILE B 104 -4.49 23.96 13.71
N ARG B 105 -3.99 25.06 14.27
CA ARG B 105 -4.69 26.31 14.14
C ARG B 105 -4.82 26.71 12.67
N ALA B 106 -3.75 26.55 11.90
CA ALA B 106 -3.74 27.03 10.52
C ALA B 106 -4.77 26.30 9.67
N GLN B 107 -5.00 25.02 9.97
CA GLN B 107 -5.92 24.21 9.19
C GLN B 107 -7.29 24.00 9.85
N GLY B 108 -7.54 24.65 10.98
CA GLY B 108 -8.85 24.56 11.65
C GLY B 108 -9.37 23.13 11.88
N THR B 109 -8.50 22.25 12.32
CA THR B 109 -8.86 20.82 12.46
C THR B 109 -8.10 20.13 13.60
N PRO B 110 -8.66 19.05 14.17
CA PRO B 110 -7.90 18.30 15.15
C PRO B 110 -6.58 17.78 14.61
N ALA B 111 -5.56 17.72 15.46
CA ALA B 111 -4.22 17.38 15.01
C ALA B 111 -4.04 15.89 14.77
N GLY B 112 -4.68 15.08 15.61
CA GLY B 112 -4.43 13.66 15.64
C GLY B 112 -2.99 13.26 15.97
N VAL B 113 -2.71 12.01 15.73
CA VAL B 113 -1.35 11.51 15.90
C VAL B 113 -0.72 11.33 14.53
N GLU B 114 0.51 11.83 14.41
CA GLU B 114 1.27 11.65 13.18
C GLU B 114 2.75 11.82 13.43
N GLY B 115 3.55 11.18 12.58
CA GLY B 115 5.00 11.28 12.70
C GLY B 115 5.66 9.94 12.48
N SER B 116 6.93 9.86 12.88
CA SER B 116 7.69 8.62 12.71
C SER B 116 7.21 7.55 13.68
N GLN B 117 7.30 6.29 13.25
CA GLN B 117 6.67 5.18 13.96
C GLN B 117 7.59 3.99 14.07
N MET B 118 7.30 3.15 15.04
CA MET B 118 7.93 1.83 15.15
C MET B 118 6.95 0.86 15.75
N TYR B 119 6.78 -0.30 15.12
CA TYR B 119 5.91 -1.37 15.62
C TYR B 119 6.82 -2.59 15.76
N PHE B 120 6.89 -3.19 16.94
CA PHE B 120 7.87 -4.24 17.19
C PHE B 120 7.37 -5.21 18.24
N TRP B 121 7.55 -6.49 17.97
CA TRP B 121 7.36 -7.50 18.98
C TRP B 121 8.42 -8.59 18.84
N ALA B 122 8.73 -9.19 19.97
CA ALA B 122 9.61 -10.34 20.03
C ALA B 122 9.14 -11.31 21.09
N CYS B 123 9.37 -12.60 20.79
CA CYS B 123 9.11 -13.72 21.71
CA CYS B 123 9.08 -13.69 21.68
C CYS B 123 10.30 -14.60 21.68
N GLY B 124 10.89 -14.89 22.85
CA GLY B 124 12.08 -15.72 22.90
C GLY B 124 12.31 -16.49 24.17
N GLY B 125 13.35 -17.34 24.14
CA GLY B 125 13.72 -18.14 25.26
C GLY B 125 14.78 -17.48 26.13
N SER B 126 15.21 -16.30 25.72
CA SER B 126 16.17 -15.52 26.50
C SER B 126 15.98 -14.07 26.04
N PRO B 127 16.60 -13.11 26.75
CA PRO B 127 16.37 -11.71 26.36
C PRO B 127 16.76 -11.37 24.91
N LEU B 128 16.10 -10.35 24.38
CA LEU B 128 16.34 -9.86 23.04
C LEU B 128 17.75 -9.32 22.91
N ASP B 129 18.49 -9.82 21.93
CA ASP B 129 19.81 -9.28 21.61
C ASP B 129 19.64 -8.03 20.76
N VAL B 130 20.34 -6.96 21.15
CA VAL B 130 20.24 -5.67 20.42
C VAL B 130 21.62 -5.07 20.11
N ILE B 131 21.63 -4.14 19.16
CA ILE B 131 22.81 -3.43 18.74
C ILE B 131 22.48 -1.95 19.01
N GLY B 132 23.38 -1.25 19.67
CA GLY B 132 23.15 0.16 20.03
C GLY B 132 24.02 1.07 19.21
N ILE B 133 23.40 1.99 18.49
CA ILE B 133 24.11 2.89 17.59
C ILE B 133 23.64 4.32 17.77
N ASN B 134 24.60 5.22 17.95
CA ASN B 134 24.34 6.65 17.97
C ASN B 134 24.34 7.14 16.54
N PRO B 135 23.19 7.65 16.06
CA PRO B 135 23.07 8.01 14.65
C PRO B 135 23.85 9.26 14.25
N ASP B 136 24.27 10.06 15.22
CA ASP B 136 24.96 11.34 14.91
C ASP B 136 25.92 11.62 16.06
N PRO B 137 26.97 10.81 16.19
CA PRO B 137 27.73 10.83 17.44
C PRO B 137 28.56 12.10 17.66
N GLU B 138 28.77 12.91 16.63
CA GLU B 138 29.46 14.18 16.82
C GLU B 138 28.57 15.20 17.55
N ARG B 139 27.26 15.04 17.46
CA ARG B 139 26.31 15.99 18.01
C ARG B 139 25.33 15.43 19.02
N MET B 140 25.04 14.14 18.98
CA MET B 140 23.93 13.65 19.79
C MET B 140 24.44 12.92 21.02
N ASN B 141 23.77 13.14 22.15
CA ASN B 141 24.10 12.48 23.40
C ASN B 141 22.90 11.66 23.86
N VAL B 142 23.16 10.66 24.69
CA VAL B 142 22.10 9.88 25.32
C VAL B 142 22.15 10.20 26.80
N ALA B 143 21.02 10.58 27.37
CA ALA B 143 20.97 10.96 28.76
C ALA B 143 21.44 9.81 29.68
N ALA B 144 22.00 10.19 30.84
CA ALA B 144 22.69 9.24 31.74
C ALA B 144 21.78 8.13 32.26
N GLY B 145 20.49 8.42 32.38
CA GLY B 145 19.52 7.43 32.81
C GLY B 145 19.17 6.32 31.83
N LEU B 146 19.56 6.48 30.57
CA LEU B 146 19.28 5.52 29.54
C LEU B 146 20.53 4.75 29.10
N GLU B 147 20.33 3.52 28.69
CA GLU B 147 21.39 2.72 28.06
C GLU B 147 21.76 3.34 26.71
N GLY B 148 23.04 3.61 26.53
CA GLY B 148 23.53 4.18 25.29
C GLY B 148 24.72 3.37 24.80
N PRO B 149 25.14 3.60 23.56
CA PRO B 149 26.35 2.87 23.09
C PRO B 149 27.59 3.19 23.91
N SER B 150 28.56 2.27 23.91
CA SER B 150 29.88 2.56 24.50
C SER B 150 30.51 3.70 23.72
N LYS B 151 31.36 4.47 24.38
CA LYS B 151 32.07 5.59 23.74
C LYS B 151 33.45 5.08 23.36
N GLU B 152 33.54 4.41 22.22
CA GLU B 152 34.80 3.81 21.78
C GLU B 152 35.22 4.29 20.41
N ASN B 153 34.73 5.46 20.01
CA ASN B 153 35.04 6.05 18.70
C ASN B 153 34.63 5.17 17.52
N GLN B 154 33.71 4.24 17.74
CA GLN B 154 33.22 3.39 16.66
C GLN B 154 32.37 4.22 15.71
N PRO B 155 32.39 3.88 14.41
CA PRO B 155 31.50 4.54 13.45
C PRO B 155 30.02 4.18 13.70
N SER B 156 29.12 4.96 13.10
CA SER B 156 27.67 4.90 13.29
CA SER B 156 27.67 4.84 13.35
C SER B 156 27.01 3.79 12.47
N VAL B 157 27.59 2.60 12.51
CA VAL B 157 27.11 1.49 11.70
C VAL B 157 27.05 0.21 12.54
N ALA B 158 26.39 -0.80 12.01
CA ALA B 158 26.23 -2.10 12.72
C ALA B 158 27.38 -3.06 12.49
N GLY B 159 28.60 -2.61 12.74
CA GLY B 159 29.78 -3.42 12.49
C GLY B 159 30.24 -4.11 13.77
N ILE B 160 31.38 -4.74 13.69
CA ILE B 160 31.85 -5.56 14.82
C ILE B 160 32.18 -4.74 16.06
N LYS B 161 32.43 -3.44 15.90
CA LYS B 161 32.66 -2.56 17.08
C LYS B 161 31.41 -1.94 17.67
N ALA B 162 30.23 -2.24 17.10
CA ALA B 162 29.02 -1.67 17.60
C ALA B 162 28.68 -2.32 18.93
N THR B 163 28.09 -1.55 19.82
CA THR B 163 27.76 -2.02 21.16
C THR B 163 26.65 -3.06 21.10
N ARG B 164 26.93 -4.23 21.66
CA ARG B 164 25.94 -5.28 21.68
C ARG B 164 25.59 -5.67 23.11
N LYS B 165 24.31 -5.75 23.39
CA LYS B 165 23.86 -6.37 24.64
C LYS B 165 22.43 -6.86 24.52
N GLN B 166 21.84 -7.28 25.64
CA GLN B 166 20.47 -7.76 25.69
C GLN B 166 19.56 -6.79 26.44
N VAL B 167 18.30 -6.77 26.03
CA VAL B 167 17.27 -5.98 26.69
C VAL B 167 16.79 -6.68 27.96
N THR B 168 17.38 -6.27 29.09
CA THR B 168 17.11 -6.88 30.37
C THR B 168 16.60 -5.87 31.38
N ALA B 169 16.34 -4.65 30.95
CA ALA B 169 15.90 -3.59 31.86
C ALA B 169 14.99 -2.64 31.09
N ALA B 170 14.48 -1.64 31.80
CA ALA B 170 13.43 -0.75 31.32
C ALA B 170 13.97 0.45 30.55
N ASN B 171 15.28 0.59 30.42
CA ASN B 171 15.84 1.84 29.92
C ASN B 171 16.64 1.73 28.61
N PHE B 172 16.19 0.89 27.69
CA PHE B 172 16.72 0.78 26.33
C PHE B 172 15.87 1.57 25.33
N PRO B 173 16.33 2.79 24.98
CA PRO B 173 15.54 3.58 24.03
C PRO B 173 15.52 3.01 22.64
N ILE B 174 14.35 3.01 22.03
CA ILE B 174 14.25 2.54 20.66
C ILE B 174 14.95 3.44 19.66
N GLU B 175 15.28 4.69 20.02
CA GLU B 175 15.99 5.54 19.11
C GLU B 175 17.49 5.20 19.03
N ILE B 176 17.92 4.18 19.79
CA ILE B 176 19.31 3.73 19.87
C ILE B 176 19.48 2.24 19.55
N TRP B 177 18.58 1.40 20.07
CA TRP B 177 18.77 -0.05 20.11
C TRP B 177 17.91 -0.80 19.11
N SER B 178 18.56 -1.50 18.20
CA SER B 178 17.91 -2.31 17.15
CA SER B 178 17.83 -2.32 17.23
C SER B 178 18.13 -3.81 17.43
N ALA B 179 17.13 -4.64 17.11
CA ALA B 179 17.29 -6.12 17.19
C ALA B 179 18.50 -6.55 16.38
N ASP B 180 19.24 -7.54 16.91
CA ASP B 180 20.48 -7.97 16.33
C ASP B 180 20.24 -9.26 15.51
N PRO B 181 20.26 -9.16 14.16
CA PRO B 181 20.01 -10.37 13.35
C PRO B 181 21.13 -11.39 13.37
N THR B 182 22.30 -11.03 13.92
CA THR B 182 23.38 -11.98 14.06
C THR B 182 23.23 -12.85 15.29
N ARG B 183 22.27 -12.54 16.16
CA ARG B 183 22.01 -13.32 17.36
C ARG B 183 20.52 -13.72 17.40
N ASN B 184 19.87 -13.63 18.54
CA ASN B 184 18.45 -13.96 18.66
C ASN B 184 18.10 -15.33 18.12
N GLU B 185 18.97 -16.28 18.44
CA GLU B 185 18.84 -17.65 17.93
C GLU B 185 17.50 -18.31 18.27
N ASN B 186 17.05 -18.13 19.48
CA ASN B 186 15.88 -18.91 19.95
C ASN B 186 14.84 -17.86 20.28
N CYS B 187 14.58 -17.02 19.28
CA CYS B 187 13.68 -15.89 19.39
C CYS B 187 13.11 -15.60 18.01
N ARG B 188 11.86 -15.17 17.96
CA ARG B 188 11.29 -14.63 16.72
C ARG B 188 10.92 -13.19 16.98
N TYR B 189 11.23 -12.33 16.02
CA TYR B 189 10.85 -10.92 16.16
C TYR B 189 10.41 -10.36 14.81
N PHE B 190 9.63 -9.28 14.90
CA PHE B 190 9.16 -8.59 13.73
C PHE B 190 9.07 -7.12 14.05
N GLY B 191 9.58 -6.31 13.14
CA GLY B 191 9.55 -4.86 13.30
C GLY B 191 9.22 -4.10 12.03
N ARG B 192 8.68 -2.90 12.20
CA ARG B 192 8.41 -2.03 11.09
CA ARG B 192 8.40 -2.01 11.09
C ARG B 192 8.66 -0.59 11.58
N ILE B 193 9.53 0.11 10.87
CA ILE B 193 9.82 1.51 11.13
C ILE B 193 9.31 2.34 9.98
N VAL B 194 8.64 3.45 10.30
CA VAL B 194 8.17 4.41 9.31
C VAL B 194 8.76 5.78 9.68
N GLY B 195 9.37 6.45 8.71
CA GLY B 195 9.95 7.76 8.91
C GLY B 195 8.95 8.87 8.61
N GLY B 196 9.48 10.06 8.32
CA GLY B 196 8.68 11.23 7.99
C GLY B 196 8.29 12.03 9.21
N SER B 197 8.11 13.34 9.03
CA SER B 197 7.82 14.19 10.18
C SER B 197 6.34 14.14 10.58
N VAL B 198 5.45 13.88 9.62
CA VAL B 198 3.99 13.91 9.89
C VAL B 198 3.24 12.73 9.32
N THR B 199 3.89 11.58 9.29
CA THR B 199 3.31 10.41 8.63
C THR B 199 2.16 9.81 9.44
N PRO B 200 1.02 9.57 8.79
CA PRO B 200 -0.09 8.93 9.54
C PRO B 200 0.24 7.51 9.97
N PRO B 201 -0.04 7.14 11.22
CA PRO B 201 0.04 5.72 11.56
C PRO B 201 -1.19 4.94 11.09
N VAL B 202 -0.99 3.62 10.91
CA VAL B 202 -2.08 2.71 10.56
C VAL B 202 -1.93 1.56 11.53
N VAL B 203 -2.95 1.33 12.35
CA VAL B 203 -2.96 0.25 13.34
C VAL B 203 -4.12 -0.69 13.00
N SER B 204 -3.82 -1.94 12.62
CA SER B 204 -4.86 -2.92 12.39
C SER B 204 -4.86 -3.88 13.56
N PHE B 205 -6.04 -4.36 13.97
CA PHE B 205 -6.15 -5.24 15.12
C PHE B 205 -7.40 -6.11 14.99
N GLY B 206 -7.43 -7.22 15.72
CA GLY B 206 -8.55 -8.14 15.66
C GLY B 206 -8.22 -9.27 16.61
N ASN B 207 -9.09 -10.28 16.65
CA ASN B 207 -8.82 -11.43 17.50
C ASN B 207 -8.87 -12.74 16.75
N GLN B 208 -8.59 -12.69 15.45
CA GLN B 208 -8.62 -13.88 14.60
C GLN B 208 -7.23 -14.29 14.08
N SER B 209 -6.24 -13.44 14.21
CA SER B 209 -4.96 -13.70 13.55
C SER B 209 -4.01 -14.41 14.51
N THR B 210 -3.19 -15.31 13.98
CA THR B 210 -2.16 -15.96 14.77
C THR B 210 -0.89 -16.09 13.91
N THR B 211 0.28 -16.03 14.53
CA THR B 211 1.56 -16.05 13.85
C THR B 211 2.35 -17.27 14.30
N PRO B 212 2.75 -18.14 13.37
CA PRO B 212 3.55 -19.30 13.80
C PRO B 212 4.97 -18.90 14.25
N LEU B 213 5.51 -19.64 15.21
CA LEU B 213 6.86 -19.38 15.73
C LEU B 213 7.81 -20.50 15.35
N VAL B 214 7.35 -21.45 14.57
CA VAL B 214 8.18 -22.60 14.21
C VAL B 214 9.12 -22.27 13.03
N ASP B 215 10.32 -22.84 13.09
CA ASP B 215 11.31 -22.72 12.01
C ASP B 215 11.05 -23.78 10.90
N GLU B 216 11.98 -23.91 9.94
CA GLU B 216 11.86 -24.87 8.83
CA GLU B 216 11.85 -24.86 8.84
C GLU B 216 11.82 -26.33 9.28
N ASN B 217 12.34 -26.62 10.47
CA ASN B 217 12.29 -27.97 11.01
C ASN B 217 11.09 -28.23 11.94
N GLY B 218 10.20 -27.26 12.05
CA GLY B 218 9.03 -27.35 12.91
C GLY B 218 9.29 -27.03 14.38
N VAL B 219 10.43 -26.42 14.69
CA VAL B 219 10.83 -26.14 16.07
C VAL B 219 10.51 -24.70 16.43
N GLY B 220 9.74 -24.53 17.49
CA GLY B 220 9.41 -23.20 17.99
C GLY B 220 10.44 -22.71 18.99
N ILE B 221 10.01 -21.82 19.88
CA ILE B 221 10.88 -21.25 20.91
C ILE B 221 10.99 -22.21 22.08
N LEU B 222 12.21 -22.66 22.36
CA LEU B 222 12.44 -23.64 23.41
C LEU B 222 12.77 -22.88 24.71
N CYS B 223 11.92 -23.01 25.71
CA CYS B 223 12.05 -22.19 26.92
C CYS B 223 13.00 -22.83 27.92
N LEU B 224 14.27 -22.87 27.52
CA LEU B 224 15.28 -23.61 28.26
C LEU B 224 15.62 -22.99 29.62
N PHE B 225 15.36 -21.70 29.78
CA PHE B 225 15.61 -21.00 31.02
C PHE B 225 14.36 -20.97 31.87
N GLY B 226 13.27 -21.61 31.40
CA GLY B 226 12.08 -21.78 32.27
C GLY B 226 11.07 -20.64 32.20
N ALA B 227 11.27 -19.73 31.25
CA ALA B 227 10.41 -18.57 31.08
C ALA B 227 10.23 -18.24 29.61
N ILE B 228 9.21 -17.44 29.30
CA ILE B 228 9.06 -16.83 28.01
C ILE B 228 9.42 -15.36 28.15
N TYR B 229 10.17 -14.85 27.18
CA TYR B 229 10.63 -13.46 27.18
C TYR B 229 9.86 -12.75 26.11
N LEU B 230 9.11 -11.72 26.50
CA LEU B 230 8.34 -10.92 25.58
C LEU B 230 8.92 -9.54 25.57
N THR B 231 9.08 -8.98 24.38
CA THR B 231 9.62 -7.61 24.24
C THR B 231 8.82 -6.86 23.19
N SER B 232 8.53 -5.58 23.42
CA SER B 232 7.74 -4.84 22.46
C SER B 232 8.12 -3.35 22.47
N ALA B 233 7.83 -2.69 21.37
CA ALA B 233 7.87 -1.22 21.31
C ALA B 233 6.92 -0.77 20.23
N ASP B 234 6.06 0.18 20.54
CA ASP B 234 5.01 0.62 19.62
C ASP B 234 4.77 2.12 19.69
N MET B 235 5.52 2.84 18.85
CA MET B 235 5.44 4.29 18.75
C MET B 235 4.63 4.63 17.52
N LEU B 236 3.57 5.41 17.72
CA LEU B 236 2.63 5.71 16.65
C LEU B 236 2.77 7.10 16.04
N GLY B 237 3.54 7.97 16.68
CA GLY B 237 3.73 9.32 16.17
C GLY B 237 3.89 10.30 17.32
N MET B 238 3.64 11.55 17.01
CA MET B 238 3.67 12.66 17.96
CA MET B 238 3.61 12.57 18.03
C MET B 238 2.27 13.27 18.13
N VAL B 239 2.06 13.92 19.28
CA VAL B 239 0.82 14.58 19.61
C VAL B 239 1.10 15.87 20.39
N GLY B 240 0.12 16.76 20.40
CA GLY B 240 0.09 17.93 21.27
C GLY B 240 -0.71 17.66 22.52
N TYR B 241 -1.07 18.75 23.19
CA TYR B 241 -1.87 18.76 24.40
C TYR B 241 -3.34 19.00 24.01
N ALA B 242 -4.24 18.22 24.58
CA ALA B 242 -5.68 18.46 24.39
C ALA B 242 -6.10 19.91 24.69
N GLY B 243 -6.86 20.50 23.77
CA GLY B 243 -7.34 21.86 23.86
C GLY B 243 -6.38 22.99 23.47
N ASN B 244 -5.18 22.62 23.04
CA ASN B 244 -4.12 23.56 22.65
C ASN B 244 -3.74 23.38 21.18
N PRO B 245 -3.25 24.45 20.55
CA PRO B 245 -2.64 24.31 19.23
C PRO B 245 -1.39 23.46 19.28
N THR B 246 -1.06 22.85 18.16
CA THR B 246 0.13 22.07 18.02
C THR B 246 0.59 22.12 16.56
N LEU B 247 1.73 21.50 16.28
CA LEU B 247 2.35 21.53 14.94
C LEU B 247 2.69 22.95 14.52
N SER B 248 3.22 23.70 15.47
CA SER B 248 3.73 25.04 15.20
C SER B 248 4.95 25.30 16.11
N ASP B 249 5.78 26.27 15.72
CA ASP B 249 6.95 26.65 16.54
C ASP B 249 6.50 27.11 17.93
N ALA B 250 5.45 27.94 17.98
CA ALA B 250 4.93 28.46 19.24
C ALA B 250 4.55 27.36 20.26
N TYR B 251 4.17 26.16 19.82
CA TYR B 251 3.77 25.08 20.76
C TYR B 251 4.67 23.86 20.72
N SER B 252 5.90 24.08 20.28
CA SER B 252 6.85 22.97 20.11
C SER B 252 7.18 22.37 21.48
N GLN B 253 7.22 23.21 22.50
CA GLN B 253 7.51 22.73 23.86
C GLN B 253 6.47 21.76 24.46
N GLN B 254 5.38 21.48 23.74
CA GLN B 254 4.37 20.58 24.25
C GLN B 254 4.26 19.28 23.45
N ARG B 255 5.05 19.13 22.39
CA ARG B 255 4.94 17.99 21.48
C ARG B 255 5.53 16.73 22.11
N SER B 256 4.78 15.64 22.15
CA SER B 256 5.13 14.41 22.88
C SER B 256 4.98 13.18 22.01
N VAL B 257 5.75 12.14 22.31
CA VAL B 257 5.62 10.89 21.62
C VAL B 257 4.36 10.15 22.10
N GLN B 258 3.57 9.61 21.16
CA GLN B 258 2.40 8.79 21.42
C GLN B 258 2.73 7.31 21.16
N ALA B 259 2.54 6.48 22.18
CA ALA B 259 2.65 5.04 22.06
C ALA B 259 1.26 4.41 22.07
N ALA B 260 1.17 3.15 21.66
CA ALA B 260 -0.05 2.39 21.84
C ALA B 260 -0.34 2.23 23.34
N PHE B 261 -1.58 1.93 23.67
CA PHE B 261 -1.94 1.74 25.10
C PHE B 261 -1.42 0.42 25.66
N GLY B 262 -1.09 -0.51 24.78
CA GLY B 262 -0.59 -1.80 25.20
C GLY B 262 -0.42 -2.70 24.00
N ARG B 263 0.45 -3.71 24.14
CA ARG B 263 0.48 -4.79 23.15
C ARG B 263 0.13 -6.09 23.84
N PHE B 264 -0.96 -6.70 23.38
CA PHE B 264 -1.42 -7.99 23.86
C PHE B 264 -0.61 -9.10 23.25
N PHE B 265 -0.27 -10.10 24.06
CA PHE B 265 0.33 -11.37 23.59
C PHE B 265 -0.48 -12.53 24.20
N ARG B 266 -0.75 -13.54 23.38
CA ARG B 266 -1.18 -14.83 23.84
C ARG B 266 -0.26 -15.84 23.16
N VAL B 267 0.57 -16.48 23.95
CA VAL B 267 1.57 -17.40 23.43
C VAL B 267 1.10 -18.82 23.77
N HIS B 268 1.17 -19.71 22.79
CA HIS B 268 0.74 -21.07 22.96
C HIS B 268 1.93 -22.01 23.00
N PHE B 269 1.89 -22.91 23.97
CA PHE B 269 2.97 -23.88 24.23
C PHE B 269 2.53 -25.33 24.14
N ARG B 270 3.50 -26.16 23.75
CA ARG B 270 3.44 -27.57 23.88
C ARG B 270 4.75 -28.02 24.55
N GLN B 271 4.92 -29.32 24.75
CA GLN B 271 6.17 -29.80 25.34
C GLN B 271 7.03 -30.47 24.28
N ARG B 272 8.33 -30.23 24.38
CA ARG B 272 9.33 -30.78 23.47
C ARG B 272 10.40 -31.53 24.27
N ARG B 273 10.72 -32.75 23.83
CA ARG B 273 11.84 -33.48 24.38
C ARG B 273 13.14 -33.04 23.71
N VAL B 274 14.15 -32.76 24.52
CA VAL B 274 15.48 -32.38 24.04
C VAL B 274 16.49 -33.31 24.73
N LYS B 275 17.69 -33.43 24.16
CA LYS B 275 18.75 -34.27 24.74
C LYS B 275 19.83 -33.38 25.30
N VAL C 7 -19.29 -24.24 28.48
CA VAL C 7 -20.11 -25.09 27.55
C VAL C 7 -19.24 -26.03 26.71
N GLU C 8 -19.69 -27.29 26.62
CA GLU C 8 -19.04 -28.30 25.79
C GLU C 8 -19.67 -28.27 24.38
N VAL C 9 -18.83 -28.09 23.37
CA VAL C 9 -19.28 -28.00 21.98
C VAL C 9 -19.24 -29.37 21.32
N MET C 10 -20.36 -29.80 20.75
CA MET C 10 -20.46 -31.10 20.13
C MET C 10 -20.60 -30.91 18.62
N GLU C 11 -21.36 -31.76 17.95
CA GLU C 11 -21.38 -31.77 16.48
C GLU C 11 -22.35 -30.74 15.93
N THR C 12 -22.10 -30.30 14.70
CA THR C 12 -23.06 -29.46 14.00
C THR C 12 -24.24 -30.31 13.56
N VAL C 13 -25.38 -29.67 13.33
CA VAL C 13 -26.57 -30.33 12.81
C VAL C 13 -26.48 -30.33 11.29
N PRO C 14 -26.79 -31.47 10.65
CA PRO C 14 -26.80 -31.51 9.18
C PRO C 14 -27.51 -30.32 8.56
N LEU C 15 -26.93 -29.74 7.50
CA LEU C 15 -27.52 -28.59 6.85
C LEU C 15 -28.84 -28.98 6.16
N SER C 16 -29.86 -28.16 6.36
CA SER C 16 -31.12 -28.27 5.60
C SER C 16 -31.80 -26.91 5.73
N GLU C 17 -32.94 -26.73 5.08
CA GLU C 17 -33.61 -25.43 5.10
C GLU C 17 -33.99 -25.04 6.54
N ASP C 18 -34.33 -26.03 7.37
CA ASP C 18 -34.82 -25.77 8.72
C ASP C 18 -33.69 -25.57 9.72
N THR C 19 -32.46 -25.90 9.34
CA THR C 19 -31.33 -25.80 10.27
C THR C 19 -30.31 -24.74 9.89
N ILE C 20 -30.67 -23.83 8.97
CA ILE C 20 -29.83 -22.69 8.61
C ILE C 20 -30.67 -21.41 8.73
N TYR C 21 -29.98 -20.31 8.84
CA TYR C 21 -30.63 -19.02 9.02
C TYR C 21 -29.67 -17.95 8.56
N LYS C 22 -30.22 -16.79 8.23
CA LYS C 22 -29.41 -15.61 8.06
C LYS C 22 -30.10 -14.37 8.60
N VAL C 23 -29.26 -13.42 9.01
CA VAL C 23 -29.66 -12.11 9.54
C VAL C 23 -29.02 -11.05 8.64
N GLU C 24 -29.82 -10.07 8.26
CA GLU C 24 -29.30 -8.89 7.63
C GLU C 24 -29.58 -7.70 8.49
N ALA C 25 -28.64 -6.77 8.58
CA ALA C 25 -28.85 -5.53 9.34
C ALA C 25 -27.95 -4.45 8.79
N ILE C 26 -28.36 -3.20 8.97
CA ILE C 26 -27.47 -2.09 8.68
C ILE C 26 -27.34 -1.29 9.96
N LEU C 27 -26.14 -1.27 10.52
CA LEU C 27 -25.92 -0.51 11.72
C LEU C 27 -25.64 0.94 11.31
N LEU C 28 -26.27 1.89 12.00
CA LEU C 28 -26.24 3.27 11.58
C LEU C 28 -25.34 4.10 12.49
N PRO C 29 -24.66 5.11 11.91
CA PRO C 29 -23.73 5.89 12.73
C PRO C 29 -24.44 6.60 13.86
N ASN C 30 -23.78 6.63 15.01
CA ASN C 30 -24.38 7.05 16.25
C ASN C 30 -23.56 8.09 16.99
N PHE C 31 -24.09 9.33 17.05
CA PHE C 31 -23.48 10.44 17.84
C PHE C 31 -24.34 10.72 19.06
N ALA C 32 -24.40 9.74 19.95
CA ALA C 32 -25.38 9.74 21.03
C ALA C 32 -25.28 10.95 21.94
N SER C 33 -26.44 11.36 22.45
CA SER C 33 -26.51 12.39 23.47
C SER C 33 -26.42 11.78 24.87
N GLY C 34 -26.65 10.47 25.00
CA GLY C 34 -26.69 9.83 26.32
C GLY C 34 -26.90 8.33 26.18
N SER C 35 -26.89 7.60 27.31
CA SER C 35 -26.92 6.12 27.25
C SER C 35 -28.24 5.61 26.67
N ASN C 36 -29.29 6.30 27.09
CA ASN C 36 -30.68 6.09 26.68
C ASN C 36 -31.02 6.22 25.20
N THR C 37 -30.26 6.99 24.44
CA THR C 37 -30.62 7.24 23.06
C THR C 37 -29.47 7.40 22.13
N ALA C 38 -29.34 6.42 21.25
CA ALA C 38 -28.56 6.60 20.04
C ALA C 38 -29.16 7.77 19.25
N VAL C 39 -28.31 8.48 18.55
CA VAL C 39 -28.75 9.55 17.66
C VAL C 39 -28.13 9.26 16.31
N TYR C 40 -28.98 8.90 15.34
CA TYR C 40 -28.46 8.36 14.08
C TYR C 40 -28.30 9.48 13.10
N GLN C 41 -27.05 9.78 12.78
CA GLN C 41 -26.69 10.83 11.84
C GLN C 41 -25.26 10.58 11.36
N SER C 42 -24.98 10.91 10.11
CA SER C 42 -23.68 10.55 9.52
C SER C 42 -22.60 11.63 9.73
N ARG C 43 -23.02 12.84 10.12
CA ARG C 43 -22.07 13.86 10.55
C ARG C 43 -22.40 14.29 11.96
N GLY C 44 -21.38 14.46 12.77
CA GLY C 44 -21.54 14.95 14.13
C GLY C 44 -21.89 16.42 14.16
N ALA C 45 -22.26 16.89 15.34
CA ALA C 45 -22.28 18.31 15.62
C ALA C 45 -20.83 18.79 15.52
N PRO C 46 -20.64 20.10 15.31
CA PRO C 46 -19.28 20.58 15.19
C PRO C 46 -18.41 20.15 16.38
N TYR C 47 -17.22 19.69 16.02
CA TYR C 47 -16.23 19.17 16.96
C TYR C 47 -15.38 20.31 17.49
N THR C 48 -15.67 20.72 18.72
CA THR C 48 -14.94 21.85 19.32
C THR C 48 -13.58 21.43 19.84
N PHE C 49 -12.66 22.39 19.84
CA PHE C 49 -11.26 22.12 20.15
C PHE C 49 -10.97 22.31 21.64
N THR C 50 -11.98 22.13 22.48
CA THR C 50 -11.83 22.26 23.94
C THR C 50 -11.10 21.07 24.51
N ASP C 51 -10.90 21.11 25.83
CA ASP C 51 -10.32 19.96 26.55
C ASP C 51 -11.33 18.86 26.93
N THR C 52 -12.51 18.84 26.32
CA THR C 52 -13.57 17.89 26.71
C THR C 52 -14.16 17.23 25.50
N LEU C 53 -14.32 15.91 25.56
CA LEU C 53 -15.05 15.18 24.55
C LEU C 53 -16.51 15.36 24.81
N ASP C 54 -17.24 15.83 23.79
CA ASP C 54 -18.64 16.23 23.95
C ASP C 54 -19.61 15.24 23.32
N ALA C 55 -20.73 15.02 24.01
CA ALA C 55 -21.80 14.21 23.43
C ALA C 55 -22.35 14.97 22.24
N GLY C 56 -22.58 14.25 21.14
CA GLY C 56 -23.14 14.83 19.92
C GLY C 56 -22.12 15.09 18.82
N SER C 57 -20.85 15.31 19.19
CA SER C 57 -19.79 15.51 18.20
C SER C 57 -18.79 14.34 18.14
N SER C 58 -18.83 13.48 19.16
CA SER C 58 -17.93 12.30 19.23
C SER C 58 -18.68 11.03 18.82
N LEU C 59 -18.12 10.34 17.82
CA LEU C 59 -18.73 9.12 17.31
C LEU C 59 -18.67 8.02 18.37
N CYS C 60 -19.78 7.32 18.55
CA CYS C 60 -19.86 6.24 19.53
C CYS C 60 -20.05 4.93 18.78
N TYR C 61 -19.76 3.82 19.45
CA TYR C 61 -20.08 2.54 18.83
C TYR C 61 -21.58 2.46 18.58
N THR C 62 -21.95 1.77 17.50
CA THR C 62 -23.33 1.37 17.29
C THR C 62 -23.47 -0.11 17.63
N LEU C 63 -24.53 -0.43 18.37
CA LEU C 63 -24.84 -1.81 18.71
C LEU C 63 -26.20 -2.21 18.17
N ALA C 64 -26.31 -3.48 17.77
CA ALA C 64 -27.58 -4.05 17.44
C ALA C 64 -27.62 -5.44 18.01
N VAL C 65 -28.71 -5.77 18.68
CA VAL C 65 -28.92 -7.13 19.13
C VAL C 65 -30.06 -7.68 18.27
N VAL C 66 -29.77 -8.71 17.48
CA VAL C 66 -30.73 -9.22 16.53
C VAL C 66 -31.23 -10.59 17.00
N ASN C 67 -32.54 -10.66 17.27
CA ASN C 67 -33.16 -11.89 17.70
C ASN C 67 -33.08 -13.01 16.64
N LEU C 68 -32.79 -14.22 17.09
CA LEU C 68 -32.82 -15.40 16.26
C LEU C 68 -34.03 -16.27 16.62
N PRO C 69 -34.54 -17.07 15.65
CA PRO C 69 -35.69 -17.94 15.90
C PRO C 69 -35.45 -18.95 17.03
N GLU C 70 -36.49 -19.25 17.79
CA GLU C 70 -36.42 -20.34 18.74
C GLU C 70 -36.23 -21.61 17.95
N ILE C 71 -35.43 -22.52 18.51
CA ILE C 71 -35.21 -23.82 17.89
C ILE C 71 -36.07 -24.85 18.63
N PRO C 72 -36.86 -25.65 17.88
CA PRO C 72 -37.57 -26.79 18.47
C PRO C 72 -36.62 -27.83 19.05
N ASP C 77 -32.10 -35.40 25.71
CA ASP C 77 -31.04 -35.56 26.70
C ASP C 77 -30.66 -34.23 27.38
N ASP C 78 -29.43 -34.12 27.87
CA ASP C 78 -28.94 -32.92 28.57
C ASP C 78 -28.28 -31.88 27.64
N THR C 79 -28.47 -32.03 26.34
CA THR C 79 -27.83 -31.15 25.36
C THR C 79 -28.88 -30.30 24.66
N LEU C 80 -28.41 -29.21 24.05
CA LEU C 80 -29.24 -28.20 23.41
C LEU C 80 -28.71 -27.90 22.00
N LEU C 81 -29.60 -27.49 21.12
CA LEU C 81 -29.18 -26.88 19.85
C LEU C 81 -29.15 -25.38 19.98
N VAL C 82 -28.11 -24.74 19.43
CA VAL C 82 -28.06 -23.29 19.35
C VAL C 82 -27.66 -22.89 17.95
N TRP C 83 -27.99 -21.67 17.56
CA TRP C 83 -27.52 -21.12 16.32
C TRP C 83 -26.04 -20.79 16.44
N GLU C 84 -25.33 -21.09 15.36
CA GLU C 84 -23.87 -20.87 15.29
C GLU C 84 -23.57 -20.05 14.05
N ALA C 85 -23.06 -18.84 14.24
CA ALA C 85 -22.70 -17.97 13.12
C ALA C 85 -21.33 -18.39 12.62
N PHE C 86 -21.25 -18.77 11.35
CA PHE C 86 -19.99 -19.33 10.82
C PHE C 86 -19.31 -18.43 9.79
N ARG C 87 -20.05 -17.46 9.25
CA ARG C 87 -19.47 -16.48 8.34
C ARG C 87 -20.33 -15.22 8.28
N VAL C 88 -19.69 -14.16 7.82
CA VAL C 88 -20.34 -12.84 7.77
C VAL C 88 -19.89 -12.08 6.54
N GLU C 89 -20.84 -11.42 5.90
CA GLU C 89 -20.54 -10.44 4.89
C GLU C 89 -20.75 -9.09 5.55
N THR C 90 -19.77 -8.22 5.49
CA THR C 90 -19.96 -6.84 6.05
C THR C 90 -19.33 -5.83 5.11
N GLU C 91 -20.05 -4.76 4.88
CA GLU C 91 -19.67 -3.77 3.89
C GLU C 91 -20.11 -2.39 4.35
N LEU C 92 -19.35 -1.36 3.98
CA LEU C 92 -19.71 0.03 4.33
C LEU C 92 -20.47 0.68 3.19
N ILE C 93 -21.42 1.54 3.55
CA ILE C 93 -22.25 2.25 2.62
C ILE C 93 -21.85 3.73 2.68
N PHE C 94 -21.35 4.25 1.56
CA PHE C 94 -20.84 5.62 1.50
C PHE C 94 -20.87 6.11 0.05
N THR C 95 -20.72 7.43 -0.13
CA THR C 95 -20.60 8.05 -1.43
C THR C 95 -19.45 9.05 -1.37
N PRO C 96 -18.86 9.37 -2.51
CA PRO C 96 -17.81 10.37 -2.45
C PRO C 96 -18.35 11.73 -2.04
N GLN C 97 -17.59 12.44 -1.22
CA GLN C 97 -17.95 13.76 -0.73
C GLN C 97 -17.04 14.76 -1.42
N LEU C 98 -17.63 15.70 -2.15
CA LEU C 98 -16.89 16.79 -2.76
C LEU C 98 -17.33 18.07 -2.09
N GLY C 99 -18.19 18.84 -2.74
CA GLY C 99 -18.65 20.13 -2.23
C GLY C 99 -19.57 20.03 -1.01
N SER C 100 -20.11 18.84 -0.77
CA SER C 100 -20.96 18.60 0.43
C SER C 100 -20.17 18.84 1.71
N ALA C 101 -18.84 18.82 1.58
CA ALA C 101 -17.92 18.98 2.72
C ALA C 101 -17.32 20.37 2.84
N GLY C 102 -17.79 21.29 2.00
CA GLY C 102 -17.23 22.64 1.91
C GLY C 102 -16.11 22.71 0.90
N TYR C 103 -15.38 23.81 0.94
CA TYR C 103 -14.28 24.00 0.02
C TYR C 103 -13.06 24.58 0.71
N ILE C 104 -11.87 24.34 0.14
CA ILE C 104 -10.62 24.92 0.66
C ILE C 104 -10.33 26.18 -0.12
N ARG C 105 -10.53 27.33 0.52
CA ARG C 105 -10.46 28.58 -0.20
C ARG C 105 -9.08 28.76 -0.84
N ALA C 106 -8.03 28.51 -0.07
CA ALA C 106 -6.66 28.74 -0.52
C ALA C 106 -6.35 27.91 -1.77
N GLN C 107 -6.86 26.68 -1.81
CA GLN C 107 -6.54 25.78 -2.91
C GLN C 107 -7.61 25.72 -4.00
N GLY C 108 -8.61 26.62 -3.97
CA GLY C 108 -9.71 26.61 -4.93
C GLY C 108 -10.26 25.24 -5.33
N THR C 109 -10.57 24.41 -4.36
CA THR C 109 -11.05 23.06 -4.68
C THR C 109 -11.99 22.54 -3.59
N PRO C 110 -12.88 21.60 -3.93
CA PRO C 110 -13.72 21.00 -2.88
C PRO C 110 -12.91 20.33 -1.78
N ALA C 111 -13.41 20.38 -0.56
CA ALA C 111 -12.63 19.92 0.57
C ALA C 111 -12.61 18.40 0.70
N GLY C 112 -13.73 17.75 0.42
CA GLY C 112 -13.83 16.31 0.59
C GLY C 112 -13.77 15.93 2.06
N VAL C 113 -13.71 14.62 2.31
CA VAL C 113 -13.53 14.10 3.66
C VAL C 113 -12.07 13.66 3.83
N GLU C 114 -11.46 14.10 4.93
CA GLU C 114 -10.11 13.68 5.28
C GLU C 114 -9.86 13.84 6.76
N GLY C 115 -8.95 13.02 7.27
CA GLY C 115 -8.57 13.07 8.66
C GLY C 115 -8.41 11.69 9.23
N SER C 116 -8.41 11.62 10.55
CA SER C 116 -8.21 10.35 11.23
C SER C 116 -9.45 9.47 11.12
N GLN C 117 -9.23 8.15 11.08
CA GLN C 117 -10.26 7.22 10.72
C GLN C 117 -10.28 6.03 11.67
N MET C 118 -11.43 5.40 11.74
CA MET C 118 -11.56 4.09 12.38
C MET C 118 -12.60 3.28 11.64
N TYR C 119 -12.26 2.04 11.36
CA TYR C 119 -13.15 1.10 10.69
C TYR C 119 -13.20 -0.11 11.62
N PHE C 120 -14.39 -0.50 12.04
CA PHE C 120 -14.50 -1.54 13.06
C PHE C 120 -15.82 -2.29 12.98
N TRP C 121 -15.74 -3.61 13.08
CA TRP C 121 -16.92 -4.47 13.21
C TRP C 121 -16.65 -5.60 14.20
N ALA C 122 -17.74 -6.03 14.85
CA ALA C 122 -17.72 -7.18 15.73
C ALA C 122 -19.03 -7.95 15.62
N CYS C 123 -18.89 -9.26 15.75
CA CYS C 123 -20.02 -10.21 15.82
CA CYS C 123 -20.00 -10.18 15.77
C CYS C 123 -19.78 -11.12 16.97
N GLY C 124 -20.78 -11.25 17.85
CA GLY C 124 -20.61 -12.02 19.07
C GLY C 124 -21.89 -12.62 19.61
N GLY C 125 -21.73 -13.54 20.55
CA GLY C 125 -22.85 -14.11 21.28
C GLY C 125 -23.24 -13.30 22.52
N SER C 126 -22.50 -12.25 22.82
CA SER C 126 -22.80 -11.37 23.94
C SER C 126 -22.17 -10.02 23.61
N PRO C 127 -22.39 -9.01 24.46
CA PRO C 127 -21.83 -7.70 24.10
C PRO C 127 -20.32 -7.62 23.98
N LEU C 128 -19.85 -6.63 23.24
CA LEU C 128 -18.42 -6.41 23.04
C LEU C 128 -17.79 -5.95 24.34
N ASP C 129 -16.70 -6.59 24.70
CA ASP C 129 -15.87 -6.19 25.84
C ASP C 129 -14.90 -5.10 25.40
N VAL C 130 -14.87 -3.99 26.14
CA VAL C 130 -13.98 -2.86 25.84
C VAL C 130 -13.17 -2.36 27.05
N ILE C 131 -12.05 -1.69 26.77
CA ILE C 131 -11.18 -1.09 27.74
C ILE C 131 -11.28 0.42 27.49
N GLY C 132 -11.47 1.20 28.55
CA GLY C 132 -11.65 2.63 28.42
C GLY C 132 -10.46 3.37 28.96
N ILE C 133 -9.83 4.18 28.12
CA ILE C 133 -8.61 4.90 28.49
C ILE C 133 -8.68 6.37 28.08
N ASN C 134 -8.37 7.25 29.04
CA ASN C 134 -8.23 8.67 28.75
C ASN C 134 -6.81 8.89 28.30
N PRO C 135 -6.60 9.35 27.06
CA PRO C 135 -5.24 9.49 26.53
C PRO C 135 -4.41 10.62 27.12
N ASP C 136 -5.06 11.57 27.79
CA ASP C 136 -4.36 12.73 28.34
C ASP C 136 -5.11 13.19 29.60
N PRO C 137 -5.06 12.38 30.67
CA PRO C 137 -5.94 12.61 31.81
C PRO C 137 -5.63 13.89 32.62
N GLU C 138 -4.43 14.44 32.50
CA GLU C 138 -4.15 15.75 33.13
C GLU C 138 -4.96 16.88 32.50
N ARG C 139 -5.40 16.70 31.25
CA ARG C 139 -6.02 17.77 30.48
C ARG C 139 -7.39 17.48 29.89
N MET C 140 -7.67 16.22 29.58
CA MET C 140 -8.84 15.94 28.82
C MET C 140 -9.94 15.38 29.71
N ASN C 141 -11.15 15.86 29.48
CA ASN C 141 -12.34 15.39 30.17
C ASN C 141 -13.29 14.73 29.19
N VAL C 142 -14.18 13.90 29.73
CA VAL C 142 -15.24 13.27 28.97
C VAL C 142 -16.58 13.79 29.53
N ALA C 143 -17.44 14.31 28.66
CA ALA C 143 -18.69 14.92 29.09
C ALA C 143 -19.59 13.89 29.75
N ALA C 144 -20.42 14.37 30.68
CA ALA C 144 -21.28 13.50 31.49
C ALA C 144 -22.20 12.59 30.67
N GLY C 145 -22.62 13.00 29.48
CA GLY C 145 -23.46 12.18 28.62
C GLY C 145 -22.76 11.00 27.95
N LEU C 146 -21.44 10.97 27.97
CA LEU C 146 -20.66 9.85 27.41
C LEU C 146 -20.06 9.00 28.52
N GLU C 147 -19.89 7.72 28.26
CA GLU C 147 -19.15 6.85 29.17
C GLU C 147 -17.68 7.16 29.12
N GLY C 148 -17.11 7.41 30.28
CA GLY C 148 -15.67 7.63 30.39
C GLY C 148 -15.06 6.63 31.35
N PRO C 149 -13.73 6.56 31.39
CA PRO C 149 -13.11 5.69 32.38
C PRO C 149 -13.38 6.12 33.81
N SER C 150 -13.24 5.18 34.74
CA SER C 150 -13.34 5.52 36.16
CA SER C 150 -13.32 5.50 36.17
C SER C 150 -12.20 6.47 36.53
N LYS C 151 -12.47 7.35 37.49
CA LYS C 151 -11.45 8.31 37.94
C LYS C 151 -10.73 7.70 39.14
N GLU C 152 -9.79 6.80 38.87
CA GLU C 152 -9.13 6.05 39.92
C GLU C 152 -7.63 6.22 39.91
N ASN C 153 -7.16 7.32 39.32
CA ASN C 153 -5.74 7.65 39.24
C ASN C 153 -4.91 6.64 38.45
N GLN C 154 -5.59 5.82 37.66
CA GLN C 154 -4.87 4.80 36.86
C GLN C 154 -4.07 5.46 35.76
N PRO C 155 -2.92 4.86 35.42
CA PRO C 155 -2.19 5.37 34.26
C PRO C 155 -2.95 5.17 32.94
N SER C 156 -2.56 5.93 31.91
CA SER C 156 -3.20 5.94 30.60
C SER C 156 -2.78 4.76 29.70
N VAL C 157 -2.84 3.55 30.25
CA VAL C 157 -2.41 2.36 29.54
C VAL C 157 -3.41 1.23 29.78
N ALA C 158 -3.31 0.17 28.99
CA ALA C 158 -4.24 -0.93 29.07
C ALA C 158 -3.84 -1.98 30.09
N GLY C 159 -3.63 -1.57 31.32
CA GLY C 159 -3.17 -2.47 32.37
C GLY C 159 -4.34 -2.97 33.19
N ILE C 160 -4.04 -3.69 34.26
CA ILE C 160 -5.12 -4.32 35.05
C ILE C 160 -6.02 -3.29 35.75
N LYS C 161 -5.54 -2.07 35.95
CA LYS C 161 -6.38 -1.03 36.55
C LYS C 161 -7.24 -0.28 35.54
N ALA C 162 -7.14 -0.57 34.24
CA ALA C 162 -7.90 0.17 33.25
C ALA C 162 -9.40 -0.18 33.36
N THR C 163 -10.25 0.79 33.03
CA THR C 163 -11.69 0.57 33.13
C THR C 163 -12.15 -0.41 32.07
N ARG C 164 -12.82 -1.47 32.50
CA ARG C 164 -13.36 -2.47 31.58
C ARG C 164 -14.88 -2.51 31.69
N LYS C 165 -15.54 -2.47 30.55
CA LYS C 165 -17.00 -2.47 30.47
C LYS C 165 -17.42 -3.23 29.23
N GLN C 166 -18.72 -3.43 29.07
CA GLN C 166 -19.28 -4.00 27.86
C GLN C 166 -20.10 -2.96 27.11
N VAL C 167 -20.09 -3.01 25.78
CA VAL C 167 -20.84 -2.04 24.97
C VAL C 167 -22.31 -2.49 24.92
N THR C 168 -23.07 -1.99 25.89
CA THR C 168 -24.50 -2.33 26.05
C THR C 168 -25.38 -1.08 26.00
N ALA C 169 -24.81 0.04 25.60
CA ALA C 169 -25.58 1.27 25.52
C ALA C 169 -25.02 2.11 24.40
N ALA C 170 -25.71 3.20 24.08
CA ALA C 170 -25.41 4.02 22.92
C ALA C 170 -24.26 5.01 23.09
N ASN C 171 -23.71 5.16 24.29
CA ASN C 171 -22.81 6.28 24.54
C ASN C 171 -21.35 5.94 24.87
N PHE C 172 -20.80 4.95 24.16
CA PHE C 172 -19.41 4.61 24.29
C PHE C 172 -18.59 5.25 23.16
N PRO C 173 -17.88 6.37 23.44
CA PRO C 173 -17.13 7.03 22.39
C PRO C 173 -15.92 6.24 21.93
N ILE C 174 -15.72 6.17 20.63
CA ILE C 174 -14.57 5.46 20.08
C ILE C 174 -13.24 6.14 20.42
N GLU C 175 -13.28 7.43 20.79
CA GLU C 175 -12.07 8.13 21.25
C GLU C 175 -11.61 7.71 22.68
N ILE C 176 -12.37 6.84 23.33
CA ILE C 176 -12.02 6.34 24.67
C ILE C 176 -11.96 4.79 24.73
N TRP C 177 -12.87 4.11 24.04
CA TRP C 177 -13.10 2.65 24.27
C TRP C 177 -12.60 1.75 23.15
N SER C 178 -11.67 0.85 23.49
CA SER C 178 -11.06 -0.10 22.55
CA SER C 178 -11.12 -0.10 22.51
C SER C 178 -11.50 -1.52 22.88
N ALA C 179 -11.64 -2.36 21.85
CA ALA C 179 -11.94 -3.78 22.04
C ALA C 179 -10.90 -4.41 22.97
N ASP C 180 -11.37 -5.28 23.86
CA ASP C 180 -10.52 -5.89 24.88
C ASP C 180 -10.06 -7.28 24.41
N PRO C 181 -8.77 -7.43 24.04
CA PRO C 181 -8.31 -8.73 23.52
C PRO C 181 -8.16 -9.78 24.61
N THR C 182 -8.27 -9.40 25.90
CA THR C 182 -8.21 -10.35 26.98
C THR C 182 -9.57 -11.01 27.23
N ARG C 183 -10.62 -10.49 26.60
CA ARG C 183 -11.97 -11.04 26.77
C ARG C 183 -12.53 -11.34 25.37
N ASN C 184 -13.79 -11.01 25.09
CA ASN C 184 -14.36 -11.26 23.77
C ASN C 184 -14.21 -12.71 23.28
N GLU C 185 -14.40 -13.63 24.21
CA GLU C 185 -14.29 -15.07 23.98
C GLU C 185 -15.17 -15.60 22.86
N ASN C 186 -16.39 -15.15 22.79
CA ASN C 186 -17.31 -15.82 21.82
C ASN C 186 -17.76 -14.74 20.85
N CYS C 187 -16.75 -14.09 20.26
CA CYS C 187 -16.89 -12.90 19.46
C CYS C 187 -15.70 -12.85 18.51
N ARG C 188 -15.93 -12.37 17.28
CA ARG C 188 -14.83 -12.00 16.38
C ARG C 188 -14.95 -10.51 16.09
N TYR C 189 -13.82 -9.81 16.06
CA TYR C 189 -13.80 -8.41 15.71
C TYR C 189 -12.57 -8.06 14.90
N PHE C 190 -12.69 -6.97 14.14
CA PHE C 190 -11.63 -6.48 13.29
C PHE C 190 -11.72 -4.97 13.27
N GLY C 191 -10.57 -4.34 13.45
CA GLY C 191 -10.50 -2.89 13.44
C GLY C 191 -9.27 -2.35 12.76
N ARG C 192 -9.40 -1.13 12.24
CA ARG C 192 -8.28 -0.45 11.66
C ARG C 192 -8.42 1.02 12.03
N ILE C 193 -7.35 1.56 12.62
CA ILE C 193 -7.26 2.99 12.93
C ILE C 193 -6.20 3.64 12.05
N VAL C 194 -6.52 4.82 11.53
CA VAL C 194 -5.60 5.58 10.71
C VAL C 194 -5.51 6.96 11.36
N GLY C 195 -4.29 7.42 11.58
CA GLY C 195 -4.08 8.72 12.21
C GLY C 195 -3.96 9.81 11.18
N GLY C 196 -3.31 10.91 11.58
CA GLY C 196 -3.05 12.04 10.70
C GLY C 196 -4.19 13.06 10.71
N SER C 197 -3.85 14.32 10.46
CA SER C 197 -4.85 15.38 10.52
C SER C 197 -5.70 15.47 9.25
N VAL C 198 -5.11 15.11 8.09
CA VAL C 198 -5.79 15.24 6.80
C VAL C 198 -5.70 13.99 5.92
N THR C 199 -5.64 12.83 6.53
CA THR C 199 -5.45 11.59 5.77
C THR C 199 -6.68 11.23 4.94
N PRO C 200 -6.48 10.90 3.66
CA PRO C 200 -7.64 10.47 2.88
C PRO C 200 -8.17 9.13 3.32
N PRO C 201 -9.50 8.96 3.48
CA PRO C 201 -10.04 7.65 3.68
C PRO C 201 -10.14 6.85 2.37
N VAL C 202 -10.12 5.54 2.50
CA VAL C 202 -10.33 4.60 1.38
C VAL C 202 -11.39 3.63 1.82
N VAL C 203 -12.50 3.56 1.09
CA VAL C 203 -13.61 2.65 1.39
C VAL C 203 -13.81 1.74 0.19
N SER C 204 -13.57 0.45 0.36
CA SER C 204 -13.80 -0.51 -0.67
C SER C 204 -15.06 -1.28 -0.30
N PHE C 205 -15.89 -1.59 -1.27
CA PHE C 205 -17.13 -2.28 -0.97
C PHE C 205 -17.55 -3.09 -2.18
N GLY C 206 -18.39 -4.10 -1.94
CA GLY C 206 -18.86 -4.98 -2.99
C GLY C 206 -19.82 -5.96 -2.37
N ASN C 207 -20.28 -6.94 -3.14
CA ASN C 207 -21.23 -7.90 -2.63
C ASN C 207 -20.78 -9.31 -2.92
N GLN C 208 -19.47 -9.51 -3.00
CA GLN C 208 -18.91 -10.82 -3.31
C GLN C 208 -18.02 -11.37 -2.17
N SER C 209 -17.72 -10.57 -1.18
CA SER C 209 -16.74 -10.98 -0.17
CA SER C 209 -16.74 -10.93 -0.16
C SER C 209 -17.42 -11.54 1.06
N THR C 210 -16.79 -12.53 1.68
CA THR C 210 -17.30 -13.10 2.92
C THR C 210 -16.13 -13.39 3.86
N THR C 211 -16.36 -13.29 5.15
CA THR C 211 -15.31 -13.51 6.15
C THR C 211 -15.70 -14.66 7.07
N PRO C 212 -14.83 -15.68 7.23
CA PRO C 212 -15.20 -16.76 8.14
CA PRO C 212 -15.19 -16.75 8.14
C PRO C 212 -15.13 -16.31 9.60
N LEU C 213 -15.96 -16.94 10.44
CA LEU C 213 -16.02 -16.65 11.87
C LEU C 213 -15.58 -17.85 12.72
N VAL C 214 -15.15 -18.92 12.08
CA VAL C 214 -14.79 -20.15 12.78
C VAL C 214 -13.38 -20.07 13.27
N ASP C 215 -13.16 -20.68 14.43
CA ASP C 215 -11.82 -20.76 15.06
C ASP C 215 -11.09 -22.00 14.54
N GLU C 216 -9.93 -22.34 15.14
CA GLU C 216 -9.11 -23.47 14.67
C GLU C 216 -9.78 -24.84 14.83
N ASN C 217 -10.80 -24.91 15.67
CA ASN C 217 -11.59 -26.12 15.81
C ASN C 217 -12.84 -26.16 14.95
N GLY C 218 -13.00 -25.18 14.06
CA GLY C 218 -14.18 -25.09 13.21
C GLY C 218 -15.42 -24.54 13.92
N VAL C 219 -15.22 -23.89 15.07
CA VAL C 219 -16.36 -23.41 15.88
C VAL C 219 -16.54 -21.92 15.70
N GLY C 220 -17.74 -21.54 15.27
CA GLY C 220 -18.13 -20.14 15.12
C GLY C 220 -18.66 -19.50 16.39
N ILE C 221 -19.47 -18.47 16.22
CA ILE C 221 -20.06 -17.74 17.33
C ILE C 221 -21.32 -18.48 17.78
N LEU C 222 -21.32 -18.92 19.02
CA LEU C 222 -22.42 -19.74 19.56
C LEU C 222 -23.41 -18.80 20.23
N CYS C 223 -24.62 -18.72 19.70
CA CYS C 223 -25.57 -17.73 20.18
C CYS C 223 -26.39 -18.32 21.31
N LEU C 224 -25.73 -18.44 22.46
CA LEU C 224 -26.31 -19.12 23.60
C LEU C 224 -27.55 -18.41 24.16
N PHE C 225 -27.68 -17.10 23.89
CA PHE C 225 -28.83 -16.33 24.38
C PHE C 225 -29.90 -16.12 23.30
N GLY C 226 -29.78 -16.83 22.17
CA GLY C 226 -30.76 -16.74 21.08
C GLY C 226 -30.80 -15.40 20.34
N ALA C 227 -29.67 -14.72 20.31
CA ALA C 227 -29.49 -13.49 19.55
C ALA C 227 -28.06 -13.36 19.10
N ILE C 228 -27.84 -12.52 18.11
CA ILE C 228 -26.48 -12.18 17.66
C ILE C 228 -26.26 -10.71 18.00
N TYR C 229 -25.07 -10.41 18.52
CA TYR C 229 -24.67 -9.07 18.94
C TYR C 229 -23.73 -8.51 17.89
N LEU C 230 -24.18 -7.43 17.24
CA LEU C 230 -23.36 -6.74 16.25
C LEU C 230 -22.94 -5.38 16.77
N THR C 231 -21.69 -5.01 16.55
CA THR C 231 -21.19 -3.73 17.02
C THR C 231 -20.31 -3.14 15.92
N SER C 232 -20.40 -1.83 15.70
CA SER C 232 -19.59 -1.23 14.68
C SER C 232 -19.24 0.21 15.00
N ALA C 233 -18.22 0.69 14.31
CA ALA C 233 -17.86 2.11 14.29
C ALA C 233 -17.04 2.41 13.09
N ASP C 234 -17.45 3.44 12.33
CA ASP C 234 -16.79 3.73 11.05
C ASP C 234 -16.67 5.23 10.81
N MET C 235 -15.55 5.78 11.28
CA MET C 235 -15.26 7.20 11.15
C MET C 235 -14.32 7.36 9.95
N LEU C 236 -14.71 8.22 9.01
CA LEU C 236 -13.97 8.39 7.77
C LEU C 236 -13.11 9.64 7.70
N GLY C 237 -13.34 10.59 8.61
CA GLY C 237 -12.55 11.79 8.67
C GLY C 237 -13.37 12.95 9.16
N MET C 238 -12.98 14.14 8.75
CA MET C 238 -13.62 15.42 9.11
CA MET C 238 -13.74 15.33 9.07
C MET C 238 -14.11 16.09 7.82
N VAL C 239 -15.12 16.97 7.97
CA VAL C 239 -15.70 17.72 6.87
C VAL C 239 -16.15 19.08 7.39
N GLY C 240 -16.41 19.99 6.47
CA GLY C 240 -16.97 21.31 6.76
C GLY C 240 -18.43 21.32 6.37
N TYR C 241 -18.96 22.53 6.23
CA TYR C 241 -20.35 22.77 5.83
C TYR C 241 -20.42 22.98 4.32
N ALA C 242 -21.40 22.37 3.66
CA ALA C 242 -21.61 22.61 2.24
C ALA C 242 -21.82 24.07 1.96
N GLY C 243 -21.17 24.57 0.90
CA GLY C 243 -21.22 25.96 0.54
C GLY C 243 -20.28 26.91 1.27
N ASN C 244 -19.50 26.39 2.21
CA ASN C 244 -18.66 27.22 3.08
C ASN C 244 -17.19 26.79 2.96
N PRO C 245 -16.26 27.73 3.23
CA PRO C 245 -14.85 27.36 3.39
C PRO C 245 -14.65 26.45 4.58
N THR C 246 -13.60 25.64 4.53
CA THR C 246 -13.20 24.84 5.64
C THR C 246 -11.67 24.62 5.60
N LEU C 247 -11.17 23.90 6.60
CA LEU C 247 -9.75 23.68 6.76
C LEU C 247 -9.01 24.99 6.93
N SER C 248 -9.60 25.87 7.74
CA SER C 248 -8.99 27.11 8.15
C SER C 248 -9.41 27.51 9.58
N ASP C 249 -8.64 28.38 10.22
CA ASP C 249 -8.98 28.85 11.58
C ASP C 249 -10.35 29.52 11.60
N ALA C 250 -10.59 30.36 10.59
CA ALA C 250 -11.81 31.12 10.46
C ALA C 250 -13.08 30.27 10.47
N TYR C 251 -12.97 29.02 10.00
CA TYR C 251 -14.13 28.12 9.93
C TYR C 251 -14.01 26.87 10.77
N SER C 252 -13.14 26.94 11.78
CA SER C 252 -12.92 25.78 12.65
C SER C 252 -14.15 25.43 13.47
N GLN C 253 -14.95 26.44 13.79
CA GLN C 253 -16.22 26.20 14.49
C GLN C 253 -17.26 25.34 13.73
N GLN C 254 -17.01 25.01 12.46
CA GLN C 254 -17.95 24.20 11.67
C GLN C 254 -17.43 22.81 11.35
N ARG C 255 -16.21 22.51 11.78
CA ARG C 255 -15.58 21.27 11.36
C ARG C 255 -16.18 20.09 12.14
N SER C 256 -16.63 19.04 11.45
CA SER C 256 -17.43 17.96 12.01
C SER C 256 -16.91 16.59 11.59
N VAL C 257 -17.09 15.59 12.45
CA VAL C 257 -16.72 14.22 12.15
C VAL C 257 -17.70 13.62 11.11
N GLN C 258 -17.14 12.95 10.11
CA GLN C 258 -17.89 12.23 9.07
C GLN C 258 -17.77 10.73 9.31
N ALA C 259 -18.93 10.08 9.44
CA ALA C 259 -19.05 8.64 9.50
C ALA C 259 -19.63 8.09 8.21
N ALA C 260 -19.47 6.79 8.02
CA ALA C 260 -20.15 6.10 6.93
C ALA C 260 -21.68 6.19 7.13
N PHE C 261 -22.46 6.01 6.07
CA PHE C 261 -23.93 6.09 6.18
C PHE C 261 -24.51 4.86 6.85
N GLY C 262 -23.73 3.78 6.88
CA GLY C 262 -24.16 2.57 7.54
C GLY C 262 -23.15 1.47 7.32
N ARG C 263 -23.19 0.46 8.19
CA ARG C 263 -22.44 -0.78 7.95
C ARG C 263 -23.43 -1.92 7.84
N PHE C 264 -23.42 -2.56 6.67
CA PHE C 264 -24.24 -3.72 6.40
C PHE C 264 -23.57 -4.98 6.97
N PHE C 265 -24.39 -5.84 7.57
CA PHE C 265 -23.96 -7.17 7.99
C PHE C 265 -24.95 -8.16 7.39
N ARG C 266 -24.44 -9.27 6.87
CA ARG C 266 -25.25 -10.42 6.64
C ARG C 266 -24.54 -11.59 7.32
N VAL C 267 -25.18 -12.18 8.32
CA VAL C 267 -24.55 -13.24 9.13
C VAL C 267 -25.22 -14.52 8.78
N HIS C 268 -24.42 -15.58 8.53
CA HIS C 268 -24.92 -16.90 8.19
C HIS C 268 -24.76 -17.86 9.35
N PHE C 269 -25.82 -18.61 9.61
CA PHE C 269 -25.93 -19.53 10.75
C PHE C 269 -26.22 -20.96 10.34
N ARG C 270 -25.71 -21.88 11.16
CA ARG C 270 -26.11 -23.26 11.15
C ARG C 270 -26.46 -23.59 12.62
N GLN C 271 -26.75 -24.85 12.92
CA GLN C 271 -27.07 -25.23 14.27
C GLN C 271 -25.94 -26.08 14.85
N ARG C 272 -25.65 -25.89 16.14
CA ARG C 272 -24.62 -26.63 16.83
C ARG C 272 -25.19 -27.27 18.10
N ARG C 273 -24.87 -28.53 18.33
CA ARG C 273 -25.24 -29.17 19.56
C ARG C 273 -24.24 -28.81 20.64
N VAL C 274 -24.74 -28.36 21.80
CA VAL C 274 -23.89 -28.04 22.95
C VAL C 274 -24.49 -28.61 24.23
N LYS C 275 -23.65 -28.70 25.26
CA LYS C 275 -24.04 -29.18 26.56
C LYS C 275 -23.63 -28.19 27.65
N HIS C 276 -24.61 -27.69 28.41
CA HIS C 276 -24.36 -26.87 29.59
C HIS C 276 -24.14 -27.79 30.79
N VAL D 7 -37.03 -18.07 -8.60
CA VAL D 7 -36.67 -19.03 -9.69
C VAL D 7 -35.78 -20.17 -9.18
N GLU D 8 -36.08 -21.37 -9.63
CA GLU D 8 -35.31 -22.54 -9.27
C GLU D 8 -34.19 -22.73 -10.28
N VAL D 9 -32.96 -22.90 -9.83
CA VAL D 9 -31.81 -22.95 -10.74
C VAL D 9 -31.43 -24.39 -10.95
N MET D 10 -31.35 -24.81 -12.21
CA MET D 10 -31.05 -26.20 -12.55
C MET D 10 -29.67 -26.25 -13.19
N GLU D 11 -29.44 -27.15 -14.14
CA GLU D 11 -28.07 -27.36 -14.65
C GLU D 11 -27.71 -26.41 -15.80
N THR D 12 -26.41 -26.17 -15.96
CA THR D 12 -25.91 -25.46 -17.12
C THR D 12 -26.04 -26.33 -18.36
N VAL D 13 -26.08 -25.68 -19.52
CA VAL D 13 -26.15 -26.36 -20.81
C VAL D 13 -24.71 -26.65 -21.25
N PRO D 14 -24.46 -27.86 -21.76
CA PRO D 14 -23.11 -28.17 -22.26
C PRO D 14 -22.58 -27.09 -23.20
N LEU D 15 -21.32 -26.69 -22.98
CA LEU D 15 -20.68 -25.66 -23.76
C LEU D 15 -20.47 -26.03 -25.23
N SER D 16 -20.86 -25.13 -26.10
CA SER D 16 -20.60 -25.25 -27.54
C SER D 16 -20.78 -23.86 -28.16
N GLU D 17 -20.46 -23.73 -29.44
CA GLU D 17 -20.53 -22.42 -30.09
C GLU D 17 -21.93 -21.82 -29.99
N ASP D 18 -22.95 -22.69 -29.95
CA ASP D 18 -24.34 -22.24 -29.94
C ASP D 18 -24.89 -21.92 -28.55
N THR D 19 -24.18 -22.32 -27.50
CA THR D 19 -24.66 -22.11 -26.13
C THR D 19 -23.79 -21.16 -25.30
N ILE D 20 -22.91 -20.40 -25.95
CA ILE D 20 -22.09 -19.39 -25.30
C ILE D 20 -22.28 -18.07 -26.03
N TYR D 21 -21.95 -16.97 -25.36
CA TYR D 21 -22.09 -15.65 -25.95
C TYR D 21 -21.12 -14.74 -25.23
N LYS D 22 -20.80 -13.61 -25.86
CA LYS D 22 -20.11 -12.55 -25.15
C LYS D 22 -20.58 -11.17 -25.61
N VAL D 23 -20.53 -10.23 -24.68
CA VAL D 23 -20.95 -8.85 -24.90
C VAL D 23 -19.70 -7.99 -24.63
N GLU D 24 -19.43 -7.07 -25.52
CA GLU D 24 -18.44 -6.04 -25.28
C GLU D 24 -19.08 -4.68 -25.30
N ALA D 25 -18.69 -3.82 -24.39
CA ALA D 25 -19.22 -2.45 -24.35
C ALA D 25 -18.21 -1.53 -23.72
N ILE D 26 -18.25 -0.25 -24.11
CA ILE D 26 -17.56 0.77 -23.33
C ILE D 26 -18.57 1.77 -22.76
N LEU D 27 -18.66 1.82 -21.45
CA LEU D 27 -19.59 2.76 -20.82
C LEU D 27 -18.86 4.11 -20.72
N LEU D 28 -19.52 5.16 -21.16
CA LEU D 28 -18.88 6.49 -21.28
C LEU D 28 -19.27 7.37 -20.11
N PRO D 29 -18.34 8.24 -19.68
CA PRO D 29 -18.64 9.11 -18.54
C PRO D 29 -19.81 10.03 -18.80
N ASN D 30 -20.66 10.21 -17.78
CA ASN D 30 -21.96 10.82 -17.95
C ASN D 30 -22.22 11.96 -16.96
N PHE D 31 -22.20 13.19 -17.46
CA PHE D 31 -22.59 14.36 -16.66
C PHE D 31 -23.98 14.87 -17.08
N ALA D 32 -24.96 14.02 -16.82
CA ALA D 32 -26.31 14.20 -17.34
C ALA D 32 -26.95 15.53 -17.01
N SER D 33 -27.77 16.02 -17.93
CA SER D 33 -28.63 17.18 -17.66
C SER D 33 -30.01 16.79 -17.12
N GLY D 34 -30.40 15.53 -17.28
CA GLY D 34 -31.75 15.11 -16.90
C GLY D 34 -31.90 13.60 -17.05
N SER D 35 -33.05 13.09 -16.64
CA SER D 35 -33.29 11.64 -16.61
C SER D 35 -33.12 10.94 -17.97
N ASN D 36 -33.52 11.61 -19.04
CA ASN D 36 -33.43 11.01 -20.38
CA ASN D 36 -33.45 11.02 -20.38
C ASN D 36 -32.36 11.67 -21.23
N THR D 37 -31.45 12.41 -20.59
CA THR D 37 -30.38 13.08 -21.33
C THR D 37 -29.02 12.91 -20.67
N ALA D 38 -28.44 11.73 -20.88
CA ALA D 38 -27.06 11.50 -20.57
C ALA D 38 -26.22 12.47 -21.39
N VAL D 39 -25.11 12.92 -20.85
CA VAL D 39 -24.23 13.81 -21.60
C VAL D 39 -22.85 13.20 -21.48
N TYR D 40 -22.30 12.72 -22.60
CA TYR D 40 -21.05 11.96 -22.54
C TYR D 40 -19.84 12.87 -22.74
N GLN D 41 -19.13 13.11 -21.65
CA GLN D 41 -17.93 13.94 -21.65
C GLN D 41 -17.07 13.53 -20.44
N SER D 42 -15.75 13.61 -20.60
CA SER D 42 -14.86 13.12 -19.53
C SER D 42 -14.51 14.17 -18.48
N ARG D 43 -14.79 15.44 -18.77
CA ARG D 43 -14.69 16.49 -17.77
C ARG D 43 -16.04 17.19 -17.61
N GLY D 44 -16.42 17.41 -16.36
CA GLY D 44 -17.64 18.12 -16.05
C GLY D 44 -17.54 19.60 -16.34
N ALA D 45 -18.68 20.27 -16.35
CA ALA D 45 -18.70 21.72 -16.29
C ALA D 45 -18.03 22.12 -14.96
N PRO D 46 -17.52 23.34 -14.88
CA PRO D 46 -16.88 23.73 -13.64
C PRO D 46 -17.79 23.47 -12.43
N TYR D 47 -17.17 22.96 -11.38
CA TYR D 47 -17.89 22.51 -10.18
C TYR D 47 -17.93 23.68 -9.23
N THR D 48 -19.10 24.27 -9.08
CA THR D 48 -19.24 25.48 -8.24
C THR D 48 -19.33 25.10 -6.78
N PHE D 49 -18.92 26.04 -5.94
CA PHE D 49 -18.78 25.77 -4.52
C PHE D 49 -20.06 26.11 -3.75
N THR D 50 -21.19 26.20 -4.46
CA THR D 50 -22.50 26.48 -3.84
C THR D 50 -23.00 25.36 -2.93
N ASP D 51 -24.12 25.62 -2.28
CA ASP D 51 -24.77 24.57 -1.50
C ASP D 51 -25.64 23.59 -2.34
N THR D 52 -25.53 23.63 -3.67
CA THR D 52 -26.36 22.80 -4.54
C THR D 52 -25.54 21.94 -5.52
N LEU D 53 -25.91 20.67 -5.64
CA LEU D 53 -25.31 19.79 -6.62
C LEU D 53 -25.97 20.07 -7.94
N ASP D 54 -25.16 20.42 -8.93
CA ASP D 54 -25.68 20.93 -10.20
C ASP D 54 -25.58 19.87 -11.27
N ALA D 55 -26.59 19.85 -12.15
CA ALA D 55 -26.53 18.98 -13.33
C ALA D 55 -25.46 19.54 -14.26
N GLY D 56 -24.68 18.66 -14.87
CA GLY D 56 -23.59 19.09 -15.74
C GLY D 56 -22.21 19.08 -15.12
N SER D 57 -22.12 19.34 -13.81
CA SER D 57 -20.85 19.32 -13.09
C SER D 57 -20.69 18.11 -12.17
N SER D 58 -21.78 17.40 -11.90
CA SER D 58 -21.76 16.24 -10.98
C SER D 58 -21.85 14.95 -11.79
N LEU D 59 -20.87 14.06 -11.61
CA LEU D 59 -20.83 12.80 -12.34
C LEU D 59 -21.98 11.89 -11.89
N CYS D 60 -22.63 11.28 -12.87
CA CYS D 60 -23.72 10.36 -12.62
C CYS D 60 -23.28 8.97 -13.03
N TYR D 61 -23.98 7.97 -12.53
CA TYR D 61 -23.76 6.62 -13.02
C TYR D 61 -24.06 6.58 -14.50
N THR D 62 -23.28 5.78 -15.21
CA THR D 62 -23.59 5.43 -16.58
C THR D 62 -24.25 4.07 -16.57
N LEU D 63 -25.30 3.93 -17.37
CA LEU D 63 -25.93 2.62 -17.49
C LEU D 63 -26.01 2.17 -18.94
N ALA D 64 -25.87 0.86 -19.14
CA ALA D 64 -26.11 0.27 -20.44
C ALA D 64 -26.90 -1.00 -20.22
N VAL D 65 -27.95 -1.14 -21.00
CA VAL D 65 -28.75 -2.37 -21.01
C VAL D 65 -28.50 -2.98 -22.39
N VAL D 66 -27.82 -4.12 -22.41
CA VAL D 66 -27.43 -4.75 -23.65
C VAL D 66 -28.30 -5.96 -23.90
N ASN D 67 -29.03 -5.92 -25.02
CA ASN D 67 -29.91 -7.00 -25.37
C ASN D 67 -29.11 -8.26 -25.74
N LEU D 68 -29.59 -9.41 -25.27
CA LEU D 68 -29.00 -10.71 -25.61
C LEU D 68 -29.86 -11.46 -26.61
N PRO D 69 -29.26 -12.37 -27.39
CA PRO D 69 -30.08 -13.09 -28.36
C PRO D 69 -31.19 -13.93 -27.71
N GLU D 70 -32.30 -14.04 -28.42
CA GLU D 70 -33.37 -14.90 -28.01
C GLU D 70 -32.84 -16.33 -28.10
N ILE D 71 -33.22 -17.17 -27.15
CA ILE D 71 -32.82 -18.56 -27.20
C ILE D 71 -34.07 -19.33 -27.59
N PRO D 72 -34.00 -20.17 -28.65
CA PRO D 72 -35.15 -21.01 -29.07
C PRO D 72 -35.54 -22.07 -28.03
N THR D 79 -39.83 -25.52 -17.66
CA THR D 79 -38.47 -24.97 -17.55
C THR D 79 -38.07 -24.13 -18.75
N LEU D 80 -36.96 -23.41 -18.63
CA LEU D 80 -36.56 -22.43 -19.61
C LEU D 80 -35.02 -22.26 -19.60
N LEU D 81 -34.43 -21.98 -20.77
CA LEU D 81 -33.01 -21.62 -20.86
C LEU D 81 -32.81 -20.12 -20.85
N VAL D 82 -31.88 -19.65 -20.03
CA VAL D 82 -31.53 -18.25 -19.99
C VAL D 82 -30.02 -18.10 -20.07
N TRP D 83 -29.57 -16.94 -20.53
CA TRP D 83 -28.16 -16.65 -20.55
C TRP D 83 -27.70 -16.40 -19.13
N GLU D 84 -26.51 -16.92 -18.82
CA GLU D 84 -25.90 -16.78 -17.49
C GLU D 84 -24.51 -16.18 -17.66
N ALA D 85 -24.28 -14.99 -17.09
CA ALA D 85 -22.95 -14.37 -17.16
C ALA D 85 -22.12 -14.94 -16.03
N PHE D 86 -21.00 -15.56 -16.36
CA PHE D 86 -20.16 -16.25 -15.37
C PHE D 86 -18.79 -15.58 -15.13
N ARG D 87 -18.37 -14.70 -16.03
CA ARG D 87 -17.18 -13.88 -15.79
C ARG D 87 -17.18 -12.61 -16.62
N VAL D 88 -16.42 -11.63 -16.14
CA VAL D 88 -16.33 -10.34 -16.79
C VAL D 88 -14.88 -9.85 -16.76
N GLU D 89 -14.48 -9.22 -17.85
CA GLU D 89 -13.24 -8.44 -17.88
C GLU D 89 -13.67 -7.01 -17.89
N THR D 90 -13.13 -6.19 -17.01
CA THR D 90 -13.49 -4.75 -17.03
C THR D 90 -12.25 -3.92 -16.72
N GLU D 91 -12.07 -2.85 -17.49
CA GLU D 91 -10.83 -2.09 -17.50
C GLU D 91 -11.15 -0.65 -17.79
N LEU D 92 -10.42 0.26 -17.15
CA LEU D 92 -10.61 1.69 -17.41
C LEU D 92 -9.71 2.17 -18.50
N ILE D 93 -10.18 3.13 -19.29
CA ILE D 93 -9.42 3.74 -20.37
C ILE D 93 -9.08 5.17 -19.96
N PHE D 94 -7.79 5.47 -19.89
CA PHE D 94 -7.33 6.77 -19.41
C PHE D 94 -5.91 7.02 -19.90
N THR D 95 -5.48 8.27 -19.82
CA THR D 95 -4.12 8.67 -20.13
C THR D 95 -3.62 9.58 -19.02
N PRO D 96 -2.30 9.68 -18.87
CA PRO D 96 -1.80 10.62 -17.85
C PRO D 96 -2.09 12.07 -18.25
N GLN D 97 -2.51 12.87 -17.28
CA GLN D 97 -2.84 14.28 -17.46
C GLN D 97 -1.76 15.11 -16.81
N LEU D 98 -1.09 15.95 -17.59
CA LEU D 98 -0.08 16.85 -17.09
C LEU D 98 -0.63 18.26 -17.33
N GLY D 99 -0.16 18.91 -18.39
CA GLY D 99 -0.54 20.29 -18.71
C GLY D 99 -2.00 20.41 -19.14
N SER D 100 -2.62 19.32 -19.58
CA SER D 100 -4.05 19.31 -19.93
C SER D 100 -4.94 19.75 -18.78
N ALA D 101 -4.45 19.61 -17.56
CA ALA D 101 -5.19 19.94 -16.35
C ALA D 101 -4.82 21.29 -15.75
N GLY D 102 -3.98 22.05 -16.45
CA GLY D 102 -3.53 23.37 -15.97
C GLY D 102 -2.20 23.25 -15.22
N TYR D 103 -1.80 24.30 -14.55
CA TYR D 103 -0.56 24.29 -13.80
C TYR D 103 -0.72 24.93 -12.43
N ILE D 104 0.15 24.55 -11.49
CA ILE D 104 0.11 25.14 -10.15
C ILE D 104 1.21 26.21 -10.11
N ARG D 105 0.79 27.47 -10.11
CA ARG D 105 1.75 28.56 -10.20
C ARG D 105 2.74 28.50 -9.04
N ALA D 106 2.25 28.22 -7.84
CA ALA D 106 3.10 28.30 -6.65
C ALA D 106 4.18 27.22 -6.69
N GLN D 107 3.90 26.10 -7.33
CA GLN D 107 4.86 25.00 -7.42
C GLN D 107 5.58 24.90 -8.76
N GLY D 108 5.32 25.84 -9.69
CA GLY D 108 5.91 25.76 -11.03
C GLY D 108 5.86 24.38 -11.72
N THR D 109 4.73 23.72 -11.68
CA THR D 109 4.60 22.35 -12.26
C THR D 109 3.19 22.10 -12.77
N PRO D 110 3.03 21.18 -13.76
CA PRO D 110 1.67 20.82 -14.19
C PRO D 110 0.84 20.31 -13.02
N ALA D 111 -0.45 20.56 -13.07
CA ALA D 111 -1.33 20.25 -11.95
C ALA D 111 -1.71 18.77 -11.89
N GLY D 112 -1.89 18.17 -13.05
CA GLY D 112 -2.39 16.80 -13.15
C GLY D 112 -3.79 16.63 -12.58
N VAL D 113 -4.24 15.39 -12.44
CA VAL D 113 -5.55 15.11 -11.84
C VAL D 113 -5.32 14.66 -10.39
N GLU D 114 -6.08 15.25 -9.47
CA GLU D 114 -6.03 14.82 -8.07
C GLU D 114 -7.31 15.24 -7.37
N GLY D 115 -7.64 14.52 -6.31
CA GLY D 115 -8.83 14.77 -5.52
C GLY D 115 -9.53 13.48 -5.15
N SER D 116 -10.78 13.63 -4.74
CA SER D 116 -11.55 12.49 -4.30
C SER D 116 -11.99 11.66 -5.52
N GLN D 117 -12.11 10.35 -5.33
CA GLN D 117 -12.28 9.43 -6.42
C GLN D 117 -13.36 8.41 -6.11
N MET D 118 -13.92 7.84 -7.16
CA MET D 118 -14.77 6.66 -7.08
C MET D 118 -14.55 5.80 -8.31
N TYR D 119 -14.36 4.50 -8.07
CA TYR D 119 -14.20 3.50 -9.12
C TYR D 119 -15.31 2.47 -8.89
N PHE D 120 -16.14 2.24 -9.88
CA PHE D 120 -17.31 1.40 -9.63
C PHE D 120 -17.78 0.71 -10.88
N TRP D 121 -18.05 -0.57 -10.75
CA TRP D 121 -18.73 -1.33 -11.79
C TRP D 121 -19.78 -2.30 -11.22
N ALA D 122 -20.82 -2.56 -12.01
CA ALA D 122 -21.82 -3.58 -11.68
C ALA D 122 -22.28 -4.30 -12.95
N CYS D 123 -22.54 -5.59 -12.78
CA CYS D 123 -23.15 -6.44 -13.79
CA CYS D 123 -23.11 -6.45 -13.79
C CYS D 123 -24.32 -7.16 -13.17
N GLY D 124 -25.49 -7.08 -13.82
CA GLY D 124 -26.69 -7.67 -13.26
C GLY D 124 -27.73 -8.08 -14.29
N GLY D 125 -28.72 -8.82 -13.84
CA GLY D 125 -29.85 -9.22 -14.64
C GLY D 125 -30.99 -8.23 -14.57
N SER D 126 -30.81 -7.16 -13.80
CA SER D 126 -31.81 -6.09 -13.70
C SER D 126 -31.07 -4.85 -13.20
N PRO D 127 -31.76 -3.71 -13.12
CA PRO D 127 -31.03 -2.48 -12.77
C PRO D 127 -30.40 -2.50 -11.40
N LEU D 128 -29.35 -1.70 -11.24
CA LEU D 128 -28.67 -1.53 -9.96
C LEU D 128 -29.59 -0.90 -8.91
N ASP D 129 -29.70 -1.55 -7.75
CA ASP D 129 -30.43 -0.98 -6.61
C ASP D 129 -29.55 -0.02 -5.82
N VAL D 130 -30.06 1.17 -5.51
CA VAL D 130 -29.27 2.21 -4.81
C VAL D 130 -30.05 2.86 -3.67
N ILE D 131 -29.29 3.43 -2.75
CA ILE D 131 -29.78 4.19 -1.61
C ILE D 131 -29.30 5.61 -1.84
N GLY D 132 -30.22 6.56 -1.72
CA GLY D 132 -29.93 7.96 -1.93
C GLY D 132 -29.94 8.69 -0.61
N ILE D 133 -28.81 9.32 -0.28
CA ILE D 133 -28.66 10.05 0.96
C ILE D 133 -28.06 11.44 0.74
N ASN D 134 -28.71 12.45 1.31
CA ASN D 134 -28.19 13.82 1.34
C ASN D 134 -27.27 13.92 2.55
N PRO D 135 -25.97 14.13 2.34
CA PRO D 135 -25.01 14.08 3.44
C PRO D 135 -25.04 15.31 4.38
N ASP D 136 -25.70 16.41 3.97
CA ASP D 136 -25.76 17.62 4.79
C ASP D 136 -27.10 18.31 4.50
N PRO D 137 -28.19 17.71 4.97
CA PRO D 137 -29.51 18.08 4.48
C PRO D 137 -29.99 19.45 4.97
N GLU D 138 -29.44 19.94 6.08
CA GLU D 138 -29.71 21.32 6.53
C GLU D 138 -29.19 22.36 5.53
N ARG D 139 -28.24 21.99 4.68
CA ARG D 139 -27.56 22.95 3.82
C ARG D 139 -27.51 22.57 2.36
N MET D 140 -27.46 21.29 2.04
CA MET D 140 -27.18 20.92 0.67
C MET D 140 -28.45 20.59 -0.08
N ASN D 141 -28.52 21.03 -1.33
CA ASN D 141 -29.65 20.81 -2.23
C ASN D 141 -29.18 20.03 -3.44
N VAL D 142 -30.11 19.39 -4.12
CA VAL D 142 -29.83 18.65 -5.35
C VAL D 142 -30.65 19.35 -6.43
N ALA D 143 -30.00 19.79 -7.50
CA ALA D 143 -30.70 20.51 -8.56
C ALA D 143 -31.81 19.64 -9.18
N ALA D 144 -32.79 20.32 -9.77
CA ALA D 144 -33.99 19.66 -10.31
C ALA D 144 -33.67 18.61 -11.38
N GLY D 145 -32.63 18.82 -12.17
CA GLY D 145 -32.25 17.88 -13.23
C GLY D 145 -31.68 16.56 -12.76
N LEU D 146 -31.26 16.51 -11.49
CA LEU D 146 -30.69 15.30 -10.91
C LEU D 146 -31.66 14.60 -9.93
N GLU D 147 -31.56 13.28 -9.84
CA GLU D 147 -32.32 12.51 -8.84
C GLU D 147 -31.75 12.74 -7.46
N GLY D 148 -32.59 13.19 -6.55
CA GLY D 148 -32.17 13.37 -5.17
C GLY D 148 -33.04 12.53 -4.27
N PRO D 149 -32.71 12.46 -2.98
CA PRO D 149 -33.58 11.73 -2.06
C PRO D 149 -34.92 12.38 -1.91
N SER D 150 -35.90 11.62 -1.44
CA SER D 150 -37.19 12.20 -1.09
CA SER D 150 -37.18 12.20 -1.10
C SER D 150 -36.99 13.14 0.08
N LYS D 151 -37.80 14.17 0.15
CA LYS D 151 -37.74 15.11 1.24
C LYS D 151 -38.76 14.75 2.30
N GLU D 152 -38.38 13.81 3.15
CA GLU D 152 -39.27 13.26 4.17
C GLU D 152 -38.68 13.41 5.57
N ASN D 153 -37.78 14.37 5.74
CA ASN D 153 -37.10 14.61 7.03
C ASN D 153 -36.40 13.41 7.63
N GLN D 154 -36.05 12.42 6.79
CA GLN D 154 -35.30 11.26 7.26
C GLN D 154 -33.89 11.68 7.67
N PRO D 155 -33.27 10.94 8.61
CA PRO D 155 -31.88 11.23 8.94
C PRO D 155 -30.91 10.86 7.80
N SER D 156 -29.68 11.35 7.90
CA SER D 156 -28.66 11.21 6.86
C SER D 156 -27.92 9.89 6.94
N VAL D 157 -28.67 8.79 7.04
CA VAL D 157 -28.07 7.47 7.21
C VAL D 157 -28.81 6.46 6.31
N ALA D 158 -28.23 5.27 6.16
CA ALA D 158 -28.76 4.26 5.24
C ALA D 158 -29.75 3.35 5.96
N GLY D 159 -30.71 3.94 6.64
CA GLY D 159 -31.74 3.18 7.38
C GLY D 159 -33.01 2.96 6.56
N ILE D 160 -34.02 2.47 7.24
CA ILE D 160 -35.29 2.07 6.61
C ILE D 160 -36.01 3.24 5.95
N LYS D 161 -35.74 4.46 6.40
CA LYS D 161 -36.39 5.64 5.83
C LYS D 161 -35.64 6.26 4.66
N ALA D 162 -34.45 5.73 4.35
CA ALA D 162 -33.64 6.23 3.25
C ALA D 162 -34.31 5.94 1.90
N THR D 163 -34.13 6.85 0.96
CA THR D 163 -34.74 6.70 -0.36
C THR D 163 -34.06 5.58 -1.12
N ARG D 164 -34.86 4.65 -1.62
CA ARG D 164 -34.33 3.54 -2.39
C ARG D 164 -34.93 3.57 -3.78
N LYS D 165 -34.07 3.49 -4.78
CA LYS D 165 -34.48 3.48 -6.20
C LYS D 165 -33.58 2.53 -6.97
N GLN D 166 -33.90 2.37 -8.25
CA GLN D 166 -33.06 1.65 -9.18
C GLN D 166 -32.46 2.60 -10.21
N VAL D 167 -31.22 2.33 -10.63
CA VAL D 167 -30.58 3.13 -11.66
C VAL D 167 -31.08 2.73 -13.06
N THR D 168 -32.15 3.39 -13.46
CA THR D 168 -32.81 3.17 -14.74
C THR D 168 -32.89 4.45 -15.53
N ALA D 169 -32.13 5.46 -15.14
CA ALA D 169 -32.10 6.72 -15.88
C ALA D 169 -30.71 7.34 -15.78
N ALA D 170 -30.49 8.41 -16.52
CA ALA D 170 -29.15 8.97 -16.73
C ALA D 170 -28.70 9.88 -15.61
N ASN D 171 -29.58 10.21 -14.67
CA ASN D 171 -29.35 11.34 -13.76
C ASN D 171 -29.24 11.00 -12.27
N PHE D 172 -28.58 9.88 -11.97
CA PHE D 172 -28.30 9.51 -10.60
C PHE D 172 -26.87 9.95 -10.21
N PRO D 173 -26.74 11.05 -9.45
CA PRO D 173 -25.38 11.52 -9.15
C PRO D 173 -24.66 10.61 -8.17
N ILE D 174 -23.38 10.33 -8.39
CA ILE D 174 -22.65 9.48 -7.46
C ILE D 174 -22.41 10.15 -6.10
N GLU D 175 -22.58 11.46 -6.02
CA GLU D 175 -22.45 12.15 -4.73
C GLU D 175 -23.71 11.97 -3.83
N ILE D 176 -24.73 11.27 -4.33
CA ILE D 176 -25.95 10.98 -3.55
C ILE D 176 -26.27 9.48 -3.40
N TRP D 177 -26.06 8.71 -4.46
CA TRP D 177 -26.57 7.33 -4.57
C TRP D 177 -25.50 6.26 -4.43
N SER D 178 -25.68 5.38 -3.45
CA SER D 178 -24.77 4.26 -3.17
CA SER D 178 -24.76 4.26 -3.22
C SER D 178 -25.45 2.93 -3.46
N ALA D 179 -24.68 1.94 -3.95
CA ALA D 179 -25.21 0.58 -4.14
C ALA D 179 -25.83 0.05 -2.83
N ASP D 180 -26.96 -0.62 -2.96
CA ASP D 180 -27.74 -1.10 -1.84
C ASP D 180 -27.41 -2.56 -1.58
N PRO D 181 -26.69 -2.85 -0.48
CA PRO D 181 -26.27 -4.24 -0.22
C PRO D 181 -27.41 -5.09 0.29
N THR D 182 -28.55 -4.46 0.61
CA THR D 182 -29.72 -5.24 1.00
C THR D 182 -30.52 -5.77 -0.17
N ARG D 183 -30.19 -5.34 -1.38
CA ARG D 183 -30.87 -5.80 -2.60
C ARG D 183 -29.77 -6.26 -3.56
N ASN D 184 -29.89 -5.97 -4.85
CA ASN D 184 -28.89 -6.39 -5.85
C ASN D 184 -28.64 -7.90 -5.85
N GLU D 185 -29.73 -8.63 -5.72
CA GLU D 185 -29.67 -10.07 -5.59
C GLU D 185 -28.99 -10.78 -6.75
N ASN D 186 -29.25 -10.33 -7.96
CA ASN D 186 -28.79 -11.10 -9.15
C ASN D 186 -27.84 -10.16 -9.89
N CYS D 187 -26.89 -9.63 -9.13
CA CYS D 187 -25.96 -8.60 -9.56
C CYS D 187 -24.66 -8.78 -8.79
N ARG D 188 -23.53 -8.53 -9.44
CA ARG D 188 -22.26 -8.37 -8.73
C ARG D 188 -21.79 -6.95 -8.96
N TYR D 189 -21.26 -6.33 -7.91
CA TYR D 189 -20.70 -5.00 -8.05
C TYR D 189 -19.49 -4.86 -7.15
N PHE D 190 -18.68 -3.90 -7.52
CA PHE D 190 -17.46 -3.55 -6.76
C PHE D 190 -17.22 -2.06 -6.86
N GLY D 191 -16.89 -1.46 -5.73
CA GLY D 191 -16.65 -0.02 -5.64
C GLY D 191 -15.46 0.29 -4.77
N ARG D 192 -14.82 1.42 -5.05
CA ARG D 192 -13.79 1.94 -4.18
C ARG D 192 -13.92 3.48 -4.20
N ILE D 193 -13.99 4.07 -3.02
CA ILE D 193 -14.07 5.51 -2.84
C ILE D 193 -12.82 5.95 -2.11
N VAL D 194 -12.21 7.04 -2.59
CA VAL D 194 -11.04 7.62 -1.97
C VAL D 194 -11.37 9.08 -1.65
N GLY D 195 -11.12 9.50 -0.43
CA GLY D 195 -11.39 10.89 -0.03
C GLY D 195 -10.19 11.78 -0.27
N GLY D 196 -10.16 12.92 0.42
CA GLY D 196 -9.05 13.86 0.39
C GLY D 196 -9.27 14.90 -0.70
N SER D 197 -8.73 16.08 -0.48
CA SER D 197 -8.92 17.17 -1.42
C SER D 197 -7.98 17.10 -2.62
N VAL D 198 -6.80 16.48 -2.49
CA VAL D 198 -5.82 16.47 -3.56
C VAL D 198 -5.17 15.09 -3.74
N THR D 199 -5.94 14.04 -3.48
CA THR D 199 -5.36 12.70 -3.44
C THR D 199 -5.05 12.25 -4.88
N PRO D 200 -3.85 11.68 -5.13
CA PRO D 200 -3.57 11.16 -6.47
C PRO D 200 -4.38 9.94 -6.80
N PRO D 201 -4.96 9.88 -8.00
CA PRO D 201 -5.55 8.63 -8.42
C PRO D 201 -4.52 7.61 -8.94
N VAL D 202 -4.89 6.35 -8.89
CA VAL D 202 -4.08 5.27 -9.46
C VAL D 202 -5.00 4.40 -10.30
N VAL D 203 -4.69 4.29 -11.59
CA VAL D 203 -5.52 3.54 -12.55
C VAL D 203 -4.63 2.42 -13.13
N SER D 204 -4.92 1.18 -12.78
CA SER D 204 -4.22 0.06 -13.35
C SER D 204 -5.12 -0.57 -14.42
N PHE D 205 -4.49 -1.05 -15.49
CA PHE D 205 -5.26 -1.60 -16.62
C PHE D 205 -4.41 -2.59 -17.39
N GLY D 206 -5.07 -3.43 -18.16
CA GLY D 206 -4.42 -4.48 -18.91
C GLY D 206 -5.47 -5.28 -19.65
N ASN D 207 -5.04 -6.33 -20.34
CA ASN D 207 -5.99 -7.19 -21.03
C ASN D 207 -5.82 -8.65 -20.67
N GLN D 208 -5.35 -8.92 -19.45
CA GLN D 208 -5.12 -10.28 -19.00
C GLN D 208 -5.98 -10.71 -17.79
N SER D 209 -6.65 -9.77 -17.12
CA SER D 209 -7.40 -10.07 -15.89
C SER D 209 -8.86 -10.37 -16.18
N THR D 210 -9.43 -11.24 -15.36
CA THR D 210 -10.84 -11.57 -15.47
C THR D 210 -11.40 -11.76 -14.06
N THR D 211 -12.66 -11.43 -13.86
CA THR D 211 -13.32 -11.52 -12.55
C THR D 211 -14.48 -12.50 -12.65
N PRO D 212 -14.51 -13.50 -11.77
CA PRO D 212 -15.65 -14.43 -11.83
C PRO D 212 -16.91 -13.80 -11.23
N LEU D 213 -18.06 -14.17 -11.77
CA LEU D 213 -19.34 -13.66 -11.30
C LEU D 213 -20.16 -14.75 -10.59
N VAL D 214 -19.61 -15.95 -10.47
CA VAL D 214 -20.35 -17.03 -9.86
C VAL D 214 -20.34 -16.94 -8.34
N ASP D 215 -21.46 -17.32 -7.74
CA ASP D 215 -21.59 -17.33 -6.28
C ASP D 215 -21.01 -18.64 -5.75
N GLU D 216 -21.19 -18.91 -4.44
CA GLU D 216 -20.66 -20.15 -3.83
C GLU D 216 -21.28 -21.45 -4.38
N ASN D 217 -22.43 -21.35 -5.04
CA ASN D 217 -23.06 -22.48 -5.69
C ASN D 217 -22.74 -22.63 -7.18
N GLY D 218 -21.84 -21.80 -7.68
CA GLY D 218 -21.46 -21.82 -9.09
C GLY D 218 -22.47 -21.10 -10.00
N VAL D 219 -23.34 -20.28 -9.43
CA VAL D 219 -24.36 -19.58 -10.21
C VAL D 219 -23.95 -18.14 -10.48
N GLY D 220 -23.90 -17.80 -11.76
CA GLY D 220 -23.61 -16.44 -12.19
C GLY D 220 -24.84 -15.55 -12.26
N ILE D 221 -24.79 -14.54 -13.13
CA ILE D 221 -25.89 -13.61 -13.31
C ILE D 221 -26.87 -14.18 -14.32
N LEU D 222 -28.11 -14.40 -13.87
CA LEU D 222 -29.15 -15.03 -14.70
C LEU D 222 -29.95 -13.95 -15.39
N CYS D 223 -29.92 -13.94 -16.72
CA CYS D 223 -30.46 -12.82 -17.47
C CYS D 223 -31.88 -13.12 -17.81
N LEU D 224 -32.71 -13.06 -16.78
CA LEU D 224 -34.08 -13.51 -16.88
C LEU D 224 -34.91 -12.62 -17.81
N PHE D 225 -34.45 -11.41 -18.06
CA PHE D 225 -35.14 -10.50 -18.99
C PHE D 225 -34.51 -10.46 -20.37
N GLY D 226 -33.54 -11.33 -20.63
CA GLY D 226 -32.91 -11.39 -21.93
C GLY D 226 -32.02 -10.19 -22.22
N ALA D 227 -31.49 -9.57 -21.16
CA ALA D 227 -30.52 -8.49 -21.29
C ALA D 227 -29.56 -8.51 -20.11
N ILE D 228 -28.40 -7.91 -20.30
CA ILE D 228 -27.46 -7.71 -19.20
C ILE D 228 -27.44 -6.22 -18.90
N TYR D 229 -27.40 -5.90 -17.60
CA TYR D 229 -27.40 -4.54 -17.10
C TYR D 229 -26.01 -4.25 -16.58
N LEU D 230 -25.39 -3.26 -17.21
CA LEU D 230 -24.07 -2.77 -16.87
C LEU D 230 -24.21 -1.37 -16.29
N THR D 231 -23.54 -1.13 -15.17
CA THR D 231 -23.55 0.20 -14.54
C THR D 231 -22.13 0.53 -14.08
N SER D 232 -21.72 1.78 -14.29
CA SER D 232 -20.40 2.21 -13.89
C SER D 232 -20.33 3.68 -13.48
N ALA D 233 -19.29 3.98 -12.71
CA ALA D 233 -18.90 5.37 -12.41
C ALA D 233 -17.44 5.40 -12.03
N ASP D 234 -16.69 6.30 -12.68
CA ASP D 234 -15.25 6.37 -12.47
C ASP D 234 -14.74 7.81 -12.48
N MET D 235 -14.73 8.39 -11.28
CA MET D 235 -14.25 9.73 -11.03
C MET D 235 -12.81 9.66 -10.53
N LEU D 236 -11.91 10.37 -11.21
CA LEU D 236 -10.48 10.26 -10.89
C LEU D 236 -9.94 11.41 -10.09
N GLY D 237 -10.70 12.51 -10.04
CA GLY D 237 -10.29 13.68 -9.25
C GLY D 237 -10.77 14.91 -9.96
N MET D 238 -10.09 16.02 -9.69
CA MET D 238 -10.40 17.38 -10.23
CA MET D 238 -10.42 17.28 -10.34
C MET D 238 -9.24 17.85 -11.10
N VAL D 239 -9.55 18.75 -12.03
CA VAL D 239 -8.59 19.33 -12.95
C VAL D 239 -8.96 20.79 -13.19
N GLY D 240 -8.00 21.54 -13.71
CA GLY D 240 -8.24 22.88 -14.20
C GLY D 240 -8.34 22.90 -15.72
N TYR D 241 -8.22 24.09 -16.26
CA TYR D 241 -8.23 24.36 -17.70
C TYR D 241 -6.79 24.28 -18.23
N ALA D 242 -6.58 23.56 -19.32
CA ALA D 242 -5.27 23.56 -19.97
C ALA D 242 -4.78 24.97 -20.28
N GLY D 243 -3.53 25.25 -19.92
CA GLY D 243 -2.90 26.54 -20.17
C GLY D 243 -3.16 27.57 -19.09
N ASN D 244 -3.94 27.20 -18.09
CA ASN D 244 -4.31 28.12 -17.01
C ASN D 244 -3.80 27.62 -15.66
N PRO D 245 -3.53 28.56 -14.73
CA PRO D 245 -3.31 28.16 -13.33
C PRO D 245 -4.52 27.49 -12.74
N THR D 246 -4.28 26.67 -11.72
CA THR D 246 -5.35 26.02 -10.98
C THR D 246 -4.83 25.75 -9.56
N LEU D 247 -5.72 25.18 -8.75
CA LEU D 247 -5.48 24.94 -7.33
C LEU D 247 -5.19 26.22 -6.58
N SER D 248 -5.98 27.26 -6.89
CA SER D 248 -5.92 28.54 -6.21
C SER D 248 -7.31 29.14 -6.15
N ASP D 249 -7.55 30.02 -5.17
CA ASP D 249 -8.82 30.77 -5.04
C ASP D 249 -9.15 31.51 -6.35
N ALA D 250 -8.16 32.24 -6.89
CA ALA D 250 -8.32 33.00 -8.14
C ALA D 250 -8.89 32.20 -9.31
N TYR D 251 -8.66 30.89 -9.35
CA TYR D 251 -9.14 30.06 -10.48
C TYR D 251 -10.11 28.96 -10.07
N SER D 252 -10.76 29.17 -8.93
CA SER D 252 -11.74 28.21 -8.43
C SER D 252 -12.92 28.06 -9.39
N GLN D 253 -13.26 29.14 -10.09
CA GLN D 253 -14.38 29.08 -11.05
C GLN D 253 -14.15 28.10 -12.23
N GLN D 254 -12.94 27.57 -12.40
CA GLN D 254 -12.64 26.70 -13.54
C GLN D 254 -12.37 25.23 -13.16
N ARG D 255 -12.37 24.92 -11.87
CA ARG D 255 -12.06 23.58 -11.41
C ARG D 255 -13.20 22.58 -11.74
N SER D 256 -12.88 21.46 -12.38
CA SER D 256 -13.85 20.51 -12.91
C SER D 256 -13.53 19.08 -12.50
N VAL D 257 -14.57 18.25 -12.42
CA VAL D 257 -14.41 16.81 -12.19
C VAL D 257 -13.88 16.10 -13.43
N GLN D 258 -12.86 15.27 -13.23
CA GLN D 258 -12.27 14.43 -14.27
C GLN D 258 -12.73 12.99 -14.08
N ALA D 259 -13.33 12.43 -15.12
CA ALA D 259 -13.67 11.02 -15.19
C ALA D 259 -12.74 10.29 -16.15
N ALA D 260 -12.77 8.95 -16.06
CA ALA D 260 -12.10 8.12 -17.03
C ALA D 260 -12.75 8.36 -18.40
N PHE D 261 -12.04 8.02 -19.47
CA PHE D 261 -12.58 8.16 -20.83
C PHE D 261 -13.65 7.11 -21.15
N GLY D 262 -13.63 6.01 -20.41
CA GLY D 262 -14.58 4.93 -20.62
C GLY D 262 -14.24 3.77 -19.70
N ARG D 263 -15.23 2.92 -19.44
CA ARG D 263 -15.01 1.63 -18.79
C ARG D 263 -15.42 0.55 -19.75
N PHE D 264 -14.46 -0.29 -20.11
CA PHE D 264 -14.64 -1.42 -20.98
C PHE D 264 -15.19 -2.58 -20.17
N PHE D 265 -16.11 -3.33 -20.77
CA PHE D 265 -16.64 -4.56 -20.22
C PHE D 265 -16.63 -5.61 -21.32
N ARG D 266 -16.16 -6.81 -21.00
CA ARG D 266 -16.39 -7.99 -21.81
C ARG D 266 -17.02 -9.01 -20.88
N VAL D 267 -18.27 -9.34 -21.14
CA VAL D 267 -19.01 -10.28 -20.31
C VAL D 267 -19.15 -11.59 -21.07
N HIS D 268 -18.86 -12.71 -20.40
CA HIS D 268 -18.97 -14.04 -20.99
C HIS D 268 -20.17 -14.81 -20.42
N PHE D 269 -20.89 -15.45 -21.34
CA PHE D 269 -22.16 -16.13 -21.02
C PHE D 269 -22.15 -17.58 -21.41
N ARG D 270 -22.91 -18.35 -20.64
CA ARG D 270 -23.28 -19.72 -21.00
C ARG D 270 -24.79 -19.78 -20.85
N GLN D 271 -25.37 -20.95 -21.05
CA GLN D 271 -26.80 -21.09 -20.85
C GLN D 271 -27.10 -21.91 -19.59
N ARG D 272 -28.16 -21.50 -18.89
CA ARG D 272 -28.62 -22.14 -17.68
C ARG D 272 -30.11 -22.51 -17.78
N ARG D 273 -30.44 -23.72 -17.40
CA ARG D 273 -31.82 -24.13 -17.27
C ARG D 273 -32.39 -23.65 -15.94
N VAL D 274 -33.56 -23.01 -15.98
CA VAL D 274 -34.25 -22.50 -14.81
C VAL D 274 -35.73 -22.87 -14.91
N LYS D 275 -36.45 -22.81 -13.79
CA LYS D 275 -37.88 -23.16 -13.78
C LYS D 275 -38.74 -22.01 -13.26
N VAL E 7 -7.49 -17.60 -37.75
CA VAL E 7 -6.39 -18.62 -37.75
C VAL E 7 -6.67 -19.71 -36.72
N GLU E 8 -6.56 -20.96 -37.14
CA GLU E 8 -6.83 -22.11 -36.27
C GLU E 8 -5.58 -22.52 -35.53
N VAL E 9 -5.63 -22.55 -34.21
CA VAL E 9 -4.45 -22.87 -33.40
C VAL E 9 -4.44 -24.35 -33.09
N MET E 10 -3.34 -25.02 -33.42
CA MET E 10 -3.21 -26.46 -33.21
C MET E 10 -2.18 -26.70 -32.11
N GLU E 11 -1.35 -27.74 -32.20
CA GLU E 11 -0.52 -28.14 -31.08
C GLU E 11 0.83 -27.42 -31.06
N THR E 12 1.41 -27.29 -29.87
CA THR E 12 2.79 -26.82 -29.73
C THR E 12 3.76 -27.89 -30.21
N VAL E 13 4.90 -27.44 -30.73
CA VAL E 13 5.98 -28.33 -31.13
C VAL E 13 6.72 -28.77 -29.87
N PRO E 14 7.13 -30.05 -29.81
CA PRO E 14 7.94 -30.52 -28.70
C PRO E 14 9.18 -29.66 -28.49
N LEU E 15 9.43 -29.29 -27.24
CA LEU E 15 10.52 -28.40 -26.90
C LEU E 15 11.86 -29.05 -27.19
N SER E 16 12.75 -28.29 -27.83
CA SER E 16 14.14 -28.71 -28.02
C SER E 16 14.96 -27.49 -28.35
N GLU E 17 16.27 -27.67 -28.43
CA GLU E 17 17.21 -26.60 -28.73
C GLU E 17 16.75 -25.78 -29.91
N ASP E 18 16.31 -26.46 -30.97
CA ASP E 18 15.94 -25.79 -32.22
C ASP E 18 14.51 -25.23 -32.28
N THR E 19 13.67 -25.58 -31.30
CA THR E 19 12.27 -25.17 -31.32
C THR E 19 11.91 -24.17 -30.23
N ILE E 20 12.94 -23.58 -29.59
CA ILE E 20 12.77 -22.48 -28.66
C ILE E 20 13.66 -21.31 -29.07
N TYR E 21 13.38 -20.14 -28.53
CA TYR E 21 14.14 -18.96 -28.84
C TYR E 21 13.88 -17.94 -27.77
N LYS E 22 14.79 -16.99 -27.63
CA LYS E 22 14.52 -15.83 -26.80
C LYS E 22 15.06 -14.56 -27.42
N VAL E 23 14.33 -13.48 -27.19
CA VAL E 23 14.66 -12.14 -27.66
C VAL E 23 14.97 -11.29 -26.42
N GLU E 24 16.11 -10.59 -26.43
CA GLU E 24 16.34 -9.54 -25.40
C GLU E 24 16.41 -8.18 -26.04
N ALA E 25 15.80 -7.19 -25.40
CA ALA E 25 15.83 -5.79 -25.89
C ALA E 25 15.74 -4.84 -24.72
N ILE E 26 16.34 -3.67 -24.89
CA ILE E 26 16.05 -2.54 -24.04
C ILE E 26 15.41 -1.45 -24.91
N LEU E 27 14.15 -1.16 -24.61
CA LEU E 27 13.45 -0.06 -25.24
C LEU E 27 13.83 1.23 -24.54
N LEU E 28 14.23 2.23 -25.32
CA LEU E 28 14.75 3.47 -24.76
C LEU E 28 13.70 4.56 -24.80
N PRO E 29 13.69 5.46 -23.79
CA PRO E 29 12.70 6.55 -23.79
C PRO E 29 12.83 7.48 -25.00
N ASN E 30 11.68 7.94 -25.45
CA ASN E 30 11.52 8.60 -26.72
C ASN E 30 10.61 9.83 -26.59
N PHE E 31 11.17 11.00 -26.86
CA PHE E 31 10.40 12.25 -26.85
C PHE E 31 10.46 12.81 -28.26
N ALA E 32 9.92 12.05 -29.19
CA ALA E 32 10.09 12.31 -30.62
C ALA E 32 9.79 13.74 -31.07
N SER E 33 10.48 14.18 -32.10
CA SER E 33 10.19 15.47 -32.76
C SER E 33 9.34 15.28 -34.03
N GLY E 34 9.06 14.03 -34.38
CA GLY E 34 8.27 13.71 -35.56
C GLY E 34 8.11 12.21 -35.79
N SER E 35 7.34 11.87 -36.83
CA SER E 35 6.95 10.49 -37.17
C SER E 35 8.16 9.55 -37.30
N ASN E 36 9.10 9.96 -38.15
CA ASN E 36 10.28 9.16 -38.51
C ASN E 36 11.54 9.52 -37.71
N THR E 37 11.36 10.25 -36.60
CA THR E 37 12.50 10.71 -35.82
C THR E 37 12.24 10.52 -34.32
N ALA E 38 12.53 9.31 -33.82
CA ALA E 38 12.60 9.08 -32.37
C ALA E 38 13.83 9.79 -31.82
N VAL E 39 13.68 10.38 -30.63
CA VAL E 39 14.82 11.00 -29.98
C VAL E 39 15.03 10.33 -28.63
N TYR E 40 16.11 9.54 -28.51
CA TYR E 40 16.31 8.77 -27.25
C TYR E 40 16.99 9.61 -26.17
N GLN E 41 16.20 9.99 -25.17
CA GLN E 41 16.70 10.82 -24.07
C GLN E 41 15.80 10.50 -22.89
N SER E 42 16.34 10.48 -21.68
CA SER E 42 15.50 10.16 -20.52
C SER E 42 14.84 11.38 -19.85
N ARG E 43 15.24 12.58 -20.23
CA ARG E 43 14.51 13.78 -19.83
C ARG E 43 14.08 14.56 -21.04
N GLY E 44 12.85 15.04 -21.00
CA GLY E 44 12.34 15.86 -22.09
C GLY E 44 12.92 17.24 -22.07
N ALA E 45 12.72 17.95 -23.17
CA ALA E 45 12.93 19.38 -23.20
C ALA E 45 11.97 19.97 -22.18
N PRO E 46 12.26 21.17 -21.66
CA PRO E 46 11.37 21.72 -20.66
C PRO E 46 9.91 21.75 -21.11
N TYR E 47 9.03 21.34 -20.20
CA TYR E 47 7.59 21.23 -20.44
C TYR E 47 6.92 22.57 -20.18
N THR E 48 6.51 23.22 -21.25
CA THR E 48 5.96 24.58 -21.13
C THR E 48 4.49 24.52 -20.77
N PHE E 49 3.98 25.56 -20.13
CA PHE E 49 2.62 25.56 -19.60
C PHE E 49 1.57 26.07 -20.57
N THR E 50 1.90 26.12 -21.86
CA THR E 50 1.01 26.62 -22.91
C THR E 50 -0.19 25.70 -23.12
N ASP E 51 -1.01 26.06 -24.09
CA ASP E 51 -2.16 25.26 -24.50
C ASP E 51 -1.87 24.08 -25.44
N THR E 52 -0.59 23.81 -25.76
CA THR E 52 -0.23 22.83 -26.79
C THR E 52 0.73 21.76 -26.30
N LEU E 53 0.50 20.51 -26.67
CA LEU E 53 1.48 19.43 -26.41
C LEU E 53 2.51 19.49 -27.49
N ASP E 54 3.78 19.59 -27.07
CA ASP E 54 4.88 19.87 -27.96
C ASP E 54 5.75 18.64 -28.16
N ALA E 55 6.23 18.46 -29.37
CA ALA E 55 7.24 17.45 -29.64
C ALA E 55 8.51 17.84 -28.86
N GLY E 56 9.22 16.85 -28.35
CA GLY E 56 10.42 17.09 -27.55
C GLY E 56 10.20 17.13 -26.04
N SER E 57 9.04 17.62 -25.57
CA SER E 57 8.76 17.67 -24.13
C SER E 57 7.72 16.66 -23.68
N SER E 58 6.94 16.11 -24.61
CA SER E 58 5.95 15.08 -24.26
C SER E 58 6.48 13.67 -24.58
N LEU E 59 6.44 12.80 -23.59
CA LEU E 59 6.90 11.43 -23.78
C LEU E 59 5.95 10.68 -24.72
N CYS E 60 6.55 9.94 -25.64
CA CYS E 60 5.84 9.11 -26.59
C CYS E 60 6.11 7.64 -26.32
N TYR E 61 5.25 6.78 -26.83
CA TYR E 61 5.55 5.36 -26.81
C TYR E 61 6.85 5.08 -27.54
N THR E 62 7.58 4.08 -27.03
CA THR E 62 8.72 3.52 -27.73
C THR E 62 8.27 2.19 -28.31
N LEU E 63 8.66 1.93 -29.55
CA LEU E 63 8.30 0.66 -30.19
C LEU E 63 9.56 -0.02 -30.68
N ALA E 64 9.56 -1.35 -30.65
CA ALA E 64 10.59 -2.12 -31.30
C ALA E 64 9.93 -3.30 -32.01
N VAL E 65 10.39 -3.57 -33.22
CA VAL E 65 9.94 -4.72 -33.99
C VAL E 65 11.14 -5.61 -34.17
N VAL E 66 11.15 -6.76 -33.50
CA VAL E 66 12.33 -7.61 -33.51
C VAL E 66 12.06 -8.83 -34.34
N ASN E 67 12.80 -8.97 -35.44
CA ASN E 67 12.64 -10.12 -36.33
C ASN E 67 13.10 -11.41 -35.66
N LEU E 68 12.36 -12.49 -35.92
CA LEU E 68 12.63 -13.82 -35.39
C LEU E 68 13.19 -14.71 -36.49
N PRO E 69 13.97 -15.74 -36.12
CA PRO E 69 14.54 -16.60 -37.15
C PRO E 69 13.48 -17.26 -38.02
N GLU E 70 13.82 -17.46 -39.28
CA GLU E 70 13.02 -18.29 -40.16
C GLU E 70 12.96 -19.72 -39.60
N ILE E 71 11.78 -20.32 -39.67
CA ILE E 71 11.59 -21.72 -39.33
C ILE E 71 11.52 -22.52 -40.63
N PRO E 72 12.46 -23.46 -40.85
CA PRO E 72 12.56 -24.26 -42.09
C PRO E 72 11.26 -24.88 -42.63
N THR E 79 -0.83 -26.37 -43.11
CA THR E 79 -0.45 -25.88 -41.78
C THR E 79 1.00 -25.40 -41.71
N LEU E 80 1.26 -24.50 -40.76
CA LEU E 80 2.49 -23.71 -40.70
C LEU E 80 2.98 -23.54 -39.24
N LEU E 81 4.30 -23.62 -39.04
CA LEU E 81 4.90 -23.38 -37.73
C LEU E 81 5.23 -21.91 -37.56
N VAL E 82 4.84 -21.36 -36.41
CA VAL E 82 5.19 -19.98 -36.07
C VAL E 82 5.75 -19.93 -34.66
N TRP E 83 6.53 -18.90 -34.38
CA TRP E 83 7.01 -18.68 -33.04
C TRP E 83 5.87 -18.18 -32.15
N GLU E 84 5.82 -18.72 -30.95
CA GLU E 84 4.81 -18.35 -29.95
C GLU E 84 5.50 -17.84 -28.70
N ALA E 85 5.29 -16.57 -28.35
CA ALA E 85 5.86 -16.05 -27.13
C ALA E 85 4.93 -16.43 -25.98
N PHE E 86 5.47 -17.16 -25.01
CA PHE E 86 4.62 -17.67 -23.92
C PHE E 86 4.91 -17.03 -22.56
N ARG E 87 6.02 -16.30 -22.44
CA ARG E 87 6.31 -15.56 -21.21
C ARG E 87 7.36 -14.49 -21.46
N VAL E 88 7.34 -13.49 -20.57
CA VAL E 88 8.24 -12.36 -20.68
C VAL E 88 8.75 -11.92 -19.31
N GLU E 89 10.02 -11.53 -19.27
CA GLU E 89 10.57 -10.81 -18.12
C GLU E 89 10.71 -9.36 -18.59
N THR E 90 10.20 -8.43 -17.80
CA THR E 90 10.36 -7.01 -18.14
C THR E 90 10.64 -6.21 -16.88
N GLU E 91 11.59 -5.31 -16.99
CA GLU E 91 12.14 -4.59 -15.85
C GLU E 91 12.56 -3.19 -16.25
N LEU E 92 12.36 -2.23 -15.36
CA LEU E 92 12.80 -0.85 -15.57
C LEU E 92 14.19 -0.60 -15.03
N ILE E 93 14.95 0.20 -15.77
CA ILE E 93 16.31 0.54 -15.41
C ILE E 93 16.29 2.00 -14.97
N PHE E 94 16.67 2.26 -13.72
CA PHE E 94 16.62 3.62 -13.18
C PHE E 94 17.55 3.69 -12.00
N THR E 95 17.83 4.91 -11.55
CA THR E 95 18.65 5.17 -10.38
C THR E 95 17.92 6.26 -9.56
N PRO E 96 18.18 6.34 -8.25
CA PRO E 96 17.59 7.44 -7.46
C PRO E 96 18.12 8.81 -7.93
N GLN E 97 17.20 9.78 -8.02
CA GLN E 97 17.55 11.13 -8.43
C GLN E 97 17.43 12.02 -7.22
N LEU E 98 18.52 12.67 -6.84
CA LEU E 98 18.50 13.59 -5.73
C LEU E 98 18.78 14.95 -6.31
N GLY E 99 20.02 15.43 -6.20
CA GLY E 99 20.43 16.73 -6.69
C GLY E 99 20.48 16.85 -8.20
N SER E 100 20.45 15.74 -8.92
CA SER E 100 20.42 15.75 -10.38
C SER E 100 19.17 16.40 -10.89
N ALA E 101 18.16 16.48 -10.02
CA ALA E 101 16.87 17.03 -10.36
C ALA E 101 16.67 18.47 -9.89
N GLY E 102 17.70 19.09 -9.34
CA GLY E 102 17.58 20.41 -8.71
C GLY E 102 17.30 20.31 -7.23
N TYR E 103 17.04 21.45 -6.61
CA TYR E 103 16.71 21.48 -5.18
C TYR E 103 15.48 22.35 -4.94
N ILE E 104 14.82 22.16 -3.80
CA ILE E 104 13.64 22.96 -3.45
C ILE E 104 14.12 23.98 -2.45
N ARG E 105 14.14 25.26 -2.85
CA ARG E 105 14.78 26.24 -2.02
C ARG E 105 14.09 26.39 -0.66
N ALA E 106 12.77 26.48 -0.67
CA ALA E 106 12.00 26.71 0.55
C ALA E 106 12.21 25.58 1.56
N GLN E 107 12.34 24.36 1.07
CA GLN E 107 12.52 23.19 1.93
C GLN E 107 13.98 22.79 2.17
N GLY E 108 14.95 23.54 1.63
CA GLY E 108 16.39 23.21 1.79
C GLY E 108 16.79 21.74 1.55
N THR E 109 16.30 21.15 0.47
CA THR E 109 16.53 19.72 0.25
C THR E 109 16.52 19.41 -1.27
N PRO E 110 17.18 18.32 -1.68
CA PRO E 110 17.10 17.92 -3.09
C PRO E 110 15.68 17.70 -3.57
N ALA E 111 15.42 18.03 -4.84
CA ALA E 111 14.07 17.93 -5.35
C ALA E 111 13.62 16.49 -5.66
N GLY E 112 14.51 15.69 -6.22
CA GLY E 112 14.16 14.37 -6.67
C GLY E 112 13.20 14.40 -7.84
N VAL E 113 12.66 13.24 -8.15
CA VAL E 113 11.63 13.11 -9.19
C VAL E 113 10.28 12.91 -8.52
N GLU E 114 9.28 13.64 -8.98
CA GLU E 114 7.91 13.48 -8.49
C GLU E 114 6.91 14.08 -9.48
N GLY E 115 5.68 13.57 -9.42
CA GLY E 115 4.62 13.99 -10.33
C GLY E 115 3.83 12.83 -10.88
N SER E 116 3.06 13.10 -11.93
CA SER E 116 2.23 12.06 -12.52
C SER E 116 3.10 11.09 -13.30
N GLN E 117 2.64 9.84 -13.36
CA GLN E 117 3.42 8.72 -13.82
C GLN E 117 2.61 7.82 -14.73
N MET E 118 3.33 7.13 -15.60
CA MET E 118 2.78 6.01 -16.36
C MET E 118 3.84 4.94 -16.53
N TYR E 119 3.43 3.71 -16.29
CA TYR E 119 4.26 2.53 -16.45
C TYR E 119 3.50 1.62 -17.39
N PHE E 120 4.11 1.28 -18.52
CA PHE E 120 3.42 0.54 -19.55
C PHE E 120 4.31 -0.35 -20.37
N TRP E 121 3.85 -1.57 -20.59
CA TRP E 121 4.49 -2.47 -21.54
C TRP E 121 3.45 -3.26 -22.34
N ALA E 122 3.83 -3.62 -23.56
CA ALA E 122 3.03 -4.50 -24.40
C ALA E 122 3.92 -5.41 -25.22
N CYS E 123 3.40 -6.60 -25.50
CA CYS E 123 4.07 -7.63 -26.30
CA CYS E 123 4.08 -7.60 -26.28
C CYS E 123 3.02 -8.18 -27.23
N GLY E 124 3.28 -8.14 -28.53
CA GLY E 124 2.26 -8.57 -29.48
C GLY E 124 2.80 -9.08 -30.78
N GLY E 125 1.92 -9.67 -31.58
CA GLY E 125 2.26 -10.19 -32.91
C GLY E 125 2.10 -9.16 -34.00
N SER E 126 1.64 -7.96 -33.63
CA SER E 126 1.45 -6.82 -34.53
C SER E 126 1.42 -5.57 -33.66
N PRO E 127 1.39 -4.37 -34.29
CA PRO E 127 1.51 -3.16 -33.48
C PRO E 127 0.38 -2.96 -32.48
N LEU E 128 0.65 -2.23 -31.41
CA LEU E 128 -0.34 -1.91 -30.39
C LEU E 128 -1.47 -1.06 -30.95
N ASP E 129 -2.71 -1.46 -30.67
CA ASP E 129 -3.87 -0.64 -31.05
C ASP E 129 -4.12 0.38 -29.95
N VAL E 130 -4.32 1.64 -30.34
CA VAL E 130 -4.59 2.70 -29.37
C VAL E 130 -5.81 3.56 -29.76
N ILE E 131 -6.35 4.24 -28.74
CA ILE E 131 -7.41 5.24 -28.86
C ILE E 131 -6.81 6.61 -28.50
N GLY E 132 -7.07 7.61 -29.34
CA GLY E 132 -6.54 8.95 -29.14
C GLY E 132 -7.63 9.90 -28.73
N ILE E 133 -7.47 10.52 -27.55
CA ILE E 133 -8.47 11.42 -27.02
C ILE E 133 -7.83 12.70 -26.51
N ASN E 134 -8.33 13.82 -27.01
CA ASN E 134 -7.94 15.13 -26.51
C ASN E 134 -8.74 15.38 -25.25
N PRO E 135 -8.09 15.51 -24.09
CA PRO E 135 -8.85 15.65 -22.84
C PRO E 135 -9.51 17.02 -22.59
N ASP E 136 -9.12 18.05 -23.35
CA ASP E 136 -9.70 19.41 -23.18
C ASP E 136 -9.69 20.12 -24.54
N PRO E 137 -10.48 19.62 -25.50
CA PRO E 137 -10.32 20.01 -26.91
C PRO E 137 -10.63 21.49 -27.20
N GLU E 138 -11.49 22.10 -26.39
CA GLU E 138 -11.74 23.54 -26.51
C GLU E 138 -10.50 24.37 -26.27
N ARG E 139 -9.58 23.87 -25.44
CA ARG E 139 -8.37 24.61 -25.08
C ARG E 139 -7.07 23.98 -25.53
N MET E 140 -7.04 22.67 -25.71
CA MET E 140 -5.76 22.02 -25.88
C MET E 140 -5.51 21.61 -27.31
N ASN E 141 -4.27 21.79 -27.75
CA ASN E 141 -3.86 21.44 -29.10
C ASN E 141 -2.71 20.44 -29.05
N VAL E 142 -2.56 19.66 -30.13
CA VAL E 142 -1.42 18.77 -30.33
C VAL E 142 -0.57 19.30 -31.49
N ALA E 143 0.71 19.55 -31.21
CA ALA E 143 1.63 20.10 -32.22
C ALA E 143 1.75 19.19 -33.44
N ALA E 144 2.05 19.80 -34.58
CA ALA E 144 2.11 19.09 -35.87
C ALA E 144 3.04 17.85 -35.87
N GLY E 145 4.11 17.89 -35.07
CA GLY E 145 5.07 16.78 -35.01
C GLY E 145 4.59 15.56 -34.22
N LEU E 146 3.49 15.70 -33.49
CA LEU E 146 2.91 14.60 -32.72
C LEU E 146 1.62 14.12 -33.39
N GLU E 147 1.29 12.83 -33.21
CA GLU E 147 0.02 12.29 -33.66
C GLU E 147 -1.06 12.72 -32.69
N GLY E 148 -2.12 13.30 -33.24
CA GLY E 148 -3.26 13.75 -32.45
C GLY E 148 -4.53 13.09 -32.93
N PRO E 149 -5.60 13.22 -32.16
CA PRO E 149 -6.89 12.75 -32.65
C PRO E 149 -7.36 13.50 -33.88
N SER E 150 -8.19 12.84 -34.71
CA SER E 150 -8.84 13.53 -35.81
CA SER E 150 -8.86 13.52 -35.82
C SER E 150 -9.72 14.65 -35.26
N LYS E 151 -9.93 15.68 -36.07
CA LYS E 151 -10.66 16.88 -35.68
C LYS E 151 -12.08 16.79 -36.18
N GLU E 152 -12.86 15.88 -35.62
CA GLU E 152 -14.21 15.57 -36.12
C GLU E 152 -15.32 15.90 -35.12
N ASN E 153 -15.04 16.83 -34.21
CA ASN E 153 -16.01 17.28 -33.20
C ASN E 153 -16.53 16.16 -32.31
N GLN E 154 -15.80 15.05 -32.24
CA GLN E 154 -16.16 13.96 -31.33
C GLN E 154 -16.02 14.43 -29.88
N PRO E 155 -16.86 13.89 -28.98
CA PRO E 155 -16.68 14.18 -27.55
C PRO E 155 -15.44 13.47 -26.99
N SER E 156 -14.98 13.96 -25.83
CA SER E 156 -13.74 13.57 -25.14
C SER E 156 -13.82 12.24 -24.41
N VAL E 157 -14.34 11.23 -25.10
CA VAL E 157 -14.57 9.94 -24.48
C VAL E 157 -14.17 8.82 -25.44
N ALA E 158 -14.14 7.59 -24.91
CA ALA E 158 -13.65 6.46 -25.70
C ALA E 158 -14.79 5.78 -26.42
N GLY E 159 -15.57 6.55 -27.15
CA GLY E 159 -16.71 6.01 -27.90
C GLY E 159 -16.34 5.61 -29.31
N ILE E 160 -17.38 5.34 -30.07
CA ILE E 160 -17.29 4.83 -31.43
C ILE E 160 -16.56 5.83 -32.34
N LYS E 161 -16.70 7.12 -32.04
CA LYS E 161 -16.09 8.14 -32.90
C LYS E 161 -14.67 8.49 -32.50
N ALA E 162 -14.13 7.88 -31.45
CA ALA E 162 -12.80 8.24 -30.98
C ALA E 162 -11.78 7.75 -32.00
N THR E 163 -10.70 8.49 -32.14
CA THR E 163 -9.69 8.18 -33.14
C THR E 163 -8.96 6.90 -32.78
N ARG E 164 -8.96 5.92 -33.68
CA ARG E 164 -8.25 4.68 -33.43
C ARG E 164 -7.13 4.50 -34.47
N LYS E 165 -5.93 4.19 -33.96
CA LYS E 165 -4.74 3.98 -34.77
C LYS E 165 -3.88 2.89 -34.17
N GLN E 166 -2.81 2.54 -34.86
CA GLN E 166 -1.80 1.61 -34.34
C GLN E 166 -0.50 2.34 -34.06
N VAL E 167 0.25 1.94 -33.03
CA VAL E 167 1.52 2.59 -32.74
C VAL E 167 2.61 2.02 -33.65
N THR E 168 2.77 2.66 -34.80
CA THR E 168 3.72 2.22 -35.81
C THR E 168 4.79 3.26 -36.05
N ALA E 169 4.80 4.32 -35.25
CA ALA E 169 5.81 5.36 -35.38
C ALA E 169 6.19 5.92 -34.03
N ALA E 170 7.16 6.82 -34.03
CA ALA E 170 7.79 7.29 -32.81
C ALA E 170 7.05 8.46 -32.14
N ASN E 171 5.99 8.96 -32.75
CA ASN E 171 5.42 10.24 -32.30
C ASN E 171 3.98 10.13 -31.76
N PHE E 172 3.71 9.04 -31.04
CA PHE E 172 2.45 8.89 -30.30
C PHE E 172 2.60 9.27 -28.82
N PRO E 173 2.14 10.48 -28.46
CA PRO E 173 2.29 10.94 -27.07
C PRO E 173 1.37 10.23 -26.11
N ILE E 174 1.90 9.85 -24.95
CA ILE E 174 1.12 9.12 -23.96
C ILE E 174 0.03 10.00 -23.33
N GLU E 175 0.17 11.31 -23.45
CA GLU E 175 -0.85 12.23 -22.96
C GLU E 175 -2.09 12.27 -23.90
N ILE E 176 -2.04 11.54 -25.00
CA ILE E 176 -3.19 11.42 -25.92
C ILE E 176 -3.67 9.98 -26.12
N TRP E 177 -2.73 9.02 -26.25
CA TRP E 177 -3.06 7.68 -26.78
C TRP E 177 -3.06 6.58 -25.74
N SER E 178 -4.21 5.90 -25.59
CA SER E 178 -4.38 4.82 -24.62
CA SER E 178 -4.31 4.80 -24.63
C SER E 178 -4.56 3.47 -25.34
N ALA E 179 -4.03 2.39 -24.76
CA ALA E 179 -4.25 1.06 -25.32
C ALA E 179 -5.74 0.80 -25.52
N ASP E 180 -6.08 0.20 -26.64
CA ASP E 180 -7.47 -0.06 -27.02
C ASP E 180 -7.91 -1.47 -26.59
N PRO E 181 -8.74 -1.58 -25.54
CA PRO E 181 -9.18 -2.91 -25.09
C PRO E 181 -10.20 -3.60 -26.00
N THR E 182 -10.73 -2.89 -26.98
CA THR E 182 -11.63 -3.49 -27.96
C THR E 182 -10.86 -4.21 -29.05
N ARG E 183 -9.54 -4.03 -29.08
CA ARG E 183 -8.69 -4.63 -30.09
C ARG E 183 -7.54 -5.34 -29.38
N ASN E 184 -6.32 -5.25 -29.90
CA ASN E 184 -5.15 -5.90 -29.29
C ASN E 184 -5.34 -7.40 -29.04
N GLU E 185 -5.97 -8.07 -29.99
CA GLU E 185 -6.29 -9.49 -29.79
C GLU E 185 -5.07 -10.41 -29.74
N ASN E 186 -3.96 -10.06 -30.37
CA ASN E 186 -2.83 -11.02 -30.32
C ASN E 186 -1.68 -10.35 -29.59
N CYS E 187 -2.01 -9.80 -28.42
CA CYS E 187 -1.15 -8.91 -27.66
C CYS E 187 -1.51 -8.96 -26.19
N ARG E 188 -0.50 -8.89 -25.31
CA ARG E 188 -0.75 -8.66 -23.91
C ARG E 188 -0.14 -7.33 -23.55
N TYR E 189 -0.85 -6.58 -22.72
CA TYR E 189 -0.34 -5.29 -22.26
C TYR E 189 -0.73 -5.06 -20.81
N PHE E 190 0.08 -4.26 -20.11
CA PHE E 190 -0.19 -3.87 -18.74
C PHE E 190 0.20 -2.41 -18.57
N GLY E 191 -0.66 -1.63 -17.92
CA GLY E 191 -0.40 -0.23 -17.68
C GLY E 191 -0.79 0.21 -16.27
N ARG E 192 -0.13 1.26 -15.78
CA ARG E 192 -0.50 1.83 -14.51
C ARG E 192 -0.26 3.33 -14.62
N ILE E 193 -1.28 4.10 -14.30
CA ILE E 193 -1.19 5.56 -14.32
C ILE E 193 -1.38 6.08 -12.93
N VAL E 194 -0.51 7.01 -12.52
CA VAL E 194 -0.61 7.66 -11.24
C VAL E 194 -0.75 9.17 -11.51
N GLY E 195 -1.75 9.78 -10.91
CA GLY E 195 -1.95 11.23 -11.01
C GLY E 195 -1.21 12.02 -9.96
N GLY E 196 -1.66 13.25 -9.73
CA GLY E 196 -1.11 14.13 -8.72
C GLY E 196 0.04 15.00 -9.24
N SER E 197 0.19 16.18 -8.66
CA SER E 197 1.22 17.11 -9.10
C SER E 197 2.64 16.76 -8.64
N VAL E 198 2.77 16.11 -7.48
CA VAL E 198 4.08 15.87 -6.87
C VAL E 198 4.17 14.45 -6.26
N THR E 199 3.49 13.51 -6.88
CA THR E 199 3.42 12.17 -6.34
C THR E 199 4.77 11.46 -6.50
N PRO E 200 5.25 10.80 -5.44
CA PRO E 200 6.53 10.07 -5.57
C PRO E 200 6.36 8.84 -6.43
N PRO E 201 7.29 8.61 -7.38
CA PRO E 201 7.29 7.32 -8.07
C PRO E 201 7.91 6.19 -7.23
N VAL E 202 7.45 4.97 -7.49
CA VAL E 202 8.03 3.77 -6.89
C VAL E 202 8.39 2.83 -8.04
N VAL E 203 9.67 2.49 -8.14
CA VAL E 203 10.16 1.58 -9.17
C VAL E 203 10.80 0.36 -8.50
N SER E 204 10.21 -0.82 -8.70
CA SER E 204 10.77 -2.05 -8.18
C SER E 204 11.35 -2.79 -9.36
N PHE E 205 12.48 -3.46 -9.15
CA PHE E 205 13.14 -4.17 -10.24
C PHE E 205 13.94 -5.33 -9.67
N GLY E 206 14.24 -6.30 -10.53
CA GLY E 206 14.98 -7.47 -10.09
C GLY E 206 15.17 -8.37 -11.30
N ASN E 207 15.67 -9.56 -11.09
CA ASN E 207 15.90 -10.47 -12.20
C ASN E 207 15.38 -11.84 -11.93
N GLN E 208 14.30 -11.91 -11.14
CA GLN E 208 13.74 -13.18 -10.75
C GLN E 208 12.27 -13.32 -11.16
N SER E 209 11.63 -12.26 -11.64
CA SER E 209 10.19 -12.37 -11.93
CA SER E 209 10.19 -12.30 -11.93
C SER E 209 9.94 -12.56 -13.40
N THR E 210 8.85 -13.23 -13.70
CA THR E 210 8.45 -13.51 -15.05
C THR E 210 6.93 -13.42 -15.13
N THR E 211 6.42 -13.08 -16.31
CA THR E 211 4.99 -12.88 -16.52
C THR E 211 4.53 -13.78 -17.65
N PRO E 212 3.50 -14.61 -17.39
CA PRO E 212 3.04 -15.46 -18.50
C PRO E 212 2.26 -14.68 -19.53
N LEU E 213 2.34 -15.12 -20.79
CA LEU E 213 1.64 -14.49 -21.88
C LEU E 213 0.52 -15.37 -22.43
N VAL E 214 0.31 -16.54 -21.84
CA VAL E 214 -0.70 -17.46 -22.38
C VAL E 214 -2.09 -17.10 -21.88
N ASP E 215 -3.07 -17.26 -22.76
CA ASP E 215 -4.47 -17.05 -22.41
C ASP E 215 -5.07 -18.29 -21.74
N GLU E 216 -6.38 -18.27 -21.57
CA GLU E 216 -7.15 -19.34 -20.95
C GLU E 216 -6.97 -20.70 -21.61
N ASN E 217 -6.66 -20.72 -22.90
CA ASN E 217 -6.43 -21.96 -23.64
C ASN E 217 -4.97 -22.36 -23.78
N GLY E 218 -4.07 -21.70 -23.04
CA GLY E 218 -2.64 -21.98 -23.11
C GLY E 218 -1.95 -21.41 -24.33
N VAL E 219 -2.59 -20.44 -24.99
CA VAL E 219 -2.05 -19.86 -26.20
C VAL E 219 -1.45 -18.49 -25.94
N GLY E 220 -0.20 -18.33 -26.37
CA GLY E 220 0.55 -17.11 -26.14
C GLY E 220 0.41 -16.21 -27.35
N ILE E 221 1.43 -15.40 -27.57
CA ILE E 221 1.45 -14.49 -28.71
C ILE E 221 1.99 -15.20 -29.94
N LEU E 222 1.15 -15.30 -30.97
CA LEU E 222 1.49 -15.99 -32.21
C LEU E 222 2.11 -14.99 -33.19
N CYS E 223 3.39 -15.17 -33.49
CA CYS E 223 4.11 -14.20 -34.29
C CYS E 223 3.94 -14.50 -35.77
N LEU E 224 2.74 -14.21 -36.26
CA LEU E 224 2.34 -14.56 -37.62
C LEU E 224 3.16 -13.84 -38.70
N PHE E 225 3.71 -12.68 -38.39
CA PHE E 225 4.53 -11.93 -39.34
C PHE E 225 6.04 -12.14 -39.12
N GLY E 226 6.40 -13.13 -38.31
CA GLY E 226 7.80 -13.46 -38.07
C GLY E 226 8.57 -12.44 -37.25
N ALA E 227 7.85 -11.67 -36.43
CA ALA E 227 8.47 -10.64 -35.58
C ALA E 227 7.67 -10.51 -34.30
N ILE E 228 8.33 -10.04 -33.23
CA ILE E 228 7.64 -9.72 -32.00
C ILE E 228 7.63 -8.19 -31.93
N TYR E 229 6.47 -7.63 -31.54
CA TYR E 229 6.28 -6.18 -31.45
C TYR E 229 6.26 -5.79 -29.99
N LEU E 230 7.25 -4.99 -29.58
CA LEU E 230 7.36 -4.52 -28.20
C LEU E 230 7.03 -3.04 -28.15
N THR E 231 6.25 -2.66 -27.15
CA THR E 231 5.87 -1.26 -26.99
C THR E 231 5.94 -0.92 -25.48
N SER E 232 6.48 0.26 -25.17
CA SER E 232 6.58 0.68 -23.79
C SER E 232 6.46 2.19 -23.63
N ALA E 233 6.13 2.60 -22.41
CA ALA E 233 6.21 4.00 -21.99
C ALA E 233 6.30 4.02 -20.48
N ASP E 234 7.32 4.74 -19.97
CA ASP E 234 7.61 4.80 -18.55
C ASP E 234 8.02 6.22 -18.08
N MET E 235 7.03 6.95 -17.62
CA MET E 235 7.18 8.31 -17.11
C MET E 235 7.14 8.26 -15.58
N LEU E 236 8.19 8.78 -14.95
CA LEU E 236 8.37 8.68 -13.51
C LEU E 236 8.01 9.93 -12.74
N GLY E 237 7.87 11.05 -13.46
CA GLY E 237 7.46 12.31 -12.88
C GLY E 237 8.18 13.44 -13.60
N MET E 238 8.37 14.53 -12.85
CA MET E 238 9.03 15.75 -13.32
CA MET E 238 9.11 15.66 -13.38
C MET E 238 10.28 16.04 -12.49
N VAL E 239 11.21 16.77 -13.09
CA VAL E 239 12.47 17.15 -12.47
C VAL E 239 12.88 18.56 -12.93
N GLY E 240 13.76 19.20 -12.17
CA GLY E 240 14.41 20.41 -12.60
C GLY E 240 15.80 20.13 -13.17
N TYR E 241 16.58 21.20 -13.24
CA TYR E 241 17.96 21.21 -13.71
C TYR E 241 18.89 20.96 -12.51
N ALA E 242 19.88 20.09 -12.69
CA ALA E 242 20.90 19.92 -11.66
C ALA E 242 21.55 21.24 -11.28
N GLY E 243 21.71 21.48 -9.99
CA GLY E 243 22.32 22.70 -9.50
C GLY E 243 21.41 23.91 -9.37
N ASN E 244 20.15 23.76 -9.78
CA ASN E 244 19.21 24.88 -9.77
C ASN E 244 18.01 24.63 -8.89
N PRO E 245 17.39 25.70 -8.38
CA PRO E 245 16.10 25.53 -7.70
C PRO E 245 15.03 25.03 -8.67
N THR E 246 14.02 24.37 -8.14
CA THR E 246 12.87 23.92 -8.91
C THR E 246 11.63 23.86 -8.02
N LEU E 247 10.48 23.51 -8.59
CA LEU E 247 9.18 23.51 -7.86
C LEU E 247 8.84 24.87 -7.30
N SER E 248 9.07 25.90 -8.12
CA SER E 248 8.66 27.27 -7.83
C SER E 248 8.25 27.94 -9.15
N ASP E 249 7.41 28.97 -9.07
CA ASP E 249 7.06 29.75 -10.25
C ASP E 249 8.31 30.21 -11.00
N ALA E 250 9.28 30.75 -10.26
CA ALA E 250 10.48 31.33 -10.87
C ALA E 250 11.22 30.37 -11.81
N TYR E 251 11.13 29.05 -11.58
CA TYR E 251 11.90 28.07 -12.36
C TYR E 251 11.04 27.08 -13.15
N SER E 252 9.80 27.46 -13.43
CA SER E 252 8.91 26.58 -14.20
C SER E 252 9.42 26.37 -15.62
N GLN E 253 10.08 27.39 -16.17
CA GLN E 253 10.66 27.27 -17.50
C GLN E 253 11.67 26.11 -17.66
N GLN E 254 12.14 25.52 -16.57
CA GLN E 254 13.13 24.44 -16.66
C GLN E 254 12.59 23.08 -16.27
N ARG E 255 11.34 23.01 -15.86
CA ARG E 255 10.76 21.77 -15.38
C ARG E 255 10.51 20.77 -16.55
N SER E 256 10.98 19.54 -16.40
CA SER E 256 11.00 18.54 -17.49
C SER E 256 10.47 17.19 -17.04
N VAL E 257 9.92 16.44 -18.00
CA VAL E 257 9.50 15.07 -17.76
C VAL E 257 10.72 14.15 -17.65
N GLN E 258 10.67 13.30 -16.62
CA GLN E 258 11.69 12.25 -16.36
C GLN E 258 11.10 10.89 -16.72
N ALA E 259 11.78 10.21 -17.63
CA ALA E 259 11.46 8.83 -17.97
C ALA E 259 12.48 7.89 -17.36
N ALA E 260 12.17 6.60 -17.29
CA ALA E 260 13.17 5.60 -16.96
C ALA E 260 14.30 5.61 -18.01
N PHE E 261 15.46 5.08 -17.67
CA PHE E 261 16.55 5.01 -18.64
C PHE E 261 16.34 3.96 -19.74
N GLY E 262 15.49 3.00 -19.45
CA GLY E 262 15.18 1.94 -20.41
C GLY E 262 14.22 0.95 -19.79
N ARG E 263 13.54 0.18 -20.64
CA ARG E 263 12.76 -0.98 -20.19
C ARG E 263 13.30 -2.22 -20.89
N PHE E 264 13.82 -3.11 -20.08
CA PHE E 264 14.33 -4.38 -20.51
C PHE E 264 13.18 -5.35 -20.76
N PHE E 265 13.30 -6.12 -21.83
CA PHE E 265 12.40 -7.24 -22.13
C PHE E 265 13.25 -8.49 -22.41
N ARG E 266 12.89 -9.62 -21.83
CA ARG E 266 13.35 -10.91 -22.29
C ARG E 266 12.10 -11.74 -22.62
N VAL E 267 11.92 -12.05 -23.89
CA VAL E 267 10.72 -12.78 -24.35
C VAL E 267 11.14 -14.21 -24.71
N HIS E 268 10.40 -15.19 -24.21
CA HIS E 268 10.69 -16.59 -24.49
C HIS E 268 9.68 -17.15 -25.47
N PHE E 269 10.18 -17.90 -26.46
CA PHE E 269 9.37 -18.48 -27.51
C PHE E 269 9.48 -20.00 -27.60
N ARG E 270 8.37 -20.60 -27.99
CA ARG E 270 8.32 -21.99 -28.49
C ARG E 270 7.70 -21.92 -29.88
N GLN E 271 7.47 -23.07 -30.52
CA GLN E 271 6.80 -23.08 -31.82
C GLN E 271 5.39 -23.64 -31.70
N ARG E 272 4.50 -23.12 -32.52
CA ARG E 272 3.10 -23.53 -32.49
C ARG E 272 2.69 -23.85 -33.94
N ARG E 273 1.98 -24.96 -34.12
CA ARG E 273 1.43 -25.29 -35.43
C ARG E 273 0.10 -24.54 -35.57
N VAL E 274 -0.09 -23.82 -36.69
CA VAL E 274 -1.34 -23.13 -37.00
C VAL E 274 -1.78 -23.41 -38.44
N LYS E 275 -3.05 -23.09 -38.74
CA LYS E 275 -3.58 -23.21 -40.10
C LYS E 275 -4.28 -21.90 -40.50
N HIS E 276 -3.74 -21.22 -41.52
CA HIS E 276 -4.33 -19.97 -42.05
C HIS E 276 -5.59 -20.24 -42.86
S SCN F . 32.51 -1.43 -0.20
C SCN F . 33.85 -1.88 -0.72
N SCN F . 34.88 -2.26 -1.12
NA NA G . 27.09 18.60 -4.91
S SCN H . 27.62 -11.07 10.48
C SCN H . 28.23 -9.98 11.30
N SCN H . 28.71 -9.12 11.91
S SCN I . 23.31 4.77 -25.07
C SCN I . 22.71 4.56 -26.40
N SCN I . 22.19 4.39 -27.42
S SCN J . -3.31 -10.23 29.77
C SCN J . -3.74 -9.16 30.72
N SCN J . -4.11 -8.29 31.42
S SCN K . 31.06 -0.55 14.08
C SCN K . 32.04 -0.91 13.01
N SCN K . 32.78 -1.19 12.16
NA NA L . 16.06 16.31 23.84
S SCN M . 9.92 -2.76 30.95
C SCN M . 10.86 -3.36 31.95
N SCN M . 11.55 -3.85 32.75
S SCN N . -26.41 2.10 19.47
C SCN N . -27.32 1.73 20.59
N SCN N . -28.04 1.42 21.45
S SCN O . -3.76 0.52 34.07
C SCN O . -2.55 0.00 34.76
N SCN O . -1.61 -0.42 35.31
NA NA P . -14.67 19.52 22.72
NA NA Q . -34.14 -15.62 20.10
S SCN R . -33.00 6.47 7.43
C SCN R . -33.38 5.94 8.77
N SCN R . -33.67 5.54 9.83
S SCN S . -17.06 -2.19 -27.10
C SCN S . -17.02 -0.88 -27.83
N SCN S . -16.93 0.13 -28.39
NA NA T . -22.70 23.74 -6.81
NA NA U . -33.07 -10.43 -25.48
S SCN V . -26.49 6.72 -18.70
C SCN V . -27.87 6.46 -19.23
N SCN V . -28.95 6.24 -19.65
S SCN W . -16.44 9.28 -29.15
C SCN W . -17.91 9.15 -28.95
N SCN W . -19.06 9.05 -28.81
NA NA X . 3.22 23.31 -23.96
S SCN Y . 10.21 4.53 -31.10
C SCN Y . 10.21 4.27 -32.57
N SCN Y . 10.22 4.04 -33.71
#